data_2D9Z
#
_entry.id   2D9Z
#
_entity_poly.entity_id   1
_entity_poly.type   'polypeptide(L)'
_entity_poly.pdbx_seq_one_letter_code
;GSSGSSGMVKEGWMVHYTSRDNLRKRHYWRLDSKCLTLFQNESGSKYYKEIPLSEILRISSPRDFTNISQGSNPHCFEII
TDTMVYFVGENNGDSSHNPVLAATGVGLDVAQSWEKAIRQALMSGPSSG
;
_entity_poly.pdbx_strand_id   A
#
# COMPACT_ATOMS: atom_id res chain seq x y z
N GLY A 1 -20.86 11.23 -4.12
CA GLY A 1 -22.13 10.53 -4.20
C GLY A 1 -22.23 9.66 -5.45
N SER A 2 -21.29 8.74 -5.59
CA SER A 2 -21.28 7.84 -6.75
C SER A 2 -20.65 6.50 -6.37
N SER A 3 -20.99 5.46 -7.14
CA SER A 3 -20.47 4.13 -6.89
C SER A 3 -19.42 3.75 -7.94
N GLY A 4 -18.37 4.55 -8.03
CA GLY A 4 -17.31 4.29 -8.98
C GLY A 4 -16.02 5.00 -8.63
N SER A 5 -15.11 4.27 -7.97
CA SER A 5 -13.83 4.83 -7.56
C SER A 5 -12.77 3.74 -7.44
N SER A 6 -11.52 4.15 -7.30
CA SER A 6 -10.41 3.21 -7.16
C SER A 6 -10.63 2.29 -5.96
N GLY A 7 -10.59 0.99 -6.21
CA GLY A 7 -10.77 0.02 -5.15
C GLY A 7 -11.19 -1.34 -5.66
N MET A 8 -12.07 -1.35 -6.66
CA MET A 8 -12.54 -2.60 -7.24
C MET A 8 -11.39 -3.38 -7.89
N VAL A 9 -10.47 -2.65 -8.50
CA VAL A 9 -9.32 -3.27 -9.15
C VAL A 9 -8.16 -2.28 -9.26
N LYS A 10 -7.14 -2.49 -8.44
CA LYS A 10 -5.96 -1.62 -8.44
C LYS A 10 -4.68 -2.44 -8.37
N GLU A 11 -3.79 -2.23 -9.34
CA GLU A 11 -2.53 -2.95 -9.38
C GLU A 11 -1.37 -2.00 -9.70
N GLY A 12 -0.19 -2.35 -9.20
CA GLY A 12 0.98 -1.52 -9.44
C GLY A 12 2.14 -1.90 -8.56
N TRP A 13 3.32 -1.34 -8.85
CA TRP A 13 4.52 -1.63 -8.08
C TRP A 13 4.60 -0.74 -6.85
N MET A 14 4.68 -1.37 -5.67
CA MET A 14 4.77 -0.63 -4.42
C MET A 14 5.93 -1.12 -3.57
N VAL A 15 6.48 -0.24 -2.75
CA VAL A 15 7.61 -0.58 -1.89
C VAL A 15 7.23 -0.46 -0.42
N HIS A 16 7.61 -1.45 0.37
CA HIS A 16 7.31 -1.46 1.80
C HIS A 16 8.45 -2.09 2.59
N TYR A 17 8.33 -2.08 3.91
CA TYR A 17 9.35 -2.63 4.78
C TYR A 17 8.77 -3.00 6.15
N THR A 18 9.22 -4.11 6.71
CA THR A 18 8.75 -4.56 8.01
C THR A 18 9.63 -4.02 9.13
N SER A 19 9.12 -4.07 10.35
CA SER A 19 9.86 -3.58 11.51
C SER A 19 11.11 -4.41 11.76
N ARG A 20 10.96 -5.73 11.68
CA ARG A 20 12.08 -6.64 11.89
C ARG A 20 13.05 -6.59 10.72
N ASP A 21 12.52 -6.75 9.51
CA ASP A 21 13.34 -6.72 8.30
C ASP A 21 13.16 -5.40 7.56
N ASN A 22 13.89 -4.38 7.99
CA ASN A 22 13.81 -3.06 7.36
C ASN A 22 14.12 -3.15 5.87
N LEU A 23 14.73 -4.25 5.46
CA LEU A 23 15.08 -4.47 4.06
C LEU A 23 13.89 -4.18 3.16
N ARG A 24 13.88 -2.99 2.55
CA ARG A 24 12.81 -2.59 1.66
C ARG A 24 12.56 -3.66 0.59
N LYS A 25 11.30 -3.77 0.16
CA LYS A 25 10.93 -4.74 -0.87
C LYS A 25 9.98 -4.13 -1.89
N ARG A 26 10.27 -4.36 -3.16
CA ARG A 26 9.43 -3.83 -4.24
C ARG A 26 8.73 -4.96 -4.99
N HIS A 27 7.40 -4.94 -4.97
CA HIS A 27 6.61 -5.96 -5.65
C HIS A 27 5.32 -5.37 -6.21
N TYR A 28 4.74 -6.06 -7.18
CA TYR A 28 3.50 -5.59 -7.81
C TYR A 28 2.32 -5.80 -6.87
N TRP A 29 2.02 -4.78 -6.08
CA TRP A 29 0.90 -4.84 -5.13
C TRP A 29 -0.43 -4.80 -5.87
N ARG A 30 -1.34 -5.69 -5.49
CA ARG A 30 -2.65 -5.75 -6.11
C ARG A 30 -3.76 -5.76 -5.05
N LEU A 31 -4.72 -4.86 -5.21
CA LEU A 31 -5.84 -4.77 -4.27
C LEU A 31 -7.17 -4.82 -5.00
N ASP A 32 -8.18 -5.35 -4.32
CA ASP A 32 -9.52 -5.47 -4.90
C ASP A 32 -10.59 -5.46 -3.82
N SER A 33 -11.84 -5.54 -4.24
CA SER A 33 -12.96 -5.53 -3.29
C SER A 33 -13.05 -6.85 -2.54
N LYS A 34 -12.13 -7.76 -2.86
CA LYS A 34 -12.09 -9.07 -2.20
C LYS A 34 -10.99 -9.13 -1.16
N CYS A 35 -9.75 -9.11 -1.61
CA CYS A 35 -8.59 -9.15 -0.72
C CYS A 35 -7.34 -8.63 -1.40
N LEU A 36 -6.37 -8.19 -0.61
CA LEU A 36 -5.13 -7.67 -1.15
C LEU A 36 -4.09 -8.79 -1.33
N THR A 37 -3.40 -8.75 -2.47
CA THR A 37 -2.38 -9.76 -2.77
C THR A 37 -1.11 -9.11 -3.29
N LEU A 38 0.01 -9.83 -3.15
CA LEU A 38 1.30 -9.32 -3.61
C LEU A 38 1.88 -10.22 -4.70
N PHE A 39 2.43 -9.61 -5.73
CA PHE A 39 3.04 -10.36 -6.84
C PHE A 39 4.51 -10.00 -7.00
N GLN A 40 5.37 -10.92 -6.60
CA GLN A 40 6.82 -10.70 -6.71
C GLN A 40 7.18 -10.13 -8.07
N ASN A 41 6.50 -10.60 -9.11
CA ASN A 41 6.75 -10.13 -10.47
C ASN A 41 5.47 -10.18 -11.30
N GLU A 42 5.51 -9.52 -12.46
CA GLU A 42 4.36 -9.49 -13.36
C GLU A 42 4.22 -10.80 -14.11
N SER A 43 5.33 -11.49 -14.32
CA SER A 43 5.34 -12.76 -15.03
C SER A 43 4.11 -13.59 -14.68
N GLY A 44 4.04 -14.03 -13.44
CA GLY A 44 2.90 -14.82 -12.99
C GLY A 44 3.33 -16.03 -12.17
N SER A 45 3.93 -15.77 -11.02
CA SER A 45 4.40 -16.85 -10.14
C SER A 45 3.58 -16.89 -8.87
N LYS A 46 3.62 -18.04 -8.18
CA LYS A 46 2.88 -18.21 -6.94
C LYS A 46 2.83 -16.92 -6.14
N TYR A 47 1.64 -16.56 -5.66
CA TYR A 47 1.47 -15.34 -4.89
C TYR A 47 2.50 -15.26 -3.76
N TYR A 48 2.69 -14.06 -3.22
CA TYR A 48 3.64 -13.85 -2.14
C TYR A 48 2.94 -13.87 -0.79
N LYS A 49 2.06 -12.91 -0.56
CA LYS A 49 1.32 -12.81 0.69
C LYS A 49 -0.07 -12.25 0.46
N GLU A 50 -1.04 -12.76 1.21
CA GLU A 50 -2.42 -12.32 1.09
C GLU A 50 -2.85 -11.51 2.32
N ILE A 51 -3.27 -10.27 2.09
CA ILE A 51 -3.69 -9.40 3.17
C ILE A 51 -5.18 -9.08 3.06
N PRO A 52 -6.01 -9.87 3.75
CA PRO A 52 -7.47 -9.69 3.75
C PRO A 52 -7.89 -8.43 4.49
N LEU A 53 -8.79 -7.66 3.88
CA LEU A 53 -9.28 -6.43 4.49
C LEU A 53 -9.49 -6.60 5.99
N SER A 54 -9.85 -7.82 6.39
CA SER A 54 -10.08 -8.11 7.80
C SER A 54 -8.81 -7.86 8.62
N GLU A 55 -7.72 -8.51 8.22
CA GLU A 55 -6.45 -8.37 8.92
C GLU A 55 -6.15 -6.90 9.20
N ILE A 56 -6.11 -6.10 8.13
CA ILE A 56 -5.82 -4.68 8.25
C ILE A 56 -6.72 -4.04 9.31
N LEU A 57 -6.21 -3.95 10.54
CA LEU A 57 -6.95 -3.34 11.63
C LEU A 57 -7.20 -1.86 11.38
N ARG A 58 -6.12 -1.12 11.15
CA ARG A 58 -6.23 0.31 10.90
C ARG A 58 -4.88 0.88 10.43
N ILE A 59 -4.85 2.19 10.19
CA ILE A 59 -3.63 2.85 9.75
C ILE A 59 -3.01 3.68 10.87
N SER A 60 -1.69 3.63 10.99
CA SER A 60 -0.98 4.37 12.02
C SER A 60 -0.75 5.82 11.58
N SER A 61 -0.26 6.64 12.50
CA SER A 61 -0.01 8.05 12.21
C SER A 61 1.39 8.23 11.59
N PRO A 62 1.53 9.27 10.77
CA PRO A 62 2.80 9.57 10.10
C PRO A 62 3.87 10.08 11.07
N ARG A 63 3.47 10.26 12.33
CA ARG A 63 4.39 10.74 13.35
C ARG A 63 5.78 10.17 13.14
N ASP A 64 5.89 8.85 13.19
CA ASP A 64 7.18 8.18 13.00
C ASP A 64 7.77 8.52 11.63
N PHE A 65 8.78 9.38 11.64
CA PHE A 65 9.45 9.79 10.40
C PHE A 65 10.86 9.23 10.33
N THR A 66 10.98 7.91 10.41
CA THR A 66 12.27 7.24 10.35
C THR A 66 12.15 5.88 9.68
N ASN A 67 12.67 5.78 8.46
CA ASN A 67 12.64 4.53 7.72
C ASN A 67 14.03 3.94 7.56
N ILE A 68 14.93 4.72 6.98
CA ILE A 68 16.30 4.28 6.77
C ILE A 68 17.27 5.03 7.69
N SER A 69 18.53 4.63 7.67
CA SER A 69 19.56 5.25 8.50
C SER A 69 19.55 6.77 8.30
N GLN A 70 19.58 7.19 7.04
CA GLN A 70 19.60 8.61 6.72
C GLN A 70 19.04 8.85 5.31
N GLY A 71 18.21 9.88 5.18
CA GLY A 71 17.62 10.19 3.88
C GLY A 71 16.44 11.13 3.99
N SER A 72 15.83 11.46 2.86
CA SER A 72 14.68 12.36 2.83
C SER A 72 13.50 11.71 2.12
N ASN A 73 13.33 10.41 2.34
CA ASN A 73 12.24 9.67 1.72
C ASN A 73 11.41 8.95 2.76
N PRO A 74 10.62 9.70 3.54
CA PRO A 74 9.76 9.15 4.59
C PRO A 74 8.59 8.36 4.02
N HIS A 75 7.83 7.72 4.91
CA HIS A 75 6.69 6.92 4.49
C HIS A 75 5.41 7.76 4.54
N CYS A 76 4.34 7.23 3.95
CA CYS A 76 3.06 7.93 3.93
C CYS A 76 2.08 7.31 4.92
N PHE A 77 2.02 5.98 4.94
CA PHE A 77 1.12 5.27 5.83
C PHE A 77 1.71 3.91 6.21
N GLU A 78 1.08 3.25 7.18
CA GLU A 78 1.53 1.94 7.63
C GLU A 78 0.36 0.99 7.85
N ILE A 79 0.51 -0.24 7.39
CA ILE A 79 -0.53 -1.24 7.54
C ILE A 79 -0.32 -2.10 8.77
N ILE A 80 -1.10 -1.82 9.82
CA ILE A 80 -0.99 -2.57 11.07
C ILE A 80 -1.85 -3.83 11.03
N THR A 81 -1.23 -4.97 11.29
CA THR A 81 -1.94 -6.25 11.29
C THR A 81 -1.62 -7.06 12.54
N ASP A 82 -2.49 -8.01 12.87
CA ASP A 82 -2.29 -8.86 14.03
C ASP A 82 -0.92 -9.52 13.99
N THR A 83 -0.37 -9.69 12.79
CA THR A 83 0.92 -10.31 12.62
C THR A 83 2.05 -9.35 12.93
N MET A 84 2.21 -8.33 12.09
CA MET A 84 3.25 -7.33 12.27
C MET A 84 2.89 -6.03 11.58
N VAL A 85 3.65 -4.97 11.85
CA VAL A 85 3.41 -3.67 11.25
C VAL A 85 4.17 -3.52 9.94
N TYR A 86 3.47 -3.06 8.91
CA TYR A 86 4.08 -2.88 7.59
C TYR A 86 4.11 -1.40 7.21
N PHE A 87 5.26 -0.94 6.72
CA PHE A 87 5.42 0.45 6.32
C PHE A 87 5.40 0.58 4.80
N VAL A 88 4.34 1.20 4.28
CA VAL A 88 4.20 1.40 2.84
C VAL A 88 4.13 2.88 2.49
N GLY A 89 4.73 3.23 1.36
CA GLY A 89 4.71 4.62 0.92
C GLY A 89 6.11 5.22 0.88
N GLU A 90 6.37 6.03 -0.15
CA GLU A 90 7.68 6.67 -0.31
C GLU A 90 7.53 8.08 -0.85
N ASN A 91 8.03 9.06 -0.11
CA ASN A 91 7.95 10.45 -0.52
C ASN A 91 9.28 10.91 -1.12
N ASN A 92 9.27 11.14 -2.43
CA ASN A 92 10.48 11.59 -3.12
C ASN A 92 10.69 13.09 -2.93
N GLY A 93 9.60 13.83 -2.85
CA GLY A 93 9.68 15.27 -2.67
C GLY A 93 9.05 16.04 -3.81
N ASP A 94 7.74 15.88 -3.98
CA ASP A 94 7.01 16.57 -5.04
C ASP A 94 5.51 16.32 -4.92
N SER A 95 4.75 17.39 -4.75
CA SER A 95 3.30 17.29 -4.62
C SER A 95 2.60 17.82 -5.87
N SER A 96 2.56 16.99 -6.91
CA SER A 96 1.92 17.37 -8.17
C SER A 96 1.59 16.15 -9.00
N HIS A 97 0.52 16.25 -9.78
CA HIS A 97 0.09 15.15 -10.64
C HIS A 97 1.17 14.79 -11.65
N ASN A 98 1.74 13.60 -11.51
CA ASN A 98 2.79 13.14 -12.41
C ASN A 98 2.49 11.73 -12.91
N PRO A 99 1.73 11.65 -14.02
CA PRO A 99 1.36 10.37 -14.63
C PRO A 99 2.55 9.67 -15.28
N VAL A 100 3.73 10.26 -15.14
CA VAL A 100 4.94 9.70 -15.71
C VAL A 100 5.70 8.87 -14.67
N LEU A 101 5.88 9.46 -13.49
CA LEU A 101 6.59 8.77 -12.41
C LEU A 101 5.62 8.04 -11.48
N ALA A 102 4.40 8.56 -11.40
CA ALA A 102 3.38 7.95 -10.56
C ALA A 102 2.88 6.65 -11.16
N ALA A 103 3.23 6.40 -12.41
CA ALA A 103 2.83 5.18 -13.11
C ALA A 103 3.31 3.95 -12.35
N THR A 104 4.59 3.90 -12.05
CA THR A 104 5.17 2.78 -11.33
C THR A 104 4.57 2.63 -9.94
N GLY A 105 4.21 3.76 -9.34
CA GLY A 105 3.62 3.74 -8.01
C GLY A 105 4.50 4.40 -6.97
N VAL A 106 5.53 5.10 -7.43
CA VAL A 106 6.46 5.78 -6.53
C VAL A 106 6.03 7.23 -6.31
N GLY A 107 6.15 7.69 -5.07
CA GLY A 107 5.77 9.06 -4.75
C GLY A 107 4.66 9.13 -3.73
N LEU A 108 4.43 10.32 -3.20
CA LEU A 108 3.37 10.53 -2.19
C LEU A 108 2.01 10.58 -2.86
N ASP A 109 1.93 11.25 -4.00
CA ASP A 109 0.67 11.37 -4.74
C ASP A 109 0.04 10.01 -4.96
N VAL A 110 0.78 9.12 -5.61
CA VAL A 110 0.27 7.78 -5.89
C VAL A 110 -0.08 7.04 -4.59
N ALA A 111 0.77 7.19 -3.58
CA ALA A 111 0.54 6.55 -2.30
C ALA A 111 -0.79 6.98 -1.70
N GLN A 112 -1.03 8.29 -1.68
CA GLN A 112 -2.26 8.84 -1.12
C GLN A 112 -3.47 8.09 -1.67
N SER A 113 -3.42 7.74 -2.94
CA SER A 113 -4.52 7.02 -3.58
C SER A 113 -4.69 5.63 -2.98
N TRP A 114 -3.59 4.88 -2.91
CA TRP A 114 -3.61 3.54 -2.35
C TRP A 114 -4.16 3.54 -0.93
N GLU A 115 -3.52 4.32 -0.06
CA GLU A 115 -3.94 4.41 1.34
C GLU A 115 -5.45 4.64 1.43
N LYS A 116 -5.97 5.52 0.57
CA LYS A 116 -7.39 5.83 0.55
C LYS A 116 -8.21 4.62 0.09
N ALA A 117 -7.65 3.87 -0.86
CA ALA A 117 -8.32 2.69 -1.38
C ALA A 117 -8.37 1.57 -0.35
N ILE A 118 -7.20 1.13 0.10
CA ILE A 118 -7.11 0.07 1.09
C ILE A 118 -7.97 0.38 2.30
N ARG A 119 -8.01 1.66 2.69
CA ARG A 119 -8.80 2.09 3.84
C ARG A 119 -10.27 2.21 3.47
N GLN A 120 -10.53 2.77 2.30
CA GLN A 120 -11.91 2.95 1.83
C GLN A 120 -12.62 1.61 1.67
N ALA A 121 -11.83 0.57 1.38
CA ALA A 121 -12.38 -0.77 1.21
C ALA A 121 -12.80 -1.36 2.55
N LEU A 122 -12.15 -0.93 3.61
CA LEU A 122 -12.46 -1.41 4.96
C LEU A 122 -13.91 -1.13 5.32
N MET A 123 -14.35 0.10 5.05
CA MET A 123 -15.72 0.50 5.35
C MET A 123 -16.67 0.05 4.25
N SER A 124 -16.21 0.16 3.01
CA SER A 124 -17.03 -0.23 1.85
C SER A 124 -17.82 -1.50 2.17
N GLY A 125 -17.12 -2.54 2.59
CA GLY A 125 -17.76 -3.80 2.90
C GLY A 125 -18.60 -3.72 4.17
N PRO A 126 -19.63 -4.58 4.26
CA PRO A 126 -20.52 -4.62 5.43
C PRO A 126 -19.82 -5.15 6.68
N SER A 127 -20.07 -4.51 7.81
CA SER A 127 -19.47 -4.92 9.07
C SER A 127 -20.44 -5.77 9.89
N SER A 128 -19.90 -6.54 10.82
CA SER A 128 -20.71 -7.40 11.66
C SER A 128 -21.73 -6.59 12.46
N GLY A 129 -23.00 -6.97 12.34
CA GLY A 129 -24.05 -6.26 13.05
C GLY A 129 -25.23 -7.15 13.37
N GLY A 1 -18.53 -0.29 -10.85
CA GLY A 1 -19.39 -0.47 -12.01
C GLY A 1 -20.49 0.57 -12.08
N SER A 2 -21.47 0.34 -12.94
CA SER A 2 -22.58 1.27 -13.11
C SER A 2 -23.88 0.67 -12.57
N SER A 3 -23.85 -0.64 -12.31
CA SER A 3 -25.03 -1.34 -11.80
C SER A 3 -24.76 -1.88 -10.40
N GLY A 4 -23.63 -2.56 -10.24
CA GLY A 4 -23.28 -3.13 -8.94
C GLY A 4 -22.34 -4.31 -9.06
N SER A 5 -21.12 -4.07 -9.53
CA SER A 5 -20.14 -5.13 -9.69
C SER A 5 -18.75 -4.55 -9.89
N SER A 6 -17.87 -4.77 -8.92
CA SER A 6 -16.51 -4.27 -8.98
C SER A 6 -15.52 -5.31 -8.47
N GLY A 7 -14.47 -5.57 -9.26
CA GLY A 7 -13.47 -6.54 -8.87
C GLY A 7 -12.11 -5.91 -8.62
N MET A 8 -11.49 -5.41 -9.68
CA MET A 8 -10.17 -4.78 -9.56
C MET A 8 -10.31 -3.35 -9.02
N VAL A 9 -9.59 -3.08 -7.94
CA VAL A 9 -9.62 -1.77 -7.31
C VAL A 9 -8.39 -0.95 -7.68
N LYS A 10 -7.22 -1.50 -7.39
CA LYS A 10 -5.95 -0.84 -7.70
C LYS A 10 -4.83 -1.84 -7.87
N GLU A 11 -3.78 -1.44 -8.58
CA GLU A 11 -2.63 -2.31 -8.82
C GLU A 11 -1.41 -1.51 -9.25
N GLY A 12 -0.23 -2.11 -9.09
CA GLY A 12 0.99 -1.43 -9.47
C GLY A 12 2.16 -1.82 -8.58
N TRP A 13 3.37 -1.48 -9.01
CA TRP A 13 4.57 -1.80 -8.25
C TRP A 13 4.72 -0.86 -7.05
N MET A 14 4.78 -1.44 -5.86
CA MET A 14 4.93 -0.65 -4.63
C MET A 14 5.99 -1.26 -3.73
N VAL A 15 6.53 -0.43 -2.83
CA VAL A 15 7.55 -0.89 -1.90
C VAL A 15 7.09 -0.74 -0.45
N HIS A 16 7.41 -1.73 0.37
CA HIS A 16 7.03 -1.71 1.78
C HIS A 16 8.11 -2.33 2.64
N TYR A 17 8.11 -2.00 3.94
CA TYR A 17 9.09 -2.53 4.87
C TYR A 17 8.46 -2.79 6.23
N THR A 18 9.01 -3.77 6.94
CA THR A 18 8.51 -4.13 8.26
C THR A 18 9.32 -3.46 9.37
N SER A 19 8.88 -3.64 10.61
CA SER A 19 9.56 -3.04 11.76
C SER A 19 10.81 -3.85 12.12
N ARG A 20 10.62 -5.15 12.34
CA ARG A 20 11.72 -6.03 12.71
C ARG A 20 12.76 -6.09 11.58
N ASP A 21 12.29 -6.37 10.38
CA ASP A 21 13.19 -6.46 9.22
C ASP A 21 12.96 -5.28 8.27
N ASN A 22 13.83 -4.28 8.36
CA ASN A 22 13.73 -3.10 7.52
C ASN A 22 14.27 -3.38 6.12
N LEU A 23 13.87 -4.52 5.56
CA LEU A 23 14.32 -4.91 4.22
C LEU A 23 13.25 -4.57 3.18
N ARG A 24 13.14 -3.30 2.83
CA ARG A 24 12.17 -2.86 1.84
C ARG A 24 12.00 -3.89 0.74
N LYS A 25 10.75 -4.17 0.38
CA LYS A 25 10.46 -5.14 -0.67
C LYS A 25 9.62 -4.51 -1.78
N ARG A 26 10.07 -4.68 -3.02
CA ARG A 26 9.35 -4.13 -4.16
C ARG A 26 8.64 -5.23 -4.95
N HIS A 27 7.31 -5.19 -4.93
CA HIS A 27 6.51 -6.19 -5.63
C HIS A 27 5.27 -5.55 -6.23
N TYR A 28 4.64 -6.26 -7.17
CA TYR A 28 3.43 -5.75 -7.82
C TYR A 28 2.23 -5.83 -6.89
N TRP A 29 2.03 -4.77 -6.11
CA TRP A 29 0.92 -4.71 -5.17
C TRP A 29 -0.42 -4.67 -5.91
N ARG A 30 -1.31 -5.59 -5.56
CA ARG A 30 -2.63 -5.65 -6.20
C ARG A 30 -3.73 -5.70 -5.15
N LEU A 31 -4.72 -4.82 -5.30
CA LEU A 31 -5.83 -4.76 -4.37
C LEU A 31 -7.16 -4.93 -5.09
N ASP A 32 -8.09 -5.62 -4.45
CA ASP A 32 -9.41 -5.85 -5.04
C ASP A 32 -10.50 -5.76 -3.97
N SER A 33 -11.76 -5.91 -4.40
CA SER A 33 -12.89 -5.85 -3.48
C SER A 33 -12.89 -7.04 -2.55
N LYS A 34 -11.98 -7.98 -2.79
CA LYS A 34 -11.88 -9.18 -1.96
C LYS A 34 -10.77 -9.03 -0.92
N CYS A 35 -9.53 -9.03 -1.38
CA CYS A 35 -8.39 -8.89 -0.49
C CYS A 35 -7.15 -8.41 -1.25
N LEU A 36 -6.20 -7.86 -0.52
CA LEU A 36 -4.97 -7.34 -1.12
C LEU A 36 -3.95 -8.47 -1.30
N THR A 37 -3.60 -8.75 -2.56
CA THR A 37 -2.64 -9.80 -2.86
C THR A 37 -1.35 -9.20 -3.42
N LEU A 38 -0.26 -9.95 -3.29
CA LEU A 38 1.04 -9.50 -3.78
C LEU A 38 1.57 -10.43 -4.87
N PHE A 39 2.40 -9.89 -5.76
CA PHE A 39 2.97 -10.68 -6.84
C PHE A 39 4.44 -10.32 -7.05
N GLN A 40 5.31 -11.28 -6.74
CA GLN A 40 6.75 -11.06 -6.89
C GLN A 40 7.05 -10.18 -8.10
N ASN A 41 6.45 -10.53 -9.24
CA ASN A 41 6.66 -9.78 -10.46
C ASN A 41 5.33 -9.51 -11.16
N GLU A 42 5.38 -8.74 -12.25
CA GLU A 42 4.18 -8.41 -13.02
C GLU A 42 3.53 -9.67 -13.57
N SER A 43 4.31 -10.74 -13.67
CA SER A 43 3.81 -12.01 -14.19
C SER A 43 4.16 -13.16 -13.26
N GLY A 44 3.14 -13.78 -12.68
CA GLY A 44 3.37 -14.89 -11.78
C GLY A 44 2.14 -15.76 -11.62
N SER A 45 2.22 -17.00 -12.08
CA SER A 45 1.11 -17.93 -11.99
C SER A 45 0.69 -18.15 -10.53
N LYS A 46 1.68 -18.17 -9.64
CA LYS A 46 1.43 -18.36 -8.22
C LYS A 46 1.45 -17.03 -7.48
N TYR A 47 0.63 -16.93 -6.43
CA TYR A 47 0.57 -15.71 -5.64
C TYR A 47 1.74 -15.61 -4.68
N TYR A 48 2.00 -14.41 -4.18
CA TYR A 48 3.10 -14.18 -3.25
C TYR A 48 2.60 -14.14 -1.81
N LYS A 49 1.70 -13.21 -1.53
CA LYS A 49 1.14 -13.06 -0.19
C LYS A 49 -0.35 -12.73 -0.26
N GLU A 50 -1.04 -12.91 0.87
CA GLU A 50 -2.47 -12.63 0.93
C GLU A 50 -2.80 -11.78 2.16
N ILE A 51 -3.29 -10.57 1.92
CA ILE A 51 -3.65 -9.67 3.00
C ILE A 51 -5.13 -9.30 2.95
N PRO A 52 -5.95 -10.07 3.67
CA PRO A 52 -7.40 -9.84 3.72
C PRO A 52 -7.76 -8.57 4.48
N LEU A 53 -8.66 -7.77 3.90
CA LEU A 53 -9.09 -6.53 4.53
C LEU A 53 -9.23 -6.69 6.03
N SER A 54 -9.49 -7.93 6.47
CA SER A 54 -9.65 -8.22 7.88
C SER A 54 -8.33 -8.07 8.63
N GLU A 55 -7.28 -8.68 8.08
CA GLU A 55 -5.96 -8.61 8.69
C GLU A 55 -5.61 -7.18 9.08
N ILE A 56 -5.72 -6.27 8.12
CA ILE A 56 -5.41 -4.87 8.37
C ILE A 56 -6.34 -4.28 9.42
N LEU A 57 -5.78 -3.90 10.56
CA LEU A 57 -6.57 -3.33 11.66
C LEU A 57 -6.91 -1.88 11.36
N ARG A 58 -5.89 -1.06 11.13
CA ARG A 58 -6.08 0.36 10.84
C ARG A 58 -4.76 1.02 10.48
N ILE A 59 -4.83 2.20 9.87
CA ILE A 59 -3.65 2.94 9.48
C ILE A 59 -3.27 3.97 10.53
N SER A 60 -2.00 3.96 10.95
CA SER A 60 -1.51 4.88 11.95
C SER A 60 -1.33 6.28 11.37
N SER A 61 -1.38 7.28 12.23
CA SER A 61 -1.23 8.67 11.80
C SER A 61 0.19 8.92 11.28
N PRO A 62 0.34 9.94 10.43
CA PRO A 62 1.63 10.30 9.84
C PRO A 62 2.59 10.90 10.87
N ARG A 63 3.64 11.55 10.39
CA ARG A 63 4.63 12.17 11.27
C ARG A 63 5.30 11.12 12.16
N ASP A 64 5.45 9.91 11.62
CA ASP A 64 6.07 8.82 12.36
C ASP A 64 7.32 8.32 11.65
N PHE A 65 8.05 9.24 11.02
CA PHE A 65 9.27 8.89 10.30
C PHE A 65 10.44 8.71 11.26
N THR A 66 10.34 7.69 12.11
CA THR A 66 11.39 7.41 13.08
C THR A 66 12.19 6.17 12.68
N ASN A 67 11.48 5.15 12.20
CA ASN A 67 12.12 3.91 11.77
C ASN A 67 12.32 3.87 10.26
N ILE A 68 12.71 5.01 9.70
CA ILE A 68 12.93 5.11 8.26
C ILE A 68 14.42 5.03 7.93
N SER A 69 15.25 4.97 8.96
CA SER A 69 16.70 4.89 8.78
C SER A 69 17.04 3.93 7.65
N GLN A 70 18.17 4.19 6.99
CA GLN A 70 18.63 3.34 5.89
C GLN A 70 17.61 3.35 4.74
N GLY A 71 17.00 4.51 4.50
CA GLY A 71 16.02 4.62 3.44
C GLY A 71 16.14 5.92 2.67
N SER A 72 15.85 5.87 1.38
CA SER A 72 15.94 7.05 0.53
C SER A 72 14.58 7.73 0.39
N ASN A 73 13.56 6.94 0.04
CA ASN A 73 12.21 7.46 -0.13
C ASN A 73 11.40 7.28 1.15
N PRO A 74 10.70 8.35 1.56
CA PRO A 74 9.88 8.35 2.77
C PRO A 74 8.63 7.48 2.62
N HIS A 75 7.74 7.54 3.60
CA HIS A 75 6.51 6.77 3.57
C HIS A 75 5.29 7.67 3.73
N CYS A 76 4.14 7.17 3.31
CA CYS A 76 2.90 7.94 3.41
C CYS A 76 2.11 7.54 4.65
N PHE A 77 2.02 6.23 4.90
CA PHE A 77 1.29 5.72 6.05
C PHE A 77 1.86 4.38 6.50
N GLU A 78 1.24 3.79 7.51
CA GLU A 78 1.70 2.50 8.05
C GLU A 78 0.52 1.55 8.23
N ILE A 79 0.67 0.33 7.71
CA ILE A 79 -0.37 -0.67 7.81
C ILE A 79 -0.14 -1.59 9.00
N ILE A 80 -0.85 -1.33 10.10
CA ILE A 80 -0.72 -2.13 11.31
C ILE A 80 -1.60 -3.38 11.24
N THR A 81 -1.00 -4.47 10.76
CA THR A 81 -1.73 -5.73 10.63
C THR A 81 -1.42 -6.65 11.81
N ASP A 82 -2.45 -7.32 12.31
CA ASP A 82 -2.28 -8.24 13.43
C ASP A 82 -0.94 -8.95 13.38
N THR A 83 -0.68 -9.60 12.24
CA THR A 83 0.58 -10.32 12.06
C THR A 83 1.77 -9.45 12.42
N MET A 84 1.95 -8.36 11.69
CA MET A 84 3.06 -7.43 11.95
C MET A 84 2.75 -6.05 11.37
N VAL A 85 3.58 -5.08 11.71
CA VAL A 85 3.41 -3.71 11.22
C VAL A 85 4.17 -3.50 9.92
N TYR A 86 3.48 -2.95 8.93
CA TYR A 86 4.09 -2.68 7.63
C TYR A 86 4.16 -1.19 7.36
N PHE A 87 5.05 -0.80 6.45
CA PHE A 87 5.21 0.61 6.08
C PHE A 87 5.28 0.78 4.57
N VAL A 88 4.19 1.28 4.00
CA VAL A 88 4.10 1.49 2.56
C VAL A 88 4.26 2.97 2.21
N GLY A 89 4.83 3.25 1.05
CA GLY A 89 5.03 4.62 0.62
C GLY A 89 6.45 4.89 0.19
N GLU A 90 6.61 5.52 -0.98
CA GLU A 90 7.92 5.83 -1.51
C GLU A 90 7.89 7.12 -2.31
N ASN A 91 8.60 8.13 -1.82
CA ASN A 91 8.65 9.43 -2.48
C ASN A 91 10.04 9.69 -3.07
N ASN A 92 10.09 10.04 -4.35
CA ASN A 92 11.36 10.31 -5.02
C ASN A 92 11.47 11.79 -5.38
N GLY A 93 10.46 12.31 -6.06
CA GLY A 93 10.47 13.71 -6.45
C GLY A 93 9.49 14.54 -5.65
N ASP A 94 9.66 14.53 -4.32
CA ASP A 94 8.78 15.29 -3.44
C ASP A 94 8.84 16.77 -3.76
N SER A 95 7.93 17.55 -3.18
CA SER A 95 7.88 18.99 -3.41
C SER A 95 8.01 19.30 -4.89
N SER A 96 7.28 18.55 -5.73
CA SER A 96 7.32 18.75 -7.16
C SER A 96 6.07 18.17 -7.82
N HIS A 97 5.26 19.04 -8.41
CA HIS A 97 4.03 18.61 -9.08
C HIS A 97 4.35 17.73 -10.28
N ASN A 98 4.46 16.42 -10.05
CA ASN A 98 4.76 15.49 -11.12
C ASN A 98 3.81 14.29 -11.08
N PRO A 99 2.61 14.46 -11.65
CA PRO A 99 1.60 13.41 -11.69
C PRO A 99 1.99 12.26 -12.62
N VAL A 100 3.15 12.38 -13.25
CA VAL A 100 3.63 11.35 -14.16
C VAL A 100 4.32 10.22 -13.39
N LEU A 101 4.91 10.56 -12.25
CA LEU A 101 5.60 9.58 -11.43
C LEU A 101 4.60 8.60 -10.80
N ALA A 102 3.35 9.01 -10.72
CA ALA A 102 2.30 8.17 -10.16
C ALA A 102 1.92 7.05 -11.11
N ALA A 103 1.65 7.40 -12.36
CA ALA A 103 1.28 6.43 -13.37
C ALA A 103 2.10 5.16 -13.23
N THR A 104 3.42 5.31 -13.17
CA THR A 104 4.33 4.18 -13.03
C THR A 104 4.11 3.44 -11.72
N GLY A 105 4.06 4.22 -10.63
CA GLY A 105 3.85 3.62 -9.32
C GLY A 105 4.88 4.10 -8.30
N VAL A 106 5.39 5.31 -8.49
CA VAL A 106 6.38 5.87 -7.59
C VAL A 106 6.01 7.29 -7.19
N GLY A 107 6.33 7.65 -5.95
CA GLY A 107 6.02 8.98 -5.45
C GLY A 107 5.09 8.96 -4.26
N LEU A 108 4.75 10.13 -3.75
CA LEU A 108 3.85 10.24 -2.61
C LEU A 108 2.40 10.32 -3.05
N ASP A 109 2.15 11.11 -4.10
CA ASP A 109 0.81 11.27 -4.62
C ASP A 109 0.16 9.91 -4.91
N VAL A 110 0.92 9.03 -5.54
CA VAL A 110 0.43 7.69 -5.85
C VAL A 110 -0.04 6.96 -4.60
N ALA A 111 0.75 7.07 -3.54
CA ALA A 111 0.41 6.41 -2.27
C ALA A 111 -0.87 6.98 -1.69
N GLN A 112 -0.97 8.31 -1.66
CA GLN A 112 -2.15 8.98 -1.12
C GLN A 112 -3.42 8.26 -1.56
N SER A 113 -3.42 7.76 -2.79
CA SER A 113 -4.57 7.05 -3.34
C SER A 113 -4.68 5.64 -2.76
N TRP A 114 -3.53 5.01 -2.55
CA TRP A 114 -3.49 3.66 -2.00
C TRP A 114 -3.97 3.64 -0.55
N GLU A 115 -3.52 4.63 0.22
CA GLU A 115 -3.90 4.72 1.62
C GLU A 115 -5.40 4.92 1.76
N LYS A 116 -5.96 5.82 0.96
CA LYS A 116 -7.39 6.11 0.99
C LYS A 116 -8.19 4.91 0.50
N ALA A 117 -7.69 4.24 -0.53
CA ALA A 117 -8.36 3.07 -1.08
C ALA A 117 -8.27 1.88 -0.13
N ILE A 118 -7.07 1.36 0.06
CA ILE A 118 -6.85 0.23 0.94
C ILE A 118 -7.70 0.35 2.21
N ARG A 119 -7.86 1.58 2.69
CA ARG A 119 -8.63 1.84 3.89
C ARG A 119 -10.13 1.80 3.60
N GLN A 120 -10.55 2.58 2.62
CA GLN A 120 -11.95 2.63 2.22
C GLN A 120 -12.50 1.24 1.97
N ALA A 121 -11.76 0.44 1.19
CA ALA A 121 -12.17 -0.92 0.87
C ALA A 121 -12.56 -1.68 2.13
N LEU A 122 -11.88 -1.38 3.23
CA LEU A 122 -12.16 -2.05 4.50
C LEU A 122 -13.64 -2.00 4.83
N MET A 123 -14.23 -0.82 4.68
CA MET A 123 -15.66 -0.64 4.95
C MET A 123 -16.49 -1.67 4.20
N SER A 124 -16.34 -1.70 2.88
CA SER A 124 -17.08 -2.63 2.04
C SER A 124 -16.84 -4.07 2.48
N GLY A 125 -17.74 -4.59 3.30
CA GLY A 125 -17.62 -5.95 3.79
C GLY A 125 -18.89 -6.75 3.59
N PRO A 126 -19.86 -6.56 4.50
CA PRO A 126 -21.15 -7.27 4.45
C PRO A 126 -22.00 -6.81 3.28
N SER A 127 -21.62 -5.71 2.64
CA SER A 127 -22.35 -5.17 1.51
C SER A 127 -22.05 -5.96 0.24
N SER A 128 -23.08 -6.58 -0.33
CA SER A 128 -22.94 -7.37 -1.54
C SER A 128 -24.01 -7.01 -2.56
N GLY A 129 -23.75 -7.35 -3.82
CA GLY A 129 -24.71 -7.05 -4.87
C GLY A 129 -25.45 -5.75 -4.64
N GLY A 1 -19.50 12.01 -10.13
CA GLY A 1 -19.71 13.34 -10.69
C GLY A 1 -18.41 14.09 -10.87
N SER A 2 -17.70 14.33 -9.78
CA SER A 2 -16.44 15.06 -9.83
C SER A 2 -15.28 14.17 -9.36
N SER A 3 -15.43 13.59 -8.18
CA SER A 3 -14.40 12.72 -7.61
C SER A 3 -14.71 11.26 -7.91
N GLY A 4 -13.67 10.51 -8.26
CA GLY A 4 -13.84 9.11 -8.58
C GLY A 4 -14.31 8.30 -7.38
N SER A 5 -13.46 8.23 -6.36
CA SER A 5 -13.79 7.48 -5.15
C SER A 5 -14.38 6.12 -5.49
N SER A 6 -13.83 5.50 -6.54
CA SER A 6 -14.31 4.18 -6.97
C SER A 6 -13.14 3.31 -7.42
N GLY A 7 -13.25 2.01 -7.19
CA GLY A 7 -12.21 1.09 -7.59
C GLY A 7 -12.56 -0.35 -7.28
N MET A 8 -12.33 -1.24 -8.25
CA MET A 8 -12.63 -2.65 -8.08
C MET A 8 -11.40 -3.50 -8.34
N VAL A 9 -10.53 -3.02 -9.22
CA VAL A 9 -9.30 -3.74 -9.56
C VAL A 9 -8.13 -2.77 -9.72
N LYS A 10 -7.22 -2.81 -8.75
CA LYS A 10 -6.05 -1.94 -8.78
C LYS A 10 -4.77 -2.76 -8.68
N GLU A 11 -3.68 -2.23 -9.26
CA GLU A 11 -2.40 -2.92 -9.24
C GLU A 11 -1.26 -1.94 -9.52
N GLY A 12 -0.05 -2.31 -9.12
CA GLY A 12 1.10 -1.47 -9.33
C GLY A 12 2.28 -1.86 -8.46
N TRP A 13 3.46 -1.37 -8.81
CA TRP A 13 4.67 -1.66 -8.04
C TRP A 13 4.83 -0.71 -6.87
N MET A 14 4.84 -1.26 -5.66
CA MET A 14 4.98 -0.45 -4.46
C MET A 14 6.07 -1.02 -3.56
N VAL A 15 6.61 -0.17 -2.68
CA VAL A 15 7.66 -0.58 -1.76
C VAL A 15 7.18 -0.52 -0.31
N HIS A 16 7.63 -1.46 0.50
CA HIS A 16 7.26 -1.50 1.91
C HIS A 16 8.33 -2.19 2.74
N TYR A 17 8.25 -2.02 4.05
CA TYR A 17 9.23 -2.63 4.97
C TYR A 17 8.58 -3.00 6.29
N THR A 18 9.37 -3.57 7.19
CA THR A 18 8.87 -3.98 8.50
C THR A 18 9.72 -3.38 9.62
N SER A 19 9.31 -3.64 10.86
CA SER A 19 10.03 -3.13 12.01
C SER A 19 11.31 -3.93 12.26
N ARG A 20 11.21 -5.25 12.12
CA ARG A 20 12.35 -6.13 12.33
C ARG A 20 13.34 -6.01 11.17
N ASP A 21 12.83 -6.08 9.95
CA ASP A 21 13.66 -5.98 8.76
C ASP A 21 13.33 -4.72 7.97
N ASN A 22 14.23 -3.75 8.01
CA ASN A 22 14.04 -2.49 7.29
C ASN A 22 14.20 -2.69 5.79
N LEU A 23 14.94 -3.73 5.41
CA LEU A 23 15.18 -4.03 4.00
C LEU A 23 13.90 -3.88 3.19
N ARG A 24 13.69 -2.69 2.64
CA ARG A 24 12.50 -2.42 1.84
C ARG A 24 12.39 -3.41 0.68
N LYS A 25 11.16 -3.76 0.33
CA LYS A 25 10.92 -4.70 -0.77
C LYS A 25 9.89 -4.14 -1.75
N ARG A 26 10.17 -4.27 -3.03
CA ARG A 26 9.27 -3.78 -4.07
C ARG A 26 8.61 -4.94 -4.80
N HIS A 27 7.28 -4.96 -4.80
CA HIS A 27 6.52 -6.01 -5.48
C HIS A 27 5.29 -5.44 -6.15
N TYR A 28 4.69 -6.23 -7.05
CA TYR A 28 3.50 -5.79 -7.77
C TYR A 28 2.26 -5.91 -6.88
N TRP A 29 2.04 -4.90 -6.05
CA TRP A 29 0.89 -4.90 -5.15
C TRP A 29 -0.42 -4.83 -5.94
N ARG A 30 -1.35 -5.71 -5.61
CA ARG A 30 -2.64 -5.75 -6.28
C ARG A 30 -3.79 -5.66 -5.28
N LEU A 31 -4.70 -4.73 -5.51
CA LEU A 31 -5.85 -4.55 -4.63
C LEU A 31 -7.16 -4.82 -5.37
N ASP A 32 -8.21 -5.13 -4.60
CA ASP A 32 -9.51 -5.41 -5.19
C ASP A 32 -10.60 -5.36 -4.12
N SER A 33 -11.85 -5.57 -4.54
CA SER A 33 -12.98 -5.55 -3.62
C SER A 33 -13.03 -6.82 -2.80
N LYS A 34 -12.02 -7.67 -2.95
CA LYS A 34 -11.94 -8.93 -2.21
C LYS A 34 -10.86 -8.87 -1.15
N CYS A 35 -9.61 -8.80 -1.59
CA CYS A 35 -8.48 -8.74 -0.66
C CYS A 35 -7.24 -8.17 -1.37
N LEU A 36 -6.30 -7.68 -0.57
CA LEU A 36 -5.07 -7.10 -1.10
C LEU A 36 -3.98 -8.16 -1.21
N THR A 37 -3.72 -8.62 -2.43
CA THR A 37 -2.70 -9.63 -2.68
C THR A 37 -1.48 -9.02 -3.33
N LEU A 38 -0.32 -9.64 -3.12
CA LEU A 38 0.93 -9.16 -3.69
C LEU A 38 1.44 -10.11 -4.78
N PHE A 39 2.00 -9.54 -5.84
CA PHE A 39 2.53 -10.34 -6.94
C PHE A 39 3.99 -10.03 -7.18
N GLN A 40 4.84 -11.04 -7.01
CA GLN A 40 6.28 -10.88 -7.21
C GLN A 40 6.56 -10.13 -8.50
N ASN A 41 5.93 -10.55 -9.58
CA ASN A 41 6.11 -9.91 -10.89
C ASN A 41 4.77 -9.66 -11.56
N GLU A 42 4.79 -8.83 -12.60
CA GLU A 42 3.57 -8.50 -13.34
C GLU A 42 2.88 -9.77 -13.83
N SER A 43 3.62 -10.58 -14.58
CA SER A 43 3.08 -11.82 -15.12
C SER A 43 3.41 -13.00 -14.21
N GLY A 44 2.59 -13.21 -13.19
CA GLY A 44 2.81 -14.30 -12.27
C GLY A 44 1.54 -14.77 -11.60
N SER A 45 0.78 -15.62 -12.29
CA SER A 45 -0.47 -16.14 -11.77
C SER A 45 -0.35 -16.45 -10.27
N LYS A 46 0.83 -16.88 -9.87
CA LYS A 46 1.08 -17.22 -8.46
C LYS A 46 1.01 -15.98 -7.59
N TYR A 47 0.81 -16.18 -6.29
CA TYR A 47 0.71 -15.08 -5.35
C TYR A 47 1.88 -15.10 -4.36
N TYR A 48 2.12 -13.98 -3.71
CA TYR A 48 3.20 -13.87 -2.74
C TYR A 48 2.65 -13.80 -1.32
N LYS A 49 1.70 -12.90 -1.10
CA LYS A 49 1.09 -12.72 0.21
C LYS A 49 -0.32 -12.15 0.08
N GLU A 50 -1.28 -12.81 0.74
CA GLU A 50 -2.67 -12.36 0.71
C GLU A 50 -3.01 -11.56 1.95
N ILE A 51 -3.49 -10.33 1.74
CA ILE A 51 -3.86 -9.45 2.84
C ILE A 51 -5.36 -9.14 2.81
N PRO A 52 -6.14 -9.95 3.55
CA PRO A 52 -7.60 -9.77 3.63
C PRO A 52 -7.99 -8.53 4.40
N LEU A 53 -8.86 -7.71 3.82
CA LEU A 53 -9.32 -6.49 4.45
C LEU A 53 -9.57 -6.71 5.94
N SER A 54 -10.04 -7.91 6.29
CA SER A 54 -10.33 -8.25 7.68
C SER A 54 -9.07 -8.18 8.52
N GLU A 55 -7.99 -8.80 8.03
CA GLU A 55 -6.72 -8.80 8.74
C GLU A 55 -6.34 -7.40 9.22
N ILE A 56 -6.23 -6.48 8.26
CA ILE A 56 -5.88 -5.10 8.59
C ILE A 56 -6.76 -4.55 9.72
N LEU A 57 -6.11 -3.99 10.73
CA LEU A 57 -6.83 -3.44 11.87
C LEU A 57 -7.03 -1.94 11.72
N ARG A 58 -5.93 -1.20 11.57
CA ARG A 58 -5.98 0.24 11.42
C ARG A 58 -4.65 0.77 10.87
N ILE A 59 -4.57 2.10 10.75
CA ILE A 59 -3.36 2.73 10.24
C ILE A 59 -2.63 3.51 11.35
N SER A 60 -1.31 3.60 11.24
CA SER A 60 -0.51 4.30 12.23
C SER A 60 -0.20 5.72 11.76
N SER A 61 -0.05 6.63 12.71
CA SER A 61 0.24 8.03 12.40
C SER A 61 1.69 8.19 11.94
N PRO A 62 1.94 9.22 11.13
CA PRO A 62 3.28 9.52 10.60
C PRO A 62 4.23 10.01 11.68
N ARG A 63 3.68 10.28 12.87
CA ARG A 63 4.48 10.77 13.99
C ARG A 63 5.79 9.99 14.09
N ASP A 64 5.70 8.67 14.18
CA ASP A 64 6.87 7.82 14.28
C ASP A 64 7.79 8.01 13.07
N PHE A 65 9.01 8.45 13.33
CA PHE A 65 9.98 8.67 12.26
C PHE A 65 11.34 8.07 12.63
N THR A 66 11.38 7.34 13.73
CA THR A 66 12.61 6.72 14.20
C THR A 66 12.81 5.35 13.56
N ASN A 67 11.74 4.79 13.01
CA ASN A 67 11.79 3.48 12.37
C ASN A 67 12.56 3.55 11.06
N ILE A 68 12.63 4.75 10.47
CA ILE A 68 13.33 4.95 9.22
C ILE A 68 14.66 5.67 9.44
N SER A 69 15.44 5.79 8.38
CA SER A 69 16.73 6.46 8.45
C SER A 69 16.65 7.88 7.92
N GLN A 70 17.53 8.75 8.42
CA GLN A 70 17.55 10.14 8.00
C GLN A 70 17.74 10.25 6.50
N GLY A 71 17.28 11.36 5.92
CA GLY A 71 17.41 11.57 4.49
C GLY A 71 17.19 10.29 3.69
N SER A 72 15.96 9.80 3.70
CA SER A 72 15.63 8.57 2.99
C SER A 72 14.14 8.51 2.66
N ASN A 73 13.82 8.22 1.40
CA ASN A 73 12.43 8.15 0.97
C ASN A 73 11.54 7.62 2.09
N PRO A 74 10.90 8.55 2.81
CA PRO A 74 10.00 8.20 3.92
C PRO A 74 8.71 7.55 3.44
N HIS A 75 7.80 7.30 4.37
CA HIS A 75 6.52 6.68 4.05
C HIS A 75 5.37 7.65 4.28
N CYS A 76 4.15 7.18 4.05
CA CYS A 76 2.96 8.00 4.23
C CYS A 76 1.98 7.34 5.18
N PHE A 77 1.90 6.01 5.12
CA PHE A 77 0.99 5.26 5.97
C PHE A 77 1.60 3.90 6.34
N GLU A 78 1.06 3.28 7.39
CA GLU A 78 1.55 1.98 7.83
C GLU A 78 0.39 1.03 8.10
N ILE A 79 0.49 -0.19 7.57
CA ILE A 79 -0.54 -1.19 7.76
C ILE A 79 -0.26 -2.07 8.96
N ILE A 80 -1.05 -1.90 10.02
CA ILE A 80 -0.89 -2.68 11.23
C ILE A 80 -1.68 -3.99 11.17
N THR A 81 -0.98 -5.10 11.33
CA THR A 81 -1.62 -6.41 11.28
C THR A 81 -1.32 -7.21 12.54
N ASP A 82 -2.33 -7.90 13.06
CA ASP A 82 -2.17 -8.71 14.26
C ASP A 82 -0.80 -9.37 14.30
N THR A 83 -0.26 -9.66 13.12
CA THR A 83 1.05 -10.29 13.00
C THR A 83 2.17 -9.30 13.27
N MET A 84 2.38 -8.38 12.33
CA MET A 84 3.43 -7.38 12.46
C MET A 84 2.99 -6.06 11.81
N VAL A 85 3.77 -5.01 12.05
CA VAL A 85 3.47 -3.69 11.49
C VAL A 85 4.17 -3.50 10.15
N TYR A 86 3.41 -3.10 9.13
CA TYR A 86 3.96 -2.88 7.80
C TYR A 86 4.03 -1.39 7.50
N PHE A 87 5.07 -1.00 6.75
CA PHE A 87 5.26 0.40 6.39
C PHE A 87 5.26 0.57 4.87
N VAL A 88 4.22 1.22 4.36
CA VAL A 88 4.10 1.44 2.92
C VAL A 88 4.14 2.93 2.60
N GLY A 89 4.82 3.27 1.50
CA GLY A 89 4.93 4.67 1.10
C GLY A 89 6.31 5.00 0.57
N GLU A 90 6.35 5.71 -0.56
CA GLU A 90 7.62 6.11 -1.16
C GLU A 90 7.59 7.57 -1.61
N ASN A 91 8.22 8.42 -0.83
CA ASN A 91 8.27 9.85 -1.13
C ASN A 91 9.60 10.24 -1.77
N ASN A 92 9.56 10.65 -3.02
CA ASN A 92 10.76 11.05 -3.75
C ASN A 92 11.01 12.55 -3.60
N GLY A 93 10.01 13.34 -3.97
CA GLY A 93 10.14 14.79 -3.89
C GLY A 93 10.21 15.45 -5.25
N ASP A 94 9.21 15.18 -6.09
CA ASP A 94 9.18 15.76 -7.43
C ASP A 94 7.82 16.40 -7.71
N SER A 95 7.67 16.98 -8.90
CA SER A 95 6.43 17.64 -9.28
C SER A 95 5.24 16.70 -9.07
N SER A 96 4.04 17.20 -9.36
CA SER A 96 2.83 16.41 -9.20
C SER A 96 2.14 16.20 -10.54
N HIS A 97 1.05 15.43 -10.53
CA HIS A 97 0.30 15.14 -11.75
C HIS A 97 1.17 14.42 -12.77
N ASN A 98 1.85 13.37 -12.32
CA ASN A 98 2.71 12.58 -13.19
C ASN A 98 2.17 11.17 -13.39
N PRO A 99 1.20 11.04 -14.32
CA PRO A 99 0.57 9.76 -14.62
C PRO A 99 1.53 8.80 -15.34
N VAL A 100 2.76 9.25 -15.54
CA VAL A 100 3.77 8.43 -16.21
C VAL A 100 4.65 7.71 -15.20
N LEU A 101 5.13 8.45 -14.20
CA LEU A 101 5.99 7.89 -13.17
C LEU A 101 5.17 7.38 -11.99
N ALA A 102 4.14 8.14 -11.63
CA ALA A 102 3.27 7.77 -10.52
C ALA A 102 2.56 6.44 -10.80
N ALA A 103 2.56 6.03 -12.07
CA ALA A 103 1.92 4.78 -12.46
C ALA A 103 2.47 3.61 -11.67
N THR A 104 3.78 3.62 -11.41
CA THR A 104 4.42 2.56 -10.66
C THR A 104 4.13 2.68 -9.17
N GLY A 105 4.71 3.70 -8.54
CA GLY A 105 4.51 3.91 -7.12
C GLY A 105 5.62 4.71 -6.49
N VAL A 106 6.15 5.69 -7.23
CA VAL A 106 7.22 6.53 -6.73
C VAL A 106 6.72 7.93 -6.41
N GLY A 107 6.38 8.17 -5.15
CA GLY A 107 5.89 9.47 -4.75
C GLY A 107 4.72 9.38 -3.78
N LEU A 108 4.17 10.53 -3.42
CA LEU A 108 3.04 10.58 -2.50
C LEU A 108 1.72 10.51 -3.25
N ASP A 109 1.62 11.28 -4.33
CA ASP A 109 0.40 11.30 -5.13
C ASP A 109 -0.14 9.89 -5.35
N VAL A 110 0.75 8.97 -5.69
CA VAL A 110 0.36 7.58 -5.91
C VAL A 110 0.02 6.88 -4.60
N ALA A 111 0.80 7.17 -3.57
CA ALA A 111 0.59 6.58 -2.25
C ALA A 111 -0.78 6.97 -1.69
N GLN A 112 -1.23 8.16 -2.05
CA GLN A 112 -2.52 8.65 -1.58
C GLN A 112 -3.67 7.84 -2.15
N SER A 113 -3.55 7.49 -3.43
CA SER A 113 -4.59 6.71 -4.11
C SER A 113 -4.68 5.30 -3.52
N TRP A 114 -3.54 4.76 -3.10
CA TRP A 114 -3.49 3.44 -2.50
C TRP A 114 -4.03 3.45 -1.08
N GLU A 115 -3.51 4.35 -0.26
CA GLU A 115 -3.93 4.47 1.13
C GLU A 115 -5.43 4.71 1.21
N LYS A 116 -5.92 5.64 0.40
CA LYS A 116 -7.34 5.98 0.38
C LYS A 116 -8.18 4.76 -0.01
N ALA A 117 -7.65 3.95 -0.91
CA ALA A 117 -8.34 2.75 -1.37
C ALA A 117 -8.29 1.65 -0.31
N ILE A 118 -7.09 1.17 -0.02
CA ILE A 118 -6.91 0.11 0.97
C ILE A 118 -7.70 0.41 2.23
N ARG A 119 -7.74 1.68 2.63
CA ARG A 119 -8.47 2.10 3.82
C ARG A 119 -9.98 2.08 3.57
N GLN A 120 -10.38 2.54 2.40
CA GLN A 120 -11.80 2.59 2.03
C GLN A 120 -12.38 1.18 1.99
N ALA A 121 -11.78 0.32 1.16
CA ALA A 121 -12.25 -1.05 1.01
C ALA A 121 -12.76 -1.60 2.34
N LEU A 122 -11.99 -1.39 3.40
CA LEU A 122 -12.35 -1.86 4.72
C LEU A 122 -13.72 -1.33 5.13
N MET A 123 -13.94 -0.04 4.89
CA MET A 123 -15.20 0.60 5.22
C MET A 123 -16.38 -0.30 4.86
N SER A 124 -16.38 -0.80 3.63
CA SER A 124 -17.45 -1.67 3.16
C SER A 124 -17.68 -2.82 4.14
N GLY A 125 -18.96 -3.08 4.44
CA GLY A 125 -19.30 -4.15 5.36
C GLY A 125 -19.37 -3.68 6.79
N PRO A 126 -19.50 -4.62 7.73
CA PRO A 126 -19.59 -4.32 9.16
C PRO A 126 -18.26 -3.83 9.72
N SER A 127 -18.15 -2.51 9.87
CA SER A 127 -16.93 -1.91 10.40
C SER A 127 -16.99 -1.80 11.92
N SER A 128 -15.92 -2.23 12.58
CA SER A 128 -15.86 -2.20 14.04
C SER A 128 -17.06 -2.89 14.66
N GLY A 129 -17.41 -4.06 14.11
CA GLY A 129 -18.55 -4.80 14.62
C GLY A 129 -19.81 -3.96 14.71
N GLY A 1 -17.77 5.22 -4.82
CA GLY A 1 -18.40 6.26 -5.62
C GLY A 1 -18.23 6.02 -7.10
N SER A 2 -18.84 4.95 -7.60
CA SER A 2 -18.76 4.61 -9.01
C SER A 2 -17.32 4.69 -9.51
N SER A 3 -16.40 4.20 -8.70
CA SER A 3 -14.98 4.21 -9.04
C SER A 3 -14.37 2.82 -8.87
N GLY A 4 -14.05 2.18 -9.98
CA GLY A 4 -13.46 0.85 -9.94
C GLY A 4 -13.80 0.02 -11.15
N SER A 5 -13.31 0.44 -12.32
CA SER A 5 -13.58 -0.27 -13.56
C SER A 5 -12.47 -1.28 -13.85
N SER A 6 -12.64 -2.04 -14.93
CA SER A 6 -11.65 -3.05 -15.32
C SER A 6 -11.37 -4.00 -14.16
N GLY A 7 -12.44 -4.50 -13.55
CA GLY A 7 -12.28 -5.43 -12.43
C GLY A 7 -11.39 -4.87 -11.34
N MET A 8 -10.12 -5.25 -11.38
CA MET A 8 -9.15 -4.79 -10.38
C MET A 8 -9.41 -3.33 -10.00
N VAL A 9 -9.48 -3.07 -8.71
CA VAL A 9 -9.73 -1.72 -8.21
C VAL A 9 -8.45 -0.89 -8.22
N LYS A 10 -7.37 -1.48 -7.72
CA LYS A 10 -6.07 -0.79 -7.67
C LYS A 10 -4.93 -1.77 -7.89
N GLU A 11 -3.89 -1.31 -8.58
CA GLU A 11 -2.73 -2.15 -8.86
C GLU A 11 -1.52 -1.30 -9.24
N GLY A 12 -0.33 -1.86 -9.05
CA GLY A 12 0.89 -1.14 -9.38
C GLY A 12 2.05 -1.54 -8.51
N TRP A 13 3.26 -1.22 -8.94
CA TRP A 13 4.47 -1.55 -8.19
C TRP A 13 4.57 -0.71 -6.93
N MET A 14 4.73 -1.37 -5.79
CA MET A 14 4.85 -0.69 -4.51
C MET A 14 5.91 -1.33 -3.63
N VAL A 15 6.46 -0.56 -2.70
CA VAL A 15 7.48 -1.07 -1.79
C VAL A 15 7.07 -0.91 -0.34
N HIS A 16 7.53 -1.82 0.51
CA HIS A 16 7.20 -1.78 1.93
C HIS A 16 8.29 -2.47 2.76
N TYR A 17 8.31 -2.18 4.06
CA TYR A 17 9.29 -2.77 4.96
C TYR A 17 8.69 -3.01 6.33
N THR A 18 9.20 -4.03 7.02
CA THR A 18 8.71 -4.37 8.35
C THR A 18 9.55 -3.70 9.44
N SER A 19 8.96 -3.58 10.62
CA SER A 19 9.65 -2.94 11.74
C SER A 19 10.87 -3.77 12.17
N ARG A 20 10.61 -4.97 12.66
CA ARG A 20 11.68 -5.86 13.10
C ARG A 20 12.79 -5.94 12.07
N ASP A 21 12.42 -6.15 10.81
CA ASP A 21 13.39 -6.24 9.72
C ASP A 21 13.16 -5.12 8.70
N ASN A 22 14.18 -4.28 8.53
CA ASN A 22 14.09 -3.18 7.57
C ASN A 22 14.45 -3.64 6.17
N LEU A 23 13.98 -4.81 5.79
CA LEU A 23 14.26 -5.37 4.47
C LEU A 23 13.18 -4.95 3.47
N ARG A 24 13.38 -3.80 2.83
CA ARG A 24 12.44 -3.29 1.85
C ARG A 24 12.08 -4.37 0.83
N LYS A 25 10.81 -4.42 0.44
CA LYS A 25 10.34 -5.39 -0.53
C LYS A 25 9.53 -4.72 -1.64
N ARG A 26 9.95 -4.94 -2.88
CA ARG A 26 9.27 -4.36 -4.03
C ARG A 26 8.53 -5.43 -4.83
N HIS A 27 7.22 -5.28 -4.94
CA HIS A 27 6.40 -6.24 -5.68
C HIS A 27 5.16 -5.56 -6.25
N TYR A 28 4.51 -6.22 -7.20
CA TYR A 28 3.32 -5.69 -7.84
C TYR A 28 2.12 -5.76 -6.89
N TRP A 29 1.88 -4.67 -6.16
CA TRP A 29 0.77 -4.61 -5.22
C TRP A 29 -0.55 -4.43 -5.95
N ARG A 30 -1.55 -5.21 -5.57
CA ARG A 30 -2.87 -5.12 -6.19
C ARG A 30 -3.97 -5.27 -5.15
N LEU A 31 -4.91 -4.34 -5.14
CA LEU A 31 -6.02 -4.37 -4.20
C LEU A 31 -7.34 -4.61 -4.92
N ASP A 32 -8.22 -5.37 -4.29
CA ASP A 32 -9.53 -5.68 -4.87
C ASP A 32 -10.63 -5.54 -3.81
N SER A 33 -11.88 -5.59 -4.27
CA SER A 33 -13.03 -5.46 -3.38
C SER A 33 -13.06 -6.62 -2.38
N LYS A 34 -12.25 -7.64 -2.63
CA LYS A 34 -12.19 -8.80 -1.75
C LYS A 34 -11.05 -8.66 -0.74
N CYS A 35 -9.82 -8.74 -1.23
CA CYS A 35 -8.64 -8.61 -0.37
C CYS A 35 -7.42 -8.22 -1.19
N LEU A 36 -6.40 -7.73 -0.50
CA LEU A 36 -5.16 -7.30 -1.15
C LEU A 36 -4.22 -8.50 -1.36
N THR A 37 -3.43 -8.44 -2.43
CA THR A 37 -2.50 -9.50 -2.74
C THR A 37 -1.24 -8.95 -3.40
N LEU A 38 -0.14 -9.69 -3.27
CA LEU A 38 1.14 -9.27 -3.85
C LEU A 38 1.61 -10.29 -4.89
N PHE A 39 2.65 -9.91 -5.64
CA PHE A 39 3.20 -10.78 -6.67
C PHE A 39 4.71 -10.63 -6.74
N GLN A 40 5.42 -11.72 -6.47
CA GLN A 40 6.88 -11.72 -6.50
C GLN A 40 7.39 -10.86 -7.65
N ASN A 41 6.83 -11.06 -8.84
CA ASN A 41 7.24 -10.30 -10.01
C ASN A 41 6.05 -10.05 -10.93
N GLU A 42 6.26 -9.23 -11.96
CA GLU A 42 5.20 -8.91 -12.92
C GLU A 42 4.32 -10.13 -13.18
N SER A 43 4.97 -11.28 -13.39
CA SER A 43 4.25 -12.52 -13.67
C SER A 43 4.63 -13.60 -12.67
N GLY A 44 3.63 -14.20 -12.04
CA GLY A 44 3.89 -15.25 -11.07
C GLY A 44 2.65 -16.09 -10.78
N SER A 45 2.65 -17.33 -11.24
CA SER A 45 1.53 -18.22 -11.04
C SER A 45 1.04 -18.15 -9.59
N LYS A 46 1.96 -18.30 -8.65
CA LYS A 46 1.63 -18.26 -7.23
C LYS A 46 1.88 -16.87 -6.66
N TYR A 47 1.09 -16.50 -5.66
CA TYR A 47 1.22 -15.18 -5.04
C TYR A 47 2.09 -15.28 -3.78
N TYR A 48 3.03 -14.34 -3.65
CA TYR A 48 3.92 -14.31 -2.50
C TYR A 48 3.14 -14.34 -1.20
N LYS A 49 2.41 -13.26 -0.92
CA LYS A 49 1.61 -13.17 0.29
C LYS A 49 0.35 -12.33 0.05
N GLU A 50 -0.74 -12.69 0.71
CA GLU A 50 -1.99 -11.97 0.57
C GLU A 50 -2.36 -11.26 1.88
N ILE A 51 -2.98 -10.08 1.75
CA ILE A 51 -3.37 -9.30 2.91
C ILE A 51 -4.87 -9.02 2.89
N PRO A 52 -5.65 -9.89 3.57
CA PRO A 52 -7.10 -9.76 3.64
C PRO A 52 -7.53 -8.58 4.50
N LEU A 53 -8.56 -7.87 4.04
CA LEU A 53 -9.06 -6.71 4.76
C LEU A 53 -9.21 -7.01 6.24
N SER A 54 -9.65 -8.22 6.56
CA SER A 54 -9.82 -8.64 7.94
C SER A 54 -8.52 -8.54 8.72
N GLU A 55 -7.42 -8.89 8.05
CA GLU A 55 -6.10 -8.84 8.67
C GLU A 55 -5.73 -7.42 9.05
N ILE A 56 -5.83 -6.50 8.09
CA ILE A 56 -5.51 -5.10 8.33
C ILE A 56 -6.41 -4.50 9.40
N LEU A 57 -5.83 -4.20 10.55
CA LEU A 57 -6.58 -3.63 11.67
C LEU A 57 -6.94 -2.17 11.36
N ARG A 58 -5.93 -1.33 11.20
CA ARG A 58 -6.15 0.08 10.91
C ARG A 58 -4.82 0.79 10.62
N ILE A 59 -4.91 2.07 10.27
CA ILE A 59 -3.71 2.86 9.97
C ILE A 59 -3.24 3.62 11.19
N SER A 60 -1.92 3.74 11.34
CA SER A 60 -1.34 4.45 12.46
C SER A 60 -1.11 5.92 12.13
N SER A 61 -1.17 6.77 13.15
CA SER A 61 -0.96 8.20 12.96
C SER A 61 0.41 8.49 12.38
N PRO A 62 0.53 9.64 11.69
CA PRO A 62 1.80 10.05 11.07
C PRO A 62 2.85 10.46 12.11
N ARG A 63 3.90 11.12 11.65
CA ARG A 63 4.96 11.57 12.53
C ARG A 63 5.65 10.38 13.20
N ASP A 64 5.83 9.29 12.43
CA ASP A 64 6.46 8.09 12.95
C ASP A 64 7.67 7.72 12.11
N PHE A 65 8.53 8.70 11.84
CA PHE A 65 9.73 8.48 11.04
C PHE A 65 10.95 8.30 11.94
N THR A 66 10.81 7.47 12.97
CA THR A 66 11.89 7.21 13.90
C THR A 66 12.50 5.83 13.67
N ASN A 67 11.66 4.87 13.33
CA ASN A 67 12.11 3.50 13.09
C ASN A 67 13.31 3.49 12.14
N ILE A 68 13.23 4.30 11.08
CA ILE A 68 14.29 4.38 10.10
C ILE A 68 15.13 5.64 10.31
N SER A 69 16.19 5.77 9.52
CA SER A 69 17.07 6.93 9.61
C SER A 69 17.08 7.72 8.29
N GLN A 70 17.19 9.04 8.40
CA GLN A 70 17.21 9.90 7.23
C GLN A 70 18.01 9.27 6.11
N GLY A 71 17.39 9.16 4.93
CA GLY A 71 18.06 8.58 3.79
C GLY A 71 17.10 7.99 2.78
N SER A 72 16.48 6.86 3.14
CA SER A 72 15.53 6.20 2.26
C SER A 72 14.25 7.01 2.14
N ASN A 73 13.50 6.76 1.06
CA ASN A 73 12.24 7.47 0.83
C ASN A 73 11.29 7.29 2.00
N PRO A 74 10.59 8.38 2.37
CA PRO A 74 9.63 8.36 3.48
C PRO A 74 8.38 7.54 3.16
N HIS A 75 7.60 7.24 4.17
CA HIS A 75 6.38 6.46 4.01
C HIS A 75 5.14 7.35 4.19
N CYS A 76 4.07 7.01 3.48
CA CYS A 76 2.83 7.77 3.56
C CYS A 76 1.96 7.27 4.70
N PHE A 77 1.76 5.96 4.77
CA PHE A 77 0.94 5.35 5.81
C PHE A 77 1.60 4.07 6.34
N GLU A 78 1.02 3.51 7.40
CA GLU A 78 1.54 2.29 8.00
C GLU A 78 0.44 1.26 8.19
N ILE A 79 0.58 0.11 7.55
CA ILE A 79 -0.40 -0.95 7.66
C ILE A 79 -0.17 -1.81 8.89
N ILE A 80 -0.97 -1.61 9.92
CA ILE A 80 -0.85 -2.36 11.16
C ILE A 80 -1.65 -3.65 11.11
N THR A 81 -0.96 -4.76 10.86
CA THR A 81 -1.61 -6.06 10.78
C THR A 81 -1.39 -6.87 12.05
N ASP A 82 -2.44 -7.54 12.51
CA ASP A 82 -2.37 -8.35 13.72
C ASP A 82 -0.99 -8.99 13.85
N THR A 83 -0.45 -9.45 12.72
CA THR A 83 0.86 -10.09 12.71
C THR A 83 1.96 -9.11 13.08
N MET A 84 2.24 -8.16 12.19
CA MET A 84 3.28 -7.17 12.43
C MET A 84 2.92 -5.85 11.74
N VAL A 85 3.67 -4.80 12.06
CA VAL A 85 3.44 -3.48 11.48
C VAL A 85 4.24 -3.31 10.19
N TYR A 86 3.55 -2.94 9.12
CA TYR A 86 4.20 -2.74 7.82
C TYR A 86 4.18 -1.26 7.44
N PHE A 87 5.18 -0.85 6.66
CA PHE A 87 5.28 0.54 6.21
C PHE A 87 5.34 0.61 4.68
N VAL A 88 4.31 1.19 4.08
CA VAL A 88 4.25 1.32 2.64
C VAL A 88 4.22 2.79 2.22
N GLY A 89 4.85 3.09 1.09
CA GLY A 89 4.89 4.46 0.60
C GLY A 89 6.30 4.97 0.41
N GLU A 90 6.54 5.65 -0.70
CA GLU A 90 7.86 6.19 -1.00
C GLU A 90 7.75 7.49 -1.78
N ASN A 91 8.47 8.52 -1.32
CA ASN A 91 8.46 9.82 -1.98
C ASN A 91 9.88 10.29 -2.28
N ASN A 92 10.16 10.51 -3.56
CA ASN A 92 11.48 10.97 -3.98
C ASN A 92 11.76 12.38 -3.48
N GLY A 93 10.76 13.25 -3.60
CA GLY A 93 10.91 14.62 -3.16
C GLY A 93 9.65 15.44 -3.37
N ASP A 94 9.73 16.42 -4.27
CA ASP A 94 8.59 17.27 -4.56
C ASP A 94 8.58 17.68 -6.03
N SER A 95 7.41 17.59 -6.67
CA SER A 95 7.27 17.94 -8.07
C SER A 95 5.82 17.87 -8.51
N SER A 96 5.46 18.68 -9.50
CA SER A 96 4.09 18.71 -10.01
C SER A 96 3.58 17.30 -10.28
N HIS A 97 2.39 17.00 -9.75
CA HIS A 97 1.79 15.68 -9.94
C HIS A 97 2.07 15.15 -11.35
N ASN A 98 2.61 13.94 -11.42
CA ASN A 98 2.93 13.32 -12.70
C ASN A 98 2.19 11.99 -12.85
N PRO A 99 1.01 12.03 -13.48
CA PRO A 99 0.19 10.83 -13.70
C PRO A 99 0.82 9.89 -14.72
N VAL A 100 2.01 10.24 -15.20
CA VAL A 100 2.71 9.42 -16.19
C VAL A 100 3.73 8.51 -15.52
N LEU A 101 4.50 9.08 -14.60
CA LEU A 101 5.52 8.30 -13.89
C LEU A 101 4.97 7.78 -12.56
N ALA A 102 4.01 8.51 -11.99
CA ALA A 102 3.40 8.11 -10.74
C ALA A 102 2.44 6.93 -10.93
N ALA A 103 1.69 6.97 -12.02
CA ALA A 103 0.74 5.91 -12.33
C ALA A 103 1.35 4.54 -12.06
N THR A 104 2.66 4.44 -12.23
CA THR A 104 3.37 3.18 -12.01
C THR A 104 3.32 2.77 -10.53
N GLY A 105 3.76 3.67 -9.66
CA GLY A 105 3.76 3.38 -8.24
C GLY A 105 4.95 3.98 -7.52
N VAL A 106 5.40 5.14 -7.98
CA VAL A 106 6.54 5.81 -7.39
C VAL A 106 6.21 7.27 -7.07
N GLY A 107 6.38 7.65 -5.80
CA GLY A 107 6.10 9.01 -5.39
C GLY A 107 5.12 9.07 -4.23
N LEU A 108 4.81 10.29 -3.79
CA LEU A 108 3.89 10.48 -2.67
C LEU A 108 2.45 10.47 -3.15
N ASP A 109 2.17 11.24 -4.20
CA ASP A 109 0.82 11.31 -4.76
C ASP A 109 0.26 9.91 -5.02
N VAL A 110 1.02 9.11 -5.78
CA VAL A 110 0.59 7.76 -6.09
C VAL A 110 0.17 6.99 -4.84
N ALA A 111 0.85 7.27 -3.74
CA ALA A 111 0.53 6.62 -2.47
C ALA A 111 -0.81 7.08 -1.93
N GLN A 112 -1.03 8.39 -1.91
CA GLN A 112 -2.27 8.96 -1.42
C GLN A 112 -3.47 8.16 -1.93
N SER A 113 -3.44 7.82 -3.21
CA SER A 113 -4.53 7.05 -3.82
C SER A 113 -4.71 5.71 -3.13
N TRP A 114 -3.64 4.93 -3.08
CA TRP A 114 -3.67 3.61 -2.44
C TRP A 114 -4.27 3.71 -1.04
N GLU A 115 -3.66 4.55 -0.20
CA GLU A 115 -4.13 4.73 1.17
C GLU A 115 -5.64 4.86 1.21
N LYS A 116 -6.18 5.68 0.33
CA LYS A 116 -7.63 5.90 0.26
C LYS A 116 -8.36 4.60 -0.12
N ALA A 117 -7.83 3.92 -1.13
CA ALA A 117 -8.42 2.66 -1.58
C ALA A 117 -8.34 1.59 -0.51
N ILE A 118 -7.12 1.18 -0.17
CA ILE A 118 -6.90 0.16 0.85
C ILE A 118 -7.79 0.40 2.06
N ARG A 119 -7.84 1.65 2.52
CA ARG A 119 -8.65 2.01 3.67
C ARG A 119 -10.14 1.86 3.36
N GLN A 120 -10.59 2.56 2.33
CA GLN A 120 -11.99 2.50 1.92
C GLN A 120 -12.47 1.06 1.83
N ALA A 121 -11.55 0.15 1.53
CA ALA A 121 -11.88 -1.27 1.41
C ALA A 121 -12.39 -1.82 2.72
N LEU A 122 -11.77 -1.40 3.82
CA LEU A 122 -12.16 -1.86 5.16
C LEU A 122 -13.67 -1.79 5.34
N MET A 123 -14.23 -0.61 5.11
CA MET A 123 -15.67 -0.39 5.23
C MET A 123 -16.44 -1.44 4.44
N SER A 124 -16.06 -1.62 3.18
CA SER A 124 -16.73 -2.59 2.32
C SER A 124 -16.36 -4.02 2.71
N GLY A 125 -17.33 -4.74 3.25
CA GLY A 125 -17.09 -6.12 3.67
C GLY A 125 -17.94 -6.51 4.86
N PRO A 126 -18.13 -7.83 5.04
CA PRO A 126 -18.92 -8.37 6.15
C PRO A 126 -18.24 -8.19 7.50
N SER A 127 -16.94 -8.47 7.55
CA SER A 127 -16.17 -8.34 8.77
C SER A 127 -15.29 -7.09 8.73
N SER A 128 -15.40 -6.26 9.77
CA SER A 128 -14.62 -5.03 9.85
C SER A 128 -13.86 -4.96 11.17
N GLY A 129 -12.77 -4.19 11.18
CA GLY A 129 -11.98 -4.04 12.37
C GLY A 129 -12.39 -2.84 13.21
N GLY A 1 -29.01 -4.21 -17.95
CA GLY A 1 -27.63 -4.33 -18.38
C GLY A 1 -26.65 -3.64 -17.46
N SER A 2 -26.35 -4.28 -16.33
CA SER A 2 -25.43 -3.71 -15.36
C SER A 2 -24.04 -3.58 -15.94
N SER A 3 -23.52 -2.35 -15.95
CA SER A 3 -22.19 -2.08 -16.49
C SER A 3 -21.15 -2.04 -15.38
N GLY A 4 -20.05 -2.75 -15.57
CA GLY A 4 -18.99 -2.78 -14.57
C GLY A 4 -17.94 -3.82 -14.87
N SER A 5 -16.92 -3.90 -14.02
CA SER A 5 -15.84 -4.86 -14.20
C SER A 5 -15.97 -6.02 -13.23
N SER A 6 -15.12 -7.03 -13.38
CA SER A 6 -15.14 -8.20 -12.52
C SER A 6 -15.22 -7.79 -11.05
N GLY A 7 -14.23 -7.04 -10.59
CA GLY A 7 -14.22 -6.59 -9.21
C GLY A 7 -12.82 -6.24 -8.73
N MET A 8 -12.31 -5.10 -9.19
CA MET A 8 -10.97 -4.65 -8.81
C MET A 8 -11.03 -3.27 -8.18
N VAL A 9 -9.95 -2.89 -7.49
CA VAL A 9 -9.88 -1.59 -6.84
C VAL A 9 -8.69 -0.79 -7.36
N LYS A 10 -7.50 -1.38 -7.28
CA LYS A 10 -6.28 -0.72 -7.73
C LYS A 10 -5.12 -1.71 -7.79
N GLU A 11 -4.17 -1.44 -8.68
CA GLU A 11 -3.01 -2.31 -8.82
C GLU A 11 -1.77 -1.51 -9.21
N GLY A 12 -0.60 -1.99 -8.82
CA GLY A 12 0.64 -1.30 -9.12
C GLY A 12 1.78 -1.72 -8.23
N TRP A 13 3.00 -1.39 -8.63
CA TRP A 13 4.19 -1.75 -7.87
C TRP A 13 4.41 -0.77 -6.72
N MET A 14 4.68 -1.30 -5.53
CA MET A 14 4.91 -0.46 -4.36
C MET A 14 5.97 -1.07 -3.46
N VAL A 15 6.61 -0.24 -2.64
CA VAL A 15 7.64 -0.71 -1.73
C VAL A 15 7.17 -0.63 -0.28
N HIS A 16 7.63 -1.56 0.54
CA HIS A 16 7.25 -1.59 1.95
C HIS A 16 8.38 -2.18 2.80
N TYR A 17 8.29 -1.98 4.11
CA TYR A 17 9.31 -2.49 5.03
C TYR A 17 8.70 -2.75 6.41
N THR A 18 9.18 -3.79 7.06
CA THR A 18 8.70 -4.16 8.39
C THR A 18 9.46 -3.40 9.48
N SER A 19 8.82 -3.25 10.64
CA SER A 19 9.44 -2.55 11.76
C SER A 19 10.77 -3.18 12.14
N ARG A 20 10.73 -4.48 12.42
CA ARG A 20 11.94 -5.21 12.80
C ARG A 20 12.95 -5.23 11.66
N ASP A 21 12.54 -5.77 10.52
CA ASP A 21 13.40 -5.86 9.35
C ASP A 21 13.13 -4.69 8.40
N ASN A 22 14.09 -3.77 8.30
CA ASN A 22 13.95 -2.61 7.43
C ASN A 22 14.39 -2.95 6.01
N LEU A 23 14.18 -4.21 5.61
CA LEU A 23 14.56 -4.65 4.28
C LEU A 23 13.51 -4.26 3.25
N ARG A 24 13.64 -3.06 2.69
CA ARG A 24 12.71 -2.57 1.69
C ARG A 24 12.52 -3.58 0.58
N LYS A 25 11.27 -3.81 0.19
CA LYS A 25 10.94 -4.76 -0.87
C LYS A 25 9.91 -4.18 -1.81
N ARG A 26 10.14 -4.35 -3.12
CA ARG A 26 9.23 -3.84 -4.13
C ARG A 26 8.50 -4.98 -4.83
N HIS A 27 7.18 -4.96 -4.77
CA HIS A 27 6.37 -5.99 -5.40
C HIS A 27 5.11 -5.39 -6.01
N TYR A 28 4.50 -6.13 -6.94
CA TYR A 28 3.29 -5.67 -7.62
C TYR A 28 2.09 -5.79 -6.69
N TRP A 29 1.82 -4.72 -5.94
CA TRP A 29 0.70 -4.71 -5.01
C TRP A 29 -0.62 -4.59 -5.77
N ARG A 30 -1.47 -5.61 -5.62
CA ARG A 30 -2.77 -5.62 -6.29
C ARG A 30 -3.90 -5.76 -5.28
N LEU A 31 -4.89 -4.88 -5.39
CA LEU A 31 -6.04 -4.92 -4.47
C LEU A 31 -7.34 -5.00 -5.26
N ASP A 32 -8.30 -5.76 -4.72
CA ASP A 32 -9.60 -5.93 -5.36
C ASP A 32 -10.72 -5.93 -4.32
N SER A 33 -11.95 -6.06 -4.80
CA SER A 33 -13.11 -6.07 -3.92
C SER A 33 -13.13 -7.33 -3.05
N LYS A 34 -12.17 -8.22 -3.30
CA LYS A 34 -12.07 -9.46 -2.54
C LYS A 34 -11.01 -9.36 -1.46
N CYS A 35 -9.74 -9.37 -1.86
CA CYS A 35 -8.63 -9.26 -0.92
C CYS A 35 -7.38 -8.71 -1.60
N LEU A 36 -6.45 -8.23 -0.79
CA LEU A 36 -5.20 -7.66 -1.31
C LEU A 36 -4.16 -8.76 -1.55
N THR A 37 -3.70 -8.87 -2.79
CA THR A 37 -2.70 -9.86 -3.15
C THR A 37 -1.38 -9.21 -3.53
N LEU A 38 -0.31 -10.00 -3.53
CA LEU A 38 1.01 -9.50 -3.88
C LEU A 38 1.67 -10.39 -4.93
N PHE A 39 2.24 -9.76 -5.95
CA PHE A 39 2.91 -10.50 -7.03
C PHE A 39 4.39 -10.10 -7.11
N GLN A 40 5.23 -10.88 -6.44
CA GLN A 40 6.67 -10.61 -6.45
C GLN A 40 7.16 -10.26 -7.85
N ASN A 41 6.60 -10.93 -8.84
CA ASN A 41 6.98 -10.68 -10.23
C ASN A 41 5.85 -11.07 -11.19
N GLU A 42 5.70 -10.31 -12.26
CA GLU A 42 4.66 -10.58 -13.25
C GLU A 42 5.10 -11.68 -14.21
N SER A 43 5.73 -12.71 -13.67
CA SER A 43 6.20 -13.83 -14.49
C SER A 43 5.62 -15.15 -14.01
N GLY A 44 4.76 -15.74 -14.84
CA GLY A 44 4.14 -17.01 -14.48
C GLY A 44 3.05 -16.84 -13.44
N SER A 45 2.75 -17.92 -12.73
CA SER A 45 1.70 -17.88 -11.70
C SER A 45 2.29 -18.12 -10.32
N LYS A 46 2.59 -17.03 -9.62
CA LYS A 46 3.16 -17.11 -8.28
C LYS A 46 2.94 -15.81 -7.51
N TYR A 47 2.48 -15.93 -6.28
CA TYR A 47 2.22 -14.76 -5.45
C TYR A 47 3.15 -14.74 -4.24
N TYR A 48 3.17 -13.62 -3.53
CA TYR A 48 4.02 -13.47 -2.35
C TYR A 48 3.26 -13.83 -1.08
N LYS A 49 2.08 -13.24 -0.92
CA LYS A 49 1.25 -13.49 0.25
C LYS A 49 -0.15 -12.90 0.07
N GLU A 50 -1.09 -13.35 0.89
CA GLU A 50 -2.46 -12.88 0.81
C GLU A 50 -2.80 -12.01 2.03
N ILE A 51 -3.39 -10.85 1.77
CA ILE A 51 -3.76 -9.93 2.84
C ILE A 51 -5.23 -9.55 2.75
N PRO A 52 -6.09 -10.31 3.46
CA PRO A 52 -7.53 -10.07 3.48
C PRO A 52 -7.90 -8.79 4.22
N LEU A 53 -8.76 -7.99 3.62
CA LEU A 53 -9.20 -6.73 4.21
C LEU A 53 -9.29 -6.85 5.73
N SER A 54 -9.77 -8.00 6.20
CA SER A 54 -9.92 -8.25 7.62
C SER A 54 -8.58 -8.11 8.34
N GLU A 55 -7.56 -8.80 7.82
CA GLU A 55 -6.23 -8.75 8.40
C GLU A 55 -5.87 -7.33 8.83
N ILE A 56 -6.11 -6.37 7.94
CA ILE A 56 -5.82 -4.97 8.22
C ILE A 56 -6.75 -4.43 9.30
N LEU A 57 -6.16 -3.91 10.37
CA LEU A 57 -6.93 -3.36 11.48
C LEU A 57 -7.18 -1.86 11.26
N ARG A 58 -6.10 -1.09 11.22
CA ARG A 58 -6.20 0.35 11.01
C ARG A 58 -4.83 0.96 10.71
N ILE A 59 -4.84 2.22 10.29
CA ILE A 59 -3.59 2.92 9.97
C ILE A 59 -3.09 3.73 11.17
N SER A 60 -1.78 3.84 11.29
CA SER A 60 -1.17 4.58 12.39
C SER A 60 -1.08 6.07 12.05
N SER A 61 -0.57 6.86 12.99
CA SER A 61 -0.43 8.29 12.80
C SER A 61 0.93 8.63 12.21
N PRO A 62 0.99 9.73 11.44
CA PRO A 62 2.23 10.19 10.80
C PRO A 62 3.24 10.73 11.81
N ARG A 63 2.83 10.77 13.08
CA ARG A 63 3.69 11.27 14.14
C ARG A 63 5.09 10.68 14.02
N ASP A 64 5.17 9.38 13.74
CA ASP A 64 6.45 8.70 13.59
C ASP A 64 7.10 9.07 12.27
N PHE A 65 8.27 9.68 12.35
CA PHE A 65 9.02 10.09 11.16
C PHE A 65 10.42 9.49 11.15
N THR A 66 10.99 9.32 12.35
CA THR A 66 12.33 8.77 12.49
C THR A 66 12.28 7.24 12.61
N ASN A 67 12.27 6.56 11.48
CA ASN A 67 12.22 5.10 11.46
C ASN A 67 13.45 4.53 10.76
N ILE A 68 13.73 5.03 9.57
CA ILE A 68 14.88 4.58 8.80
C ILE A 68 16.11 5.43 9.08
N SER A 69 17.25 5.02 8.52
CA SER A 69 18.50 5.75 8.72
C SER A 69 19.14 6.09 7.39
N GLN A 70 19.20 5.11 6.49
CA GLN A 70 19.80 5.31 5.18
C GLN A 70 18.83 4.88 4.07
N GLY A 71 17.58 5.32 4.18
CA GLY A 71 16.58 4.99 3.19
C GLY A 71 16.43 6.05 2.13
N SER A 72 16.49 5.63 0.87
CA SER A 72 16.37 6.57 -0.25
C SER A 72 15.19 7.51 -0.04
N ASN A 73 14.00 6.94 0.08
CA ASN A 73 12.78 7.73 0.27
C ASN A 73 12.02 7.24 1.50
N PRO A 74 11.41 8.19 2.23
CA PRO A 74 10.62 7.89 3.42
C PRO A 74 9.32 7.15 3.10
N HIS A 75 8.41 7.11 4.07
CA HIS A 75 7.12 6.45 3.89
C HIS A 75 5.98 7.44 3.99
N CYS A 76 4.76 6.95 3.78
CA CYS A 76 3.57 7.80 3.85
C CYS A 76 2.62 7.31 4.93
N PHE A 77 2.39 6.00 4.96
CA PHE A 77 1.50 5.40 5.95
C PHE A 77 2.02 4.05 6.42
N GLU A 78 1.36 3.48 7.41
CA GLU A 78 1.76 2.18 7.95
C GLU A 78 0.55 1.27 8.15
N ILE A 79 0.58 0.11 7.51
CA ILE A 79 -0.51 -0.85 7.61
C ILE A 79 -0.32 -1.76 8.82
N ILE A 80 -1.24 -1.65 9.78
CA ILE A 80 -1.18 -2.47 10.98
C ILE A 80 -2.13 -3.67 10.89
N THR A 81 -1.56 -4.86 10.92
CA THR A 81 -2.37 -6.08 10.83
C THR A 81 -2.35 -6.84 12.16
N ASP A 82 -3.05 -7.97 12.19
CA ASP A 82 -3.12 -8.79 13.40
C ASP A 82 -1.82 -9.57 13.60
N THR A 83 -0.86 -9.35 12.71
CA THR A 83 0.42 -10.03 12.79
C THR A 83 1.54 -9.06 13.14
N MET A 84 1.93 -8.24 12.18
CA MET A 84 3.00 -7.26 12.39
C MET A 84 2.66 -5.95 11.71
N VAL A 85 3.45 -4.91 12.00
CA VAL A 85 3.25 -3.59 11.41
C VAL A 85 4.04 -3.43 10.13
N TYR A 86 3.41 -2.89 9.10
CA TYR A 86 4.06 -2.69 7.81
C TYR A 86 4.14 -1.20 7.48
N PHE A 87 5.19 -0.82 6.74
CA PHE A 87 5.38 0.57 6.36
C PHE A 87 5.43 0.70 4.83
N VAL A 88 4.37 1.26 4.26
CA VAL A 88 4.29 1.44 2.81
C VAL A 88 4.30 2.92 2.45
N GLY A 89 4.89 3.24 1.30
CA GLY A 89 4.94 4.63 0.86
C GLY A 89 6.29 5.00 0.29
N GLU A 90 6.29 5.60 -0.90
CA GLU A 90 7.53 6.00 -1.55
C GLU A 90 7.43 7.43 -2.06
N ASN A 91 8.02 8.36 -1.32
CA ASN A 91 8.00 9.77 -1.70
C ASN A 91 9.41 10.26 -2.04
N ASN A 92 9.59 10.73 -3.26
CA ASN A 92 10.88 11.24 -3.72
C ASN A 92 10.90 12.76 -3.75
N GLY A 93 10.40 13.37 -2.67
CA GLY A 93 10.36 14.82 -2.59
C GLY A 93 9.80 15.45 -3.86
N ASP A 94 8.70 14.91 -4.36
CA ASP A 94 8.07 15.43 -5.56
C ASP A 94 7.18 16.63 -5.24
N SER A 95 7.28 17.66 -6.06
CA SER A 95 6.48 18.88 -5.86
C SER A 95 5.77 19.29 -7.15
N SER A 96 5.22 18.30 -7.86
CA SER A 96 4.52 18.55 -9.11
C SER A 96 3.51 17.45 -9.39
N HIS A 97 2.57 17.74 -10.29
CA HIS A 97 1.52 16.77 -10.64
C HIS A 97 1.92 16.01 -11.90
N ASN A 98 3.11 15.41 -11.88
CA ASN A 98 3.59 14.64 -13.02
C ASN A 98 3.01 13.24 -13.03
N PRO A 99 2.29 12.91 -14.12
CA PRO A 99 1.66 11.60 -14.29
C PRO A 99 2.68 10.48 -14.48
N VAL A 100 3.92 10.85 -14.79
CA VAL A 100 4.98 9.89 -14.99
C VAL A 100 5.38 9.21 -13.69
N LEU A 101 5.62 10.02 -12.66
CA LEU A 101 6.00 9.50 -11.35
C LEU A 101 4.99 8.48 -10.85
N ALA A 102 3.72 8.80 -10.98
CA ALA A 102 2.65 7.91 -10.55
C ALA A 102 2.45 6.76 -11.54
N ALA A 103 2.97 6.94 -12.75
CA ALA A 103 2.86 5.93 -13.79
C ALA A 103 3.66 4.68 -13.44
N THR A 104 4.90 4.90 -12.98
CA THR A 104 5.77 3.79 -12.62
C THR A 104 5.47 3.29 -11.20
N GLY A 105 4.81 4.14 -10.42
CA GLY A 105 4.47 3.76 -9.05
C GLY A 105 5.47 4.28 -8.04
N VAL A 106 5.72 5.59 -8.07
CA VAL A 106 6.66 6.21 -7.15
C VAL A 106 6.30 7.66 -6.89
N GLY A 107 6.29 8.05 -5.62
CA GLY A 107 5.96 9.42 -5.25
C GLY A 107 4.93 9.49 -4.14
N LEU A 108 4.50 10.70 -3.82
CA LEU A 108 3.51 10.91 -2.77
C LEU A 108 2.10 10.76 -3.32
N ASP A 109 1.82 11.43 -4.43
CA ASP A 109 0.51 11.37 -5.05
C ASP A 109 0.01 9.92 -5.15
N VAL A 110 0.85 9.05 -5.70
CA VAL A 110 0.50 7.65 -5.85
C VAL A 110 0.09 7.03 -4.51
N ALA A 111 0.92 7.24 -3.49
CA ALA A 111 0.64 6.72 -2.16
C ALA A 111 -0.73 7.16 -1.68
N GLN A 112 -1.03 8.44 -1.85
CA GLN A 112 -2.31 8.99 -1.43
C GLN A 112 -3.46 8.18 -2.00
N SER A 113 -3.30 7.69 -3.22
CA SER A 113 -4.32 6.91 -3.88
C SER A 113 -4.51 5.56 -3.18
N TRP A 114 -3.41 4.88 -2.92
CA TRP A 114 -3.45 3.58 -2.25
C TRP A 114 -4.09 3.70 -0.87
N GLU A 115 -3.45 4.45 0.02
CA GLU A 115 -3.96 4.64 1.38
C GLU A 115 -5.47 4.82 1.36
N LYS A 116 -5.96 5.57 0.38
CA LYS A 116 -7.39 5.84 0.26
C LYS A 116 -8.13 4.59 -0.25
N ALA A 117 -7.46 3.83 -1.11
CA ALA A 117 -8.05 2.61 -1.66
C ALA A 117 -8.11 1.51 -0.61
N ILE A 118 -6.94 1.15 -0.07
CA ILE A 118 -6.86 0.10 0.94
C ILE A 118 -7.72 0.44 2.15
N ARG A 119 -7.58 1.67 2.65
CA ARG A 119 -8.36 2.11 3.80
C ARG A 119 -9.85 2.07 3.52
N GLN A 120 -10.23 2.56 2.34
CA GLN A 120 -11.63 2.57 1.93
C GLN A 120 -12.22 1.17 1.91
N ALA A 121 -11.45 0.23 1.37
CA ALA A 121 -11.89 -1.16 1.30
C ALA A 121 -12.45 -1.64 2.63
N LEU A 122 -11.67 -1.43 3.70
CA LEU A 122 -12.09 -1.83 5.03
C LEU A 122 -13.51 -1.38 5.32
N MET A 123 -13.84 -0.16 4.92
CA MET A 123 -15.18 0.39 5.13
C MET A 123 -16.23 -0.47 4.45
N SER A 124 -16.11 -0.61 3.14
CA SER A 124 -17.07 -1.40 2.37
C SER A 124 -17.30 -2.76 3.03
N GLY A 125 -18.45 -2.91 3.67
CA GLY A 125 -18.77 -4.16 4.33
C GLY A 125 -19.00 -3.98 5.83
N PRO A 126 -18.85 -5.08 6.58
CA PRO A 126 -19.03 -5.08 8.03
C PRO A 126 -17.92 -4.32 8.75
N SER A 127 -18.29 -3.49 9.72
CA SER A 127 -17.33 -2.72 10.47
C SER A 127 -17.09 -3.33 11.85
N SER A 128 -16.09 -4.20 11.94
CA SER A 128 -15.76 -4.87 13.20
C SER A 128 -15.73 -3.87 14.35
N GLY A 129 -14.86 -2.86 14.23
CA GLY A 129 -14.74 -1.85 15.27
C GLY A 129 -15.76 -0.73 15.11
N GLY A 1 -25.14 3.46 -1.90
CA GLY A 1 -24.10 2.62 -1.34
C GLY A 1 -22.87 2.55 -2.21
N SER A 2 -21.98 1.60 -1.93
CA SER A 2 -20.76 1.44 -2.70
C SER A 2 -20.78 0.13 -3.48
N SER A 3 -20.69 0.23 -4.80
CA SER A 3 -20.71 -0.94 -5.67
C SER A 3 -19.32 -1.19 -6.25
N GLY A 4 -19.03 -2.46 -6.54
CA GLY A 4 -17.74 -2.82 -7.10
C GLY A 4 -17.85 -3.30 -8.53
N SER A 5 -18.60 -2.56 -9.35
CA SER A 5 -18.78 -2.91 -10.75
C SER A 5 -17.45 -3.27 -11.40
N SER A 6 -16.46 -2.40 -11.24
CA SER A 6 -15.14 -2.62 -11.81
C SER A 6 -14.42 -3.76 -11.10
N GLY A 7 -14.08 -4.80 -11.85
CA GLY A 7 -13.38 -5.94 -11.27
C GLY A 7 -12.21 -5.53 -10.41
N MET A 8 -11.11 -5.16 -11.05
CA MET A 8 -9.91 -4.74 -10.35
C MET A 8 -10.11 -3.39 -9.67
N VAL A 9 -9.70 -3.28 -8.42
CA VAL A 9 -9.83 -2.04 -7.67
C VAL A 9 -8.60 -1.15 -7.83
N LYS A 10 -7.44 -1.71 -7.49
CA LYS A 10 -6.18 -0.97 -7.61
C LYS A 10 -5.02 -1.92 -7.81
N GLU A 11 -3.96 -1.42 -8.45
CA GLU A 11 -2.77 -2.23 -8.72
C GLU A 11 -1.56 -1.34 -9.03
N GLY A 12 -0.38 -1.91 -8.92
CA GLY A 12 0.84 -1.16 -9.19
C GLY A 12 1.99 -1.58 -8.29
N TRP A 13 3.21 -1.34 -8.75
CA TRP A 13 4.40 -1.70 -7.98
C TRP A 13 4.58 -0.76 -6.79
N MET A 14 4.54 -1.34 -5.59
CA MET A 14 4.70 -0.56 -4.36
C MET A 14 5.83 -1.11 -3.51
N VAL A 15 6.38 -0.27 -2.65
CA VAL A 15 7.48 -0.67 -1.77
C VAL A 15 7.08 -0.57 -0.30
N HIS A 16 7.57 -1.50 0.51
CA HIS A 16 7.26 -1.51 1.93
C HIS A 16 8.37 -2.19 2.72
N TYR A 17 8.32 -2.06 4.05
CA TYR A 17 9.33 -2.65 4.91
C TYR A 17 8.75 -2.97 6.29
N THR A 18 9.20 -4.06 6.89
CA THR A 18 8.73 -4.46 8.21
C THR A 18 9.50 -3.74 9.31
N SER A 19 8.90 -3.69 10.50
CA SER A 19 9.53 -3.02 11.64
C SER A 19 10.87 -3.66 11.96
N ARG A 20 10.86 -4.98 12.18
CA ARG A 20 12.09 -5.70 12.51
C ARG A 20 13.09 -5.62 11.35
N ASP A 21 12.70 -6.16 10.20
CA ASP A 21 13.56 -6.16 9.03
C ASP A 21 13.30 -4.93 8.17
N ASN A 22 14.37 -4.23 7.79
CA ASN A 22 14.26 -3.03 6.98
C ASN A 22 14.84 -3.26 5.58
N LEU A 23 14.10 -4.00 4.76
CA LEU A 23 14.54 -4.30 3.41
C LEU A 23 13.48 -3.87 2.38
N ARG A 24 13.56 -2.63 1.94
CA ARG A 24 12.61 -2.10 0.96
C ARG A 24 12.23 -3.16 -0.05
N LYS A 25 11.03 -3.72 0.11
CA LYS A 25 10.54 -4.76 -0.78
C LYS A 25 9.55 -4.18 -1.79
N ARG A 26 9.90 -4.25 -3.07
CA ARG A 26 9.04 -3.74 -4.13
C ARG A 26 8.39 -4.88 -4.90
N HIS A 27 7.07 -4.98 -4.79
CA HIS A 27 6.32 -6.03 -5.47
C HIS A 27 5.05 -5.46 -6.10
N TYR A 28 4.48 -6.22 -7.03
CA TYR A 28 3.26 -5.78 -7.71
C TYR A 28 2.07 -5.81 -6.76
N TRP A 29 1.86 -4.70 -6.06
CA TRP A 29 0.75 -4.60 -5.11
C TRP A 29 -0.58 -4.52 -5.84
N ARG A 30 -1.49 -5.45 -5.52
CA ARG A 30 -2.80 -5.49 -6.15
C ARG A 30 -3.90 -5.59 -5.10
N LEU A 31 -4.88 -4.70 -5.18
CA LEU A 31 -5.99 -4.69 -4.24
C LEU A 31 -7.31 -4.96 -4.96
N ASP A 32 -8.15 -5.80 -4.35
CA ASP A 32 -9.44 -6.13 -4.92
C ASP A 32 -10.54 -6.14 -3.85
N SER A 33 -11.78 -6.23 -4.29
CA SER A 33 -12.91 -6.25 -3.36
C SER A 33 -12.82 -7.44 -2.40
N LYS A 34 -11.93 -8.36 -2.71
CA LYS A 34 -11.74 -9.55 -1.88
C LYS A 34 -10.63 -9.32 -0.87
N CYS A 35 -9.38 -9.30 -1.36
CA CYS A 35 -8.23 -9.09 -0.49
C CYS A 35 -7.05 -8.54 -1.28
N LEU A 36 -6.07 -7.98 -0.58
CA LEU A 36 -4.90 -7.42 -1.22
C LEU A 36 -3.84 -8.51 -1.47
N THR A 37 -3.69 -8.89 -2.73
CA THR A 37 -2.73 -9.91 -3.11
C THR A 37 -1.41 -9.29 -3.55
N LEU A 38 -0.32 -10.01 -3.34
CA LEU A 38 1.01 -9.53 -3.71
C LEU A 38 1.65 -10.46 -4.74
N PHE A 39 2.42 -9.87 -5.66
CA PHE A 39 3.08 -10.64 -6.71
C PHE A 39 4.50 -10.14 -6.93
N GLN A 40 5.48 -10.96 -6.59
CA GLN A 40 6.88 -10.61 -6.74
C GLN A 40 7.14 -10.04 -8.14
N ASN A 41 6.63 -10.73 -9.15
CA ASN A 41 6.81 -10.30 -10.53
C ASN A 41 5.47 -10.02 -11.20
N GLU A 42 5.52 -9.53 -12.43
CA GLU A 42 4.29 -9.22 -13.17
C GLU A 42 3.97 -10.33 -14.17
N SER A 43 4.28 -11.56 -13.79
CA SER A 43 4.03 -12.71 -14.66
C SER A 43 2.87 -13.55 -14.12
N GLY A 44 2.37 -14.46 -14.94
CA GLY A 44 1.27 -15.31 -14.54
C GLY A 44 1.74 -16.53 -13.76
N SER A 45 1.98 -16.35 -12.47
CA SER A 45 2.44 -17.43 -11.62
C SER A 45 1.82 -17.34 -10.22
N LYS A 46 1.80 -18.46 -9.51
CA LYS A 46 1.23 -18.50 -8.17
C LYS A 46 1.50 -17.19 -7.43
N TYR A 47 0.57 -16.81 -6.55
CA TYR A 47 0.70 -15.58 -5.78
C TYR A 47 1.87 -15.66 -4.82
N TYR A 48 2.08 -14.60 -4.05
CA TYR A 48 3.17 -14.55 -3.08
C TYR A 48 2.64 -14.38 -1.66
N LYS A 49 1.88 -13.31 -1.45
CA LYS A 49 1.31 -13.03 -0.14
C LYS A 49 -0.14 -12.54 -0.27
N GLU A 50 -0.95 -12.89 0.72
CA GLU A 50 -2.37 -12.49 0.72
C GLU A 50 -2.70 -11.66 1.95
N ILE A 51 -3.31 -10.50 1.74
CA ILE A 51 -3.68 -9.63 2.84
C ILE A 51 -5.17 -9.26 2.78
N PRO A 52 -6.00 -10.04 3.47
CA PRO A 52 -7.44 -9.83 3.52
C PRO A 52 -7.82 -8.57 4.28
N LEU A 53 -8.64 -7.72 3.67
CA LEU A 53 -9.07 -6.49 4.30
C LEU A 53 -9.23 -6.67 5.81
N SER A 54 -9.68 -7.84 6.21
CA SER A 54 -9.88 -8.14 7.63
C SER A 54 -8.58 -7.97 8.41
N GLU A 55 -7.54 -8.67 7.98
CA GLU A 55 -6.24 -8.60 8.63
C GLU A 55 -5.95 -7.17 9.10
N ILE A 56 -5.92 -6.24 8.15
CA ILE A 56 -5.65 -4.84 8.45
C ILE A 56 -6.56 -4.35 9.58
N LEU A 57 -5.94 -3.89 10.67
CA LEU A 57 -6.69 -3.39 11.81
C LEU A 57 -7.03 -1.91 11.64
N ARG A 58 -6.00 -1.09 11.44
CA ARG A 58 -6.20 0.34 11.26
C ARG A 58 -4.92 1.00 10.76
N ILE A 59 -5.04 2.27 10.35
CA ILE A 59 -3.89 3.02 9.86
C ILE A 59 -3.38 4.00 10.89
N SER A 60 -2.07 4.05 11.07
CA SER A 60 -1.45 4.96 12.03
C SER A 60 -0.84 6.17 11.33
N SER A 61 -0.67 7.25 12.09
CA SER A 61 -0.11 8.47 11.54
C SER A 61 1.42 8.39 11.46
N PRO A 62 2.01 9.24 10.61
CA PRO A 62 3.47 9.28 10.42
C PRO A 62 4.20 9.82 11.64
N ARG A 63 3.45 10.13 12.68
CA ARG A 63 4.02 10.67 13.91
C ARG A 63 5.16 9.78 14.40
N ASP A 64 4.97 8.47 14.32
CA ASP A 64 5.97 7.51 14.77
C ASP A 64 7.15 7.48 13.80
N PHE A 65 8.31 7.93 14.27
CA PHE A 65 9.51 7.96 13.44
C PHE A 65 10.68 7.26 14.15
N THR A 66 10.38 6.15 14.81
CA THR A 66 11.40 5.40 15.53
C THR A 66 12.07 4.38 14.62
N ASN A 67 11.27 3.69 13.83
CA ASN A 67 11.79 2.68 12.91
C ASN A 67 13.10 3.14 12.29
N ILE A 68 13.16 4.39 11.86
CA ILE A 68 14.36 4.95 11.25
C ILE A 68 14.93 6.09 12.10
N SER A 69 16.10 6.57 11.72
CA SER A 69 16.76 7.65 12.45
C SER A 69 16.84 8.90 11.58
N GLN A 70 17.34 8.74 10.36
CA GLN A 70 17.48 9.86 9.44
C GLN A 70 17.69 9.36 8.01
N GLY A 71 17.24 10.16 7.04
CA GLY A 71 17.38 9.78 5.64
C GLY A 71 16.27 10.35 4.77
N SER A 72 16.07 9.75 3.61
CA SER A 72 15.04 10.20 2.68
C SER A 72 14.09 9.06 2.32
N ASN A 73 13.14 9.35 1.45
CA ASN A 73 12.16 8.36 1.02
C ASN A 73 11.31 7.88 2.21
N PRO A 74 10.70 8.83 2.91
CA PRO A 74 9.86 8.53 4.07
C PRO A 74 8.55 7.85 3.68
N HIS A 75 7.87 7.27 4.66
CA HIS A 75 6.60 6.58 4.42
C HIS A 75 5.42 7.52 4.64
N CYS A 76 4.30 7.22 3.99
CA CYS A 76 3.10 8.04 4.12
C CYS A 76 2.15 7.44 5.15
N PHE A 77 1.99 6.12 5.12
CA PHE A 77 1.11 5.43 6.04
C PHE A 77 1.74 4.14 6.55
N GLU A 78 1.04 3.44 7.43
CA GLU A 78 1.54 2.19 8.00
C GLU A 78 0.40 1.20 8.19
N ILE A 79 0.56 0.02 7.60
CA ILE A 79 -0.45 -1.03 7.71
C ILE A 79 -0.21 -1.91 8.93
N ILE A 80 -0.97 -1.67 9.99
CA ILE A 80 -0.83 -2.43 11.22
C ILE A 80 -1.73 -3.67 11.20
N THR A 81 -1.12 -4.83 11.00
CA THR A 81 -1.87 -6.08 10.95
C THR A 81 -1.66 -6.89 12.23
N ASP A 82 -2.38 -8.01 12.34
CA ASP A 82 -2.27 -8.87 13.50
C ASP A 82 -0.89 -9.54 13.57
N THR A 83 -0.39 -9.95 12.40
CA THR A 83 0.91 -10.60 12.33
C THR A 83 2.02 -9.65 12.72
N MET A 84 2.25 -8.62 11.89
CA MET A 84 3.28 -7.64 12.14
C MET A 84 2.93 -6.30 11.51
N VAL A 85 3.69 -5.27 11.86
CA VAL A 85 3.46 -3.92 11.33
C VAL A 85 4.23 -3.70 10.04
N TYR A 86 3.56 -3.12 9.05
CA TYR A 86 4.18 -2.85 7.75
C TYR A 86 4.17 -1.36 7.44
N PHE A 87 5.21 -0.89 6.76
CA PHE A 87 5.32 0.51 6.40
C PHE A 87 5.41 0.68 4.88
N VAL A 88 4.39 1.29 4.30
CA VAL A 88 4.35 1.52 2.86
C VAL A 88 4.38 3.01 2.53
N GLY A 89 5.08 3.37 1.47
CA GLY A 89 5.17 4.76 1.07
C GLY A 89 6.59 5.18 0.78
N GLU A 90 6.84 5.68 -0.43
CA GLU A 90 8.17 6.12 -0.83
C GLU A 90 8.10 7.48 -1.51
N ASN A 91 8.39 8.53 -0.75
CA ASN A 91 8.36 9.89 -1.29
C ASN A 91 9.77 10.39 -1.58
N ASN A 92 10.09 10.52 -2.86
CA ASN A 92 11.41 10.99 -3.29
C ASN A 92 11.52 12.50 -3.14
N GLY A 93 10.55 13.22 -3.69
CA GLY A 93 10.55 14.66 -3.61
C GLY A 93 9.26 15.28 -4.10
N ASP A 94 9.25 15.76 -5.34
CA ASP A 94 8.07 16.38 -5.92
C ASP A 94 7.44 15.46 -6.96
N SER A 95 6.51 14.61 -6.52
CA SER A 95 5.84 13.67 -7.42
C SER A 95 4.33 13.94 -7.43
N SER A 96 3.96 15.21 -7.48
CA SER A 96 2.55 15.60 -7.51
C SER A 96 1.86 15.07 -8.75
N HIS A 97 2.40 15.42 -9.92
CA HIS A 97 1.85 14.97 -11.19
C HIS A 97 2.87 14.18 -11.99
N ASN A 98 3.04 12.92 -11.64
CA ASN A 98 4.00 12.05 -12.33
C ASN A 98 3.34 10.74 -12.75
N PRO A 99 2.58 10.80 -13.86
CA PRO A 99 1.88 9.62 -14.40
C PRO A 99 2.84 8.59 -14.98
N VAL A 100 4.10 8.97 -15.10
CA VAL A 100 5.12 8.08 -15.64
C VAL A 100 5.81 7.30 -14.53
N LEU A 101 6.13 7.98 -13.44
CA LEU A 101 6.80 7.34 -12.31
C LEU A 101 5.92 6.26 -11.70
N ALA A 102 4.65 6.59 -11.48
CA ALA A 102 3.70 5.63 -10.91
C ALA A 102 3.98 4.21 -11.40
N ALA A 103 4.30 4.08 -12.68
CA ALA A 103 4.59 2.77 -13.27
C ALA A 103 5.54 1.98 -12.38
N THR A 104 6.62 2.62 -11.94
CA THR A 104 7.60 1.98 -11.09
C THR A 104 7.12 1.92 -9.64
N GLY A 105 6.59 3.03 -9.16
CA GLY A 105 6.10 3.10 -7.80
C GLY A 105 6.90 4.03 -6.93
N VAL A 106 7.30 5.17 -7.50
CA VAL A 106 8.09 6.15 -6.77
C VAL A 106 7.41 7.52 -6.79
N GLY A 107 6.71 7.84 -5.71
CA GLY A 107 6.02 9.12 -5.61
C GLY A 107 4.97 9.13 -4.53
N LEU A 108 4.63 10.33 -4.07
CA LEU A 108 3.62 10.48 -3.01
C LEU A 108 2.21 10.38 -3.59
N ASP A 109 1.96 11.12 -4.66
CA ASP A 109 0.65 11.10 -5.31
C ASP A 109 0.07 9.70 -5.35
N VAL A 110 0.81 8.78 -5.95
CA VAL A 110 0.38 7.39 -6.05
C VAL A 110 0.08 6.80 -4.67
N ALA A 111 0.97 7.07 -3.72
CA ALA A 111 0.81 6.57 -2.36
C ALA A 111 -0.51 7.04 -1.75
N GLN A 112 -0.77 8.35 -1.85
CA GLN A 112 -2.00 8.93 -1.31
C GLN A 112 -3.22 8.16 -1.80
N SER A 113 -3.25 7.88 -3.11
CA SER A 113 -4.37 7.16 -3.71
C SER A 113 -4.52 5.77 -3.08
N TRP A 114 -3.39 5.09 -2.88
CA TRP A 114 -3.40 3.76 -2.29
C TRP A 114 -3.87 3.81 -0.84
N GLU A 115 -3.19 4.61 -0.03
CA GLU A 115 -3.55 4.74 1.38
C GLU A 115 -5.05 4.72 1.57
N LYS A 116 -5.75 5.51 0.76
CA LYS A 116 -7.21 5.60 0.84
C LYS A 116 -7.85 4.32 0.31
N ALA A 117 -7.59 4.01 -0.96
CA ALA A 117 -8.14 2.81 -1.58
C ALA A 117 -8.14 1.64 -0.60
N ILE A 118 -6.99 1.40 0.03
CA ILE A 118 -6.86 0.30 0.98
C ILE A 118 -7.80 0.50 2.17
N ARG A 119 -7.84 1.72 2.70
CA ARG A 119 -8.69 2.04 3.83
C ARG A 119 -10.16 1.83 3.49
N GLN A 120 -10.66 2.64 2.55
CA GLN A 120 -12.05 2.54 2.13
C GLN A 120 -12.50 1.09 2.03
N ALA A 121 -11.67 0.27 1.39
CA ALA A 121 -11.98 -1.15 1.22
C ALA A 121 -12.57 -1.73 2.50
N LEU A 122 -11.95 -1.41 3.63
CA LEU A 122 -12.42 -1.91 4.93
C LEU A 122 -13.92 -1.64 5.10
N MET A 123 -14.37 -0.47 4.67
CA MET A 123 -15.77 -0.11 4.77
C MET A 123 -16.62 -0.96 3.83
N SER A 124 -16.37 -0.83 2.53
CA SER A 124 -17.11 -1.58 1.53
C SER A 124 -17.14 -3.07 1.88
N GLY A 125 -18.14 -3.78 1.35
CA GLY A 125 -18.25 -5.21 1.61
C GLY A 125 -19.70 -5.66 1.67
N PRO A 126 -19.99 -6.78 0.98
CA PRO A 126 -21.34 -7.35 0.94
C PRO A 126 -21.76 -7.94 2.28
N SER A 127 -20.82 -8.02 3.21
CA SER A 127 -21.10 -8.57 4.53
C SER A 127 -21.75 -7.53 5.43
N SER A 128 -22.16 -7.95 6.62
CA SER A 128 -22.80 -7.04 7.58
C SER A 128 -21.93 -6.87 8.82
N GLY A 129 -22.41 -6.05 9.75
CA GLY A 129 -21.67 -5.81 10.98
C GLY A 129 -21.81 -4.39 11.47
N GLY A 1 -29.87 -12.16 -10.66
CA GLY A 1 -28.74 -12.93 -11.17
C GLY A 1 -27.87 -13.49 -10.05
N SER A 2 -27.49 -14.76 -10.19
CA SER A 2 -26.65 -15.40 -9.19
C SER A 2 -25.56 -14.47 -8.70
N SER A 3 -25.09 -14.69 -7.48
CA SER A 3 -24.04 -13.87 -6.89
C SER A 3 -22.70 -14.12 -7.59
N GLY A 4 -21.77 -13.18 -7.43
CA GLY A 4 -20.47 -13.31 -8.06
C GLY A 4 -19.85 -11.97 -8.39
N SER A 5 -18.56 -11.83 -8.12
CA SER A 5 -17.84 -10.59 -8.40
C SER A 5 -16.34 -10.83 -8.49
N SER A 6 -15.82 -10.77 -9.71
CA SER A 6 -14.39 -10.99 -9.94
C SER A 6 -13.82 -9.90 -10.85
N GLY A 7 -13.14 -8.93 -10.24
CA GLY A 7 -12.55 -7.85 -11.00
C GLY A 7 -11.40 -7.17 -10.26
N MET A 8 -10.84 -6.14 -10.88
CA MET A 8 -9.73 -5.41 -10.28
C MET A 8 -10.09 -3.94 -10.09
N VAL A 9 -9.44 -3.30 -9.12
CA VAL A 9 -9.69 -1.89 -8.84
C VAL A 9 -8.40 -1.09 -8.86
N LYS A 10 -7.40 -1.56 -8.11
CA LYS A 10 -6.10 -0.90 -8.04
C LYS A 10 -4.97 -1.91 -8.03
N GLU A 11 -3.87 -1.57 -8.70
CA GLU A 11 -2.72 -2.45 -8.77
C GLU A 11 -1.46 -1.68 -9.19
N GLY A 12 -0.30 -2.25 -8.92
CA GLY A 12 0.95 -1.61 -9.27
C GLY A 12 2.07 -1.95 -8.32
N TRP A 13 3.31 -1.74 -8.75
CA TRP A 13 4.47 -2.03 -7.93
C TRP A 13 4.62 -1.01 -6.81
N MET A 14 5.12 -1.45 -5.67
CA MET A 14 5.30 -0.57 -4.52
C MET A 14 6.34 -1.13 -3.56
N VAL A 15 6.85 -0.28 -2.67
CA VAL A 15 7.86 -0.70 -1.70
C VAL A 15 7.34 -0.57 -0.28
N HIS A 16 7.78 -1.47 0.59
CA HIS A 16 7.36 -1.46 1.98
C HIS A 16 8.41 -2.11 2.88
N TYR A 17 8.38 -1.78 4.16
CA TYR A 17 9.34 -2.33 5.12
C TYR A 17 8.63 -2.75 6.40
N THR A 18 9.17 -3.78 7.05
CA THR A 18 8.60 -4.28 8.30
C THR A 18 9.10 -3.50 9.49
N SER A 19 8.39 -3.60 10.62
CA SER A 19 8.78 -2.89 11.83
C SER A 19 10.06 -3.46 12.41
N ARG A 20 10.15 -4.79 12.47
CA ARG A 20 11.32 -5.46 13.01
C ARG A 20 12.52 -5.28 12.08
N ASP A 21 12.34 -5.63 10.82
CA ASP A 21 13.42 -5.50 9.83
C ASP A 21 13.17 -4.31 8.91
N ASN A 22 14.17 -3.43 8.81
CA ASN A 22 14.06 -2.25 7.97
C ASN A 22 14.44 -2.56 6.53
N LEU A 23 14.31 -3.83 6.15
CA LEU A 23 14.64 -4.25 4.79
C LEU A 23 13.51 -3.94 3.83
N ARG A 24 13.68 -2.86 3.06
CA ARG A 24 12.66 -2.45 2.10
C ARG A 24 12.56 -3.46 0.95
N LYS A 25 11.34 -3.83 0.60
CA LYS A 25 11.10 -4.79 -0.47
C LYS A 25 10.14 -4.22 -1.50
N ARG A 26 10.39 -4.52 -2.78
CA ARG A 26 9.54 -4.04 -3.86
C ARG A 26 8.86 -5.19 -4.57
N HIS A 27 7.53 -5.15 -4.63
CA HIS A 27 6.76 -6.21 -5.28
C HIS A 27 5.49 -5.64 -5.90
N TYR A 28 4.91 -6.38 -6.84
CA TYR A 28 3.69 -5.95 -7.51
C TYR A 28 2.49 -6.03 -6.58
N TRP A 29 2.16 -4.92 -5.95
CA TRP A 29 1.02 -4.86 -5.02
C TRP A 29 -0.28 -4.69 -5.78
N ARG A 30 -1.23 -5.59 -5.53
CA ARG A 30 -2.53 -5.52 -6.18
C ARG A 30 -3.66 -5.57 -5.16
N LEU A 31 -4.61 -4.64 -5.30
CA LEU A 31 -5.75 -4.57 -4.39
C LEU A 31 -7.06 -4.61 -5.15
N ASP A 32 -8.08 -5.23 -4.56
CA ASP A 32 -9.39 -5.33 -5.18
C ASP A 32 -10.49 -5.21 -4.14
N SER A 33 -11.74 -5.16 -4.61
CA SER A 33 -12.89 -5.03 -3.72
C SER A 33 -13.03 -6.27 -2.84
N LYS A 34 -12.18 -7.27 -3.09
CA LYS A 34 -12.21 -8.51 -2.32
C LYS A 34 -11.12 -8.51 -1.26
N CYS A 35 -9.87 -8.65 -1.70
CA CYS A 35 -8.73 -8.67 -0.80
C CYS A 35 -7.44 -8.28 -1.53
N LEU A 36 -6.43 -7.90 -0.77
CA LEU A 36 -5.15 -7.50 -1.34
C LEU A 36 -4.27 -8.72 -1.61
N THR A 37 -3.38 -8.60 -2.59
CA THR A 37 -2.48 -9.68 -2.94
C THR A 37 -1.10 -9.16 -3.34
N LEU A 38 -0.10 -10.03 -3.29
CA LEU A 38 1.26 -9.66 -3.66
C LEU A 38 1.82 -10.60 -4.71
N PHE A 39 2.71 -10.07 -5.55
CA PHE A 39 3.33 -10.86 -6.61
C PHE A 39 4.83 -10.60 -6.68
N GLN A 40 5.60 -11.63 -7.04
CA GLN A 40 7.04 -11.51 -7.15
C GLN A 40 7.44 -10.90 -8.48
N ASN A 41 6.90 -11.46 -9.56
CA ASN A 41 7.21 -10.97 -10.90
C ASN A 41 5.95 -10.92 -11.76
N GLU A 42 6.08 -10.38 -12.98
CA GLU A 42 4.95 -10.26 -13.89
C GLU A 42 5.13 -11.19 -15.09
N SER A 43 5.79 -12.32 -14.87
CA SER A 43 6.04 -13.28 -15.94
C SER A 43 5.15 -14.51 -15.77
N GLY A 44 3.88 -14.28 -15.47
CA GLY A 44 2.94 -15.37 -15.29
C GLY A 44 3.42 -16.38 -14.26
N SER A 45 2.95 -16.22 -13.02
CA SER A 45 3.34 -17.12 -11.94
C SER A 45 2.35 -17.02 -10.78
N LYS A 46 2.45 -17.96 -9.84
CA LYS A 46 1.58 -17.99 -8.69
C LYS A 46 1.87 -16.81 -7.75
N TYR A 47 0.83 -16.31 -7.10
CA TYR A 47 0.98 -15.18 -6.19
C TYR A 47 1.98 -15.51 -5.08
N TYR A 48 2.55 -14.47 -4.48
CA TYR A 48 3.51 -14.64 -3.41
C TYR A 48 2.83 -14.67 -2.05
N LYS A 49 1.96 -13.70 -1.81
CA LYS A 49 1.23 -13.60 -0.55
C LYS A 49 -0.13 -12.95 -0.75
N GLU A 50 -0.96 -12.99 0.28
CA GLU A 50 -2.29 -12.40 0.22
C GLU A 50 -2.66 -11.75 1.55
N ILE A 51 -3.23 -10.55 1.47
CA ILE A 51 -3.63 -9.82 2.67
C ILE A 51 -5.08 -9.36 2.57
N PRO A 52 -6.00 -10.17 3.11
CA PRO A 52 -7.43 -9.86 3.09
C PRO A 52 -7.79 -8.70 4.01
N LEU A 53 -8.65 -7.81 3.53
CA LEU A 53 -9.07 -6.65 4.31
C LEU A 53 -9.23 -7.01 5.78
N SER A 54 -9.62 -8.26 6.05
CA SER A 54 -9.81 -8.73 7.42
C SER A 54 -8.48 -8.76 8.17
N GLU A 55 -7.45 -9.29 7.50
CA GLU A 55 -6.13 -9.39 8.11
C GLU A 55 -5.73 -8.06 8.74
N ILE A 56 -5.84 -6.97 7.98
CA ILE A 56 -5.49 -5.65 8.47
C ILE A 56 -6.47 -5.18 9.53
N LEU A 57 -5.96 -4.46 10.53
CA LEU A 57 -6.78 -3.95 11.62
C LEU A 57 -7.08 -2.47 11.42
N ARG A 58 -6.02 -1.67 11.31
CA ARG A 58 -6.17 -0.23 11.12
C ARG A 58 -4.85 0.39 10.68
N ILE A 59 -4.89 1.69 10.39
CA ILE A 59 -3.69 2.42 9.97
C ILE A 59 -3.04 3.12 11.14
N SER A 60 -1.72 3.34 11.04
CA SER A 60 -0.97 4.00 12.10
C SER A 60 -1.26 5.50 12.11
N SER A 61 -0.84 6.17 13.17
CA SER A 61 -1.05 7.61 13.31
C SER A 61 0.16 8.39 12.81
N PRO A 62 -0.05 9.68 12.52
CA PRO A 62 1.02 10.57 12.03
C PRO A 62 2.05 10.88 13.11
N ARG A 63 1.74 10.49 14.35
CA ARG A 63 2.64 10.72 15.47
C ARG A 63 3.99 10.07 15.24
N ASP A 64 3.99 8.94 14.53
CA ASP A 64 5.21 8.22 14.23
C ASP A 64 6.16 9.07 13.39
N PHE A 65 7.22 9.57 14.01
CA PHE A 65 8.20 10.41 13.32
C PHE A 65 9.61 9.91 13.59
N THR A 66 9.82 8.60 13.42
CA THR A 66 11.12 8.00 13.65
C THR A 66 11.74 7.53 12.33
N ASN A 67 11.03 7.77 11.23
CA ASN A 67 11.51 7.36 9.91
C ASN A 67 11.83 8.59 9.06
N ILE A 68 12.46 9.59 9.67
CA ILE A 68 12.83 10.81 8.97
C ILE A 68 14.34 10.95 8.87
N SER A 69 15.06 10.00 9.45
CA SER A 69 16.51 10.02 9.42
C SER A 69 17.03 10.28 8.01
N GLN A 70 18.34 10.40 7.89
CA GLN A 70 18.98 10.66 6.60
C GLN A 70 18.20 9.98 5.47
N GLY A 71 17.40 10.75 4.75
CA GLY A 71 16.61 10.20 3.66
C GLY A 71 15.30 10.93 3.47
N SER A 72 15.18 11.65 2.36
CA SER A 72 13.96 12.40 2.06
C SER A 72 12.91 11.51 1.44
N ASN A 73 12.70 10.33 2.04
CA ASN A 73 11.72 9.38 1.53
C ASN A 73 10.85 8.84 2.67
N PRO A 74 9.94 9.68 3.16
CA PRO A 74 9.03 9.31 4.25
C PRO A 74 8.00 8.27 3.82
N HIS A 75 6.99 8.06 4.67
CA HIS A 75 5.95 7.09 4.37
C HIS A 75 4.57 7.75 4.40
N CYS A 76 3.68 7.32 3.51
CA CYS A 76 2.33 7.88 3.44
C CYS A 76 1.45 7.30 4.54
N PHE A 77 1.45 5.97 4.65
CA PHE A 77 0.64 5.28 5.65
C PHE A 77 1.29 3.96 6.06
N GLU A 78 0.69 3.31 7.05
CA GLU A 78 1.22 2.03 7.54
C GLU A 78 0.09 1.01 7.72
N ILE A 79 0.39 -0.24 7.43
CA ILE A 79 -0.60 -1.32 7.55
C ILE A 79 -0.33 -2.16 8.80
N ILE A 80 -1.02 -1.84 9.88
CA ILE A 80 -0.88 -2.57 11.13
C ILE A 80 -1.64 -3.89 11.09
N THR A 81 -0.91 -4.99 10.99
CA THR A 81 -1.52 -6.32 10.95
C THR A 81 -1.12 -7.15 12.17
N ASP A 82 -2.03 -8.02 12.60
CA ASP A 82 -1.77 -8.88 13.75
C ASP A 82 -0.34 -9.40 13.73
N THR A 83 0.03 -10.06 12.63
CA THR A 83 1.36 -10.62 12.49
C THR A 83 2.43 -9.59 12.84
N MET A 84 2.49 -8.52 12.07
CA MET A 84 3.46 -7.46 12.30
C MET A 84 3.03 -6.15 11.65
N VAL A 85 3.72 -5.06 11.96
CA VAL A 85 3.40 -3.76 11.40
C VAL A 85 4.19 -3.50 10.12
N TYR A 86 3.49 -3.04 9.09
CA TYR A 86 4.12 -2.75 7.80
C TYR A 86 4.06 -1.27 7.48
N PHE A 87 4.99 -0.81 6.66
CA PHE A 87 5.05 0.60 6.27
C PHE A 87 5.14 0.74 4.75
N VAL A 88 4.09 1.28 4.16
CA VAL A 88 4.05 1.48 2.70
C VAL A 88 4.10 2.96 2.35
N GLY A 89 4.94 3.29 1.37
CA GLY A 89 5.08 4.68 0.95
C GLY A 89 6.51 5.14 0.89
N GLU A 90 7.01 5.37 -0.32
CA GLU A 90 8.39 5.80 -0.50
C GLU A 90 8.46 6.95 -1.50
N ASN A 91 8.74 8.16 -1.00
CA ASN A 91 8.83 9.33 -1.86
C ASN A 91 10.28 9.62 -2.24
N ASN A 92 10.54 9.76 -3.53
CA ASN A 92 11.89 10.02 -4.02
C ASN A 92 12.00 11.44 -4.56
N GLY A 93 10.89 11.95 -5.11
CA GLY A 93 10.87 13.30 -5.65
C GLY A 93 12.16 13.63 -6.39
N ASP A 94 12.19 13.34 -7.68
CA ASP A 94 13.38 13.61 -8.49
C ASP A 94 13.31 15.03 -9.08
N SER A 95 12.13 15.40 -9.56
CA SER A 95 11.94 16.71 -10.17
C SER A 95 10.55 17.25 -9.85
N SER A 96 10.34 18.53 -10.14
CA SER A 96 9.05 19.18 -9.89
C SER A 96 7.91 18.19 -10.11
N HIS A 97 7.82 17.67 -11.33
CA HIS A 97 6.77 16.72 -11.68
C HIS A 97 7.25 15.73 -12.74
N ASN A 98 7.41 14.48 -12.36
CA ASN A 98 7.87 13.45 -13.28
C ASN A 98 6.90 12.26 -13.30
N PRO A 99 6.40 11.93 -14.51
CA PRO A 99 5.46 10.82 -14.69
C PRO A 99 6.12 9.47 -14.47
N VAL A 100 7.44 9.47 -14.35
CA VAL A 100 8.19 8.23 -14.13
C VAL A 100 7.91 7.65 -12.75
N LEU A 101 8.08 8.47 -11.72
CA LEU A 101 7.85 8.05 -10.35
C LEU A 101 6.57 7.21 -10.25
N ALA A 102 5.54 7.64 -10.95
CA ALA A 102 4.25 6.93 -10.94
C ALA A 102 4.32 5.70 -11.84
N ALA A 103 4.90 5.85 -13.02
CA ALA A 103 5.01 4.74 -13.96
C ALA A 103 5.34 3.44 -13.23
N THR A 104 6.32 3.49 -12.34
CA THR A 104 6.72 2.32 -11.57
C THR A 104 5.86 2.15 -10.33
N GLY A 105 5.73 3.22 -9.56
CA GLY A 105 4.94 3.16 -8.34
C GLY A 105 5.72 3.58 -7.12
N VAL A 106 6.57 4.58 -7.27
CA VAL A 106 7.38 5.07 -6.17
C VAL A 106 7.21 6.58 -5.97
N GLY A 107 6.23 6.94 -5.15
CA GLY A 107 5.98 8.35 -4.88
C GLY A 107 4.84 8.56 -3.91
N LEU A 108 4.62 9.81 -3.51
CA LEU A 108 3.55 10.14 -2.57
C LEU A 108 2.23 10.34 -3.30
N ASP A 109 2.24 11.16 -4.34
CA ASP A 109 1.05 11.43 -5.12
C ASP A 109 0.28 10.15 -5.39
N VAL A 110 0.93 9.17 -6.02
CA VAL A 110 0.31 7.89 -6.33
C VAL A 110 -0.19 7.20 -5.06
N ALA A 111 0.58 7.33 -3.98
CA ALA A 111 0.22 6.71 -2.72
C ALA A 111 -1.09 7.29 -2.18
N GLN A 112 -1.19 8.61 -2.16
CA GLN A 112 -2.39 9.29 -1.68
C GLN A 112 -3.65 8.56 -2.14
N SER A 113 -3.66 8.16 -3.41
CA SER A 113 -4.80 7.46 -3.99
C SER A 113 -4.97 6.08 -3.34
N TRP A 114 -3.87 5.35 -3.23
CA TRP A 114 -3.89 4.02 -2.63
C TRP A 114 -4.53 4.06 -1.24
N GLU A 115 -3.88 4.76 -0.32
CA GLU A 115 -4.38 4.87 1.04
C GLU A 115 -5.91 4.90 1.06
N LYS A 116 -6.48 5.75 0.21
CA LYS A 116 -7.93 5.87 0.13
C LYS A 116 -8.58 4.53 -0.23
N ALA A 117 -8.04 3.89 -1.26
CA ALA A 117 -8.56 2.60 -1.70
C ALA A 117 -8.51 1.57 -0.58
N ILE A 118 -7.33 1.36 -0.02
CA ILE A 118 -7.15 0.40 1.07
C ILE A 118 -8.05 0.74 2.26
N ARG A 119 -7.95 1.98 2.72
CA ARG A 119 -8.75 2.44 3.85
C ARG A 119 -10.24 2.24 3.58
N GLN A 120 -10.75 2.91 2.56
CA GLN A 120 -12.16 2.79 2.20
C GLN A 120 -12.64 1.36 2.33
N ALA A 121 -11.88 0.43 1.76
CA ALA A 121 -12.22 -0.98 1.80
C ALA A 121 -12.44 -1.44 3.24
N LEU A 122 -11.60 -0.96 4.15
CA LEU A 122 -11.70 -1.32 5.55
C LEU A 122 -13.04 -0.89 6.14
N MET A 123 -13.42 0.36 5.88
CA MET A 123 -14.67 0.90 6.37
C MET A 123 -15.80 -0.13 6.21
N SER A 124 -16.00 -0.59 4.98
CA SER A 124 -17.04 -1.57 4.70
C SER A 124 -17.14 -2.61 5.80
N GLY A 125 -16.01 -3.24 6.12
CA GLY A 125 -15.99 -4.25 7.16
C GLY A 125 -16.78 -5.49 6.78
N PRO A 126 -17.10 -6.32 7.79
CA PRO A 126 -17.86 -7.56 7.57
C PRO A 126 -19.31 -7.29 7.19
N SER A 127 -19.93 -8.28 6.54
CA SER A 127 -21.32 -8.15 6.11
C SER A 127 -22.27 -8.54 7.23
N SER A 128 -23.31 -7.73 7.41
CA SER A 128 -24.30 -7.99 8.46
C SER A 128 -25.71 -7.77 7.94
N GLY A 129 -26.57 -8.77 8.11
CA GLY A 129 -27.94 -8.66 7.65
C GLY A 129 -28.79 -7.77 8.55
N GLY A 1 -27.10 6.07 -10.86
CA GLY A 1 -26.59 6.53 -9.58
C GLY A 1 -25.09 6.32 -9.44
N SER A 2 -24.70 5.13 -9.00
CA SER A 2 -23.29 4.81 -8.81
C SER A 2 -22.92 3.54 -9.57
N SER A 3 -22.03 3.67 -10.55
CA SER A 3 -21.59 2.54 -11.35
C SER A 3 -21.03 1.43 -10.47
N GLY A 4 -20.26 1.82 -9.46
CA GLY A 4 -19.67 0.86 -8.55
C GLY A 4 -18.66 -0.04 -9.24
N SER A 5 -17.45 -0.10 -8.68
CA SER A 5 -16.39 -0.92 -9.25
C SER A 5 -16.48 -2.36 -8.77
N SER A 6 -16.03 -3.29 -9.59
CA SER A 6 -16.07 -4.71 -9.25
C SER A 6 -14.68 -5.33 -9.35
N GLY A 7 -14.42 -6.33 -8.50
CA GLY A 7 -13.14 -6.99 -8.51
C GLY A 7 -11.99 -6.04 -8.21
N MET A 8 -10.92 -6.14 -8.98
CA MET A 8 -9.76 -5.28 -8.80
C MET A 8 -10.17 -3.82 -8.64
N VAL A 9 -9.47 -3.11 -7.76
CA VAL A 9 -9.77 -1.70 -7.52
C VAL A 9 -8.52 -0.84 -7.67
N LYS A 10 -7.38 -1.38 -7.26
CA LYS A 10 -6.11 -0.67 -7.35
C LYS A 10 -4.94 -1.64 -7.46
N GLU A 11 -4.02 -1.36 -8.38
CA GLU A 11 -2.86 -2.20 -8.58
C GLU A 11 -1.67 -1.38 -9.10
N GLY A 12 -0.46 -1.81 -8.73
CA GLY A 12 0.73 -1.11 -9.16
C GLY A 12 1.98 -1.62 -8.49
N TRP A 13 3.14 -1.19 -8.99
CA TRP A 13 4.41 -1.62 -8.42
C TRP A 13 4.95 -0.59 -7.43
N MET A 14 5.22 -1.03 -6.21
CA MET A 14 5.74 -0.15 -5.18
C MET A 14 6.58 -0.92 -4.17
N VAL A 15 7.37 -0.19 -3.38
CA VAL A 15 8.22 -0.81 -2.37
C VAL A 15 7.61 -0.68 -0.98
N HIS A 16 8.04 -1.56 -0.08
CA HIS A 16 7.53 -1.54 1.29
C HIS A 16 8.54 -2.17 2.25
N TYR A 17 8.43 -1.83 3.53
CA TYR A 17 9.34 -2.35 4.54
C TYR A 17 8.62 -2.58 5.86
N THR A 18 9.30 -3.20 6.81
CA THR A 18 8.73 -3.48 8.12
C THR A 18 9.53 -2.80 9.23
N SER A 19 8.98 -2.82 10.44
CA SER A 19 9.65 -2.21 11.59
C SER A 19 10.82 -3.07 12.05
N ARG A 20 10.51 -4.22 12.61
CA ARG A 20 11.55 -5.14 13.10
C ARG A 20 12.75 -5.13 12.17
N ASP A 21 12.50 -5.31 10.87
CA ASP A 21 13.56 -5.33 9.88
C ASP A 21 13.37 -4.22 8.86
N ASN A 22 14.45 -3.47 8.59
CA ASN A 22 14.40 -2.37 7.63
C ASN A 22 14.65 -2.88 6.22
N LEU A 23 14.23 -4.11 5.94
CA LEU A 23 14.41 -4.71 4.63
C LEU A 23 13.29 -4.30 3.68
N ARG A 24 13.61 -3.44 2.72
CA ARG A 24 12.62 -2.98 1.75
C ARG A 24 12.57 -3.90 0.54
N LYS A 25 11.39 -4.02 -0.06
CA LYS A 25 11.20 -4.87 -1.23
C LYS A 25 10.17 -4.27 -2.17
N ARG A 26 10.39 -4.45 -3.47
CA ARG A 26 9.48 -3.93 -4.48
C ARG A 26 8.69 -5.05 -5.13
N HIS A 27 7.36 -4.94 -5.11
CA HIS A 27 6.49 -5.95 -5.70
C HIS A 27 5.22 -5.33 -6.24
N TYR A 28 4.50 -6.08 -7.06
CA TYR A 28 3.26 -5.59 -7.67
C TYR A 28 2.09 -5.75 -6.70
N TRP A 29 1.84 -4.70 -5.92
CA TRP A 29 0.74 -4.71 -4.96
C TRP A 29 -0.61 -4.79 -5.65
N ARG A 30 -1.40 -5.78 -5.29
CA ARG A 30 -2.72 -5.96 -5.88
C ARG A 30 -3.82 -5.75 -4.84
N LEU A 31 -4.78 -4.90 -5.17
CA LEU A 31 -5.89 -4.60 -4.28
C LEU A 31 -7.23 -4.81 -4.97
N ASP A 32 -8.14 -5.50 -4.31
CA ASP A 32 -9.46 -5.76 -4.87
C ASP A 32 -10.54 -5.58 -3.81
N SER A 33 -11.79 -5.88 -4.18
CA SER A 33 -12.91 -5.75 -3.26
C SER A 33 -13.00 -6.97 -2.34
N LYS A 34 -11.96 -7.78 -2.34
CA LYS A 34 -11.92 -8.97 -1.51
C LYS A 34 -10.78 -8.90 -0.49
N CYS A 35 -9.55 -8.89 -0.99
CA CYS A 35 -8.38 -8.81 -0.12
C CYS A 35 -7.18 -8.27 -0.88
N LEU A 36 -6.19 -7.77 -0.14
CA LEU A 36 -4.98 -7.22 -0.75
C LEU A 36 -3.93 -8.30 -0.95
N THR A 37 -3.72 -8.69 -2.20
CA THR A 37 -2.73 -9.72 -2.52
C THR A 37 -1.49 -9.11 -3.15
N LEU A 38 -0.35 -9.78 -2.96
CA LEU A 38 0.91 -9.30 -3.52
C LEU A 38 1.42 -10.26 -4.60
N PHE A 39 2.35 -9.77 -5.42
CA PHE A 39 2.92 -10.58 -6.49
C PHE A 39 4.38 -10.20 -6.73
N GLN A 40 5.26 -11.21 -6.75
CA GLN A 40 6.68 -10.98 -6.98
C GLN A 40 6.92 -10.26 -8.29
N ASN A 41 6.16 -10.65 -9.32
CA ASN A 41 6.29 -10.05 -10.64
C ASN A 41 5.18 -10.52 -11.57
N GLU A 42 4.95 -9.78 -12.65
CA GLU A 42 3.92 -10.13 -13.62
C GLU A 42 4.03 -11.59 -14.03
N SER A 43 5.26 -12.06 -14.21
CA SER A 43 5.50 -13.45 -14.61
C SER A 43 6.44 -14.14 -13.62
N GLY A 44 5.87 -14.93 -12.72
CA GLY A 44 6.68 -15.63 -11.75
C GLY A 44 5.87 -16.59 -10.89
N SER A 45 6.21 -16.68 -9.61
CA SER A 45 5.51 -17.56 -8.69
C SER A 45 4.00 -17.32 -8.76
N LYS A 46 3.25 -18.07 -7.95
CA LYS A 46 1.80 -17.93 -7.92
C LYS A 46 1.39 -16.64 -7.24
N TYR A 47 1.69 -16.53 -5.94
CA TYR A 47 1.36 -15.33 -5.18
C TYR A 47 2.30 -15.15 -4.00
N TYR A 48 2.77 -13.93 -3.80
CA TYR A 48 3.67 -13.62 -2.70
C TYR A 48 2.99 -13.82 -1.36
N LYS A 49 2.13 -12.88 -0.99
CA LYS A 49 1.40 -12.97 0.28
C LYS A 49 -0.01 -12.41 0.13
N GLU A 50 -0.89 -12.81 1.04
CA GLU A 50 -2.27 -12.35 1.01
C GLU A 50 -2.61 -11.53 2.25
N ILE A 51 -3.29 -10.41 2.05
CA ILE A 51 -3.67 -9.53 3.15
C ILE A 51 -5.16 -9.23 3.12
N PRO A 52 -5.95 -10.02 3.89
CA PRO A 52 -7.39 -9.85 3.96
C PRO A 52 -7.80 -8.58 4.70
N LEU A 53 -8.68 -7.80 4.10
CA LEU A 53 -9.14 -6.55 4.71
C LEU A 53 -9.38 -6.72 6.20
N SER A 54 -9.67 -7.96 6.61
CA SER A 54 -9.92 -8.27 8.01
C SER A 54 -8.65 -8.09 8.84
N GLU A 55 -7.55 -8.60 8.32
CA GLU A 55 -6.26 -8.51 9.01
C GLU A 55 -5.89 -7.05 9.28
N ILE A 56 -5.93 -6.23 8.24
CA ILE A 56 -5.60 -4.82 8.36
C ILE A 56 -6.45 -4.15 9.44
N LEU A 57 -5.95 -4.17 10.68
CA LEU A 57 -6.65 -3.57 11.80
C LEU A 57 -7.09 -2.15 11.46
N ARG A 58 -6.12 -1.29 11.20
CA ARG A 58 -6.41 0.11 10.86
C ARG A 58 -5.12 0.85 10.48
N ILE A 59 -5.27 2.10 10.08
CA ILE A 59 -4.13 2.92 9.69
C ILE A 59 -3.65 3.78 10.85
N SER A 60 -2.33 3.89 10.99
CA SER A 60 -1.74 4.69 12.06
C SER A 60 -1.06 5.93 11.50
N SER A 61 -0.47 6.73 12.39
CA SER A 61 0.21 7.95 11.99
C SER A 61 1.67 7.67 11.66
N PRO A 62 2.20 8.39 10.66
CA PRO A 62 3.59 8.24 10.21
C PRO A 62 4.58 8.77 11.24
N ARG A 63 4.07 9.23 12.37
CA ARG A 63 4.90 9.77 13.44
C ARG A 63 6.21 8.99 13.54
N ASP A 64 6.14 7.68 13.31
CA ASP A 64 7.32 6.83 13.38
C ASP A 64 8.28 7.13 12.24
N PHE A 65 9.37 7.82 12.55
CA PHE A 65 10.36 8.18 11.55
C PHE A 65 11.74 7.65 11.93
N THR A 66 11.99 7.57 13.24
CA THR A 66 13.27 7.08 13.74
C THR A 66 13.80 5.95 12.88
N ASN A 67 12.89 5.21 12.26
CA ASN A 67 13.27 4.08 11.40
C ASN A 67 14.38 4.48 10.44
N ILE A 68 14.20 5.63 9.79
CA ILE A 68 15.19 6.12 8.84
C ILE A 68 16.18 7.06 9.51
N SER A 69 17.11 7.60 8.73
CA SER A 69 18.12 8.52 9.26
C SER A 69 18.08 9.85 8.51
N GLN A 70 18.36 9.80 7.22
CA GLN A 70 18.36 11.00 6.39
C GLN A 70 16.94 11.38 5.98
N GLY A 71 16.22 10.43 5.39
CA GLY A 71 14.86 10.69 4.96
C GLY A 71 14.74 10.83 3.46
N SER A 72 15.43 9.96 2.73
CA SER A 72 15.40 9.99 1.27
C SER A 72 14.00 9.69 0.74
N ASN A 73 13.60 8.43 0.86
CA ASN A 73 12.28 8.00 0.39
C ASN A 73 11.46 7.42 1.54
N PRO A 74 10.87 8.31 2.35
CA PRO A 74 10.05 7.91 3.50
C PRO A 74 8.73 7.28 3.07
N HIS A 75 7.89 6.96 4.05
CA HIS A 75 6.60 6.34 3.77
C HIS A 75 5.47 7.35 3.97
N CYS A 76 4.24 6.92 3.67
CA CYS A 76 3.07 7.78 3.82
C CYS A 76 2.14 7.26 4.90
N PHE A 77 1.86 5.96 4.86
CA PHE A 77 0.98 5.34 5.83
C PHE A 77 1.59 4.03 6.35
N GLU A 78 1.02 3.52 7.44
CA GLU A 78 1.50 2.28 8.04
C GLU A 78 0.36 1.28 8.20
N ILE A 79 0.50 0.13 7.54
CA ILE A 79 -0.51 -0.92 7.60
C ILE A 79 -0.29 -1.81 8.82
N ILE A 80 -1.11 -1.61 9.85
CA ILE A 80 -1.02 -2.40 11.07
C ILE A 80 -1.83 -3.68 10.96
N THR A 81 -1.16 -4.82 11.11
CA THR A 81 -1.82 -6.11 11.03
C THR A 81 -1.54 -6.96 12.26
N ASP A 82 -2.44 -7.89 12.56
CA ASP A 82 -2.27 -8.77 13.71
C ASP A 82 -0.89 -9.40 13.72
N THR A 83 -0.23 -9.39 12.58
CA THR A 83 1.10 -9.97 12.45
C THR A 83 2.18 -8.93 12.75
N MET A 84 2.32 -7.96 11.86
CA MET A 84 3.31 -6.91 12.02
C MET A 84 2.92 -5.65 11.24
N VAL A 85 3.64 -4.56 11.49
CA VAL A 85 3.35 -3.30 10.81
C VAL A 85 4.14 -3.18 9.51
N TYR A 86 3.52 -2.60 8.50
CA TYR A 86 4.17 -2.42 7.21
C TYR A 86 4.21 -0.95 6.81
N PHE A 87 5.13 -0.62 5.90
CA PHE A 87 5.27 0.76 5.44
C PHE A 87 5.36 0.81 3.92
N VAL A 88 4.38 1.44 3.29
CA VAL A 88 4.34 1.57 1.84
C VAL A 88 4.49 3.01 1.40
N GLY A 89 5.27 3.24 0.36
CA GLY A 89 5.48 4.58 -0.15
C GLY A 89 6.94 4.92 -0.34
N GLU A 90 7.29 5.37 -1.54
CA GLU A 90 8.67 5.72 -1.86
C GLU A 90 8.74 7.07 -2.56
N ASN A 91 9.15 8.09 -1.82
CA ASN A 91 9.26 9.44 -2.37
C ASN A 91 10.52 9.57 -3.23
N ASN A 92 10.32 9.64 -4.54
CA ASN A 92 11.44 9.77 -5.47
C ASN A 92 11.63 11.22 -5.90
N GLY A 93 11.40 12.14 -4.97
CA GLY A 93 11.56 13.56 -5.27
C GLY A 93 10.95 13.93 -6.60
N ASP A 94 9.63 14.07 -6.64
CA ASP A 94 8.92 14.43 -7.87
C ASP A 94 7.92 15.55 -7.61
N SER A 95 7.84 16.48 -8.56
CA SER A 95 6.92 17.62 -8.43
C SER A 95 5.54 17.15 -7.97
N SER A 96 4.91 17.94 -7.11
CA SER A 96 3.59 17.61 -6.59
C SER A 96 2.54 17.68 -7.68
N HIS A 97 1.31 17.32 -7.34
CA HIS A 97 0.21 17.33 -8.29
C HIS A 97 0.60 16.61 -9.59
N ASN A 98 1.05 15.36 -9.44
CA ASN A 98 1.46 14.57 -10.60
C ASN A 98 0.76 13.22 -10.60
N PRO A 99 -0.54 13.23 -10.90
CA PRO A 99 -1.35 12.00 -10.94
C PRO A 99 -0.99 11.11 -12.12
N VAL A 100 0.01 11.51 -12.88
CA VAL A 100 0.46 10.75 -14.04
C VAL A 100 1.49 9.70 -13.64
N LEU A 101 2.48 10.11 -12.85
CA LEU A 101 3.52 9.20 -12.39
C LEU A 101 3.00 8.27 -11.30
N ALA A 102 1.95 8.72 -10.61
CA ALA A 102 1.36 7.91 -9.55
C ALA A 102 0.53 6.76 -10.12
N ALA A 103 -0.21 7.04 -11.18
CA ALA A 103 -1.04 6.03 -11.82
C ALA A 103 -0.30 4.69 -11.92
N THR A 104 0.98 4.75 -12.28
CA THR A 104 1.80 3.56 -12.41
C THR A 104 1.92 2.83 -11.08
N GLY A 105 2.23 3.58 -10.03
CA GLY A 105 2.38 2.99 -8.71
C GLY A 105 3.69 3.34 -8.06
N VAL A 106 4.33 4.39 -8.55
CA VAL A 106 5.62 4.83 -8.01
C VAL A 106 5.49 6.19 -7.34
N GLY A 107 6.48 6.54 -6.53
CA GLY A 107 6.47 7.82 -5.84
C GLY A 107 5.57 7.81 -4.62
N LEU A 108 5.70 8.82 -3.78
CA LEU A 108 4.89 8.93 -2.57
C LEU A 108 3.45 9.29 -2.91
N ASP A 109 3.28 10.22 -3.83
CA ASP A 109 1.96 10.66 -4.25
C ASP A 109 0.97 9.49 -4.25
N VAL A 110 1.23 8.50 -5.09
CA VAL A 110 0.38 7.32 -5.18
C VAL A 110 0.07 6.77 -3.79
N ALA A 111 1.04 6.84 -2.90
CA ALA A 111 0.88 6.34 -1.54
C ALA A 111 -0.49 6.75 -0.97
N GLN A 112 -0.76 8.05 -0.97
CA GLN A 112 -2.02 8.56 -0.46
C GLN A 112 -3.20 7.92 -1.18
N SER A 113 -3.11 7.85 -2.50
CA SER A 113 -4.18 7.26 -3.31
C SER A 113 -4.48 5.84 -2.86
N TRP A 114 -3.43 5.09 -2.54
CA TRP A 114 -3.58 3.71 -2.09
C TRP A 114 -4.31 3.65 -0.75
N GLU A 115 -3.63 4.06 0.31
CA GLU A 115 -4.21 4.05 1.64
C GLU A 115 -5.72 4.33 1.58
N LYS A 116 -6.07 5.43 0.92
CA LYS A 116 -7.48 5.81 0.79
C LYS A 116 -8.32 4.64 0.28
N ALA A 117 -7.80 3.95 -0.74
CA ALA A 117 -8.51 2.81 -1.31
C ALA A 117 -8.46 1.60 -0.37
N ILE A 118 -7.42 1.54 0.44
CA ILE A 118 -7.25 0.44 1.39
C ILE A 118 -8.36 0.45 2.44
N ARG A 119 -8.41 1.50 3.24
CA ARG A 119 -9.42 1.63 4.28
C ARG A 119 -10.82 1.68 3.68
N GLN A 120 -10.98 2.50 2.64
CA GLN A 120 -12.26 2.64 1.98
C GLN A 120 -12.85 1.28 1.61
N ALA A 121 -11.97 0.32 1.32
CA ALA A 121 -12.39 -1.02 0.96
C ALA A 121 -13.05 -1.73 2.14
N LEU A 122 -12.53 -1.46 3.34
CA LEU A 122 -13.06 -2.07 4.55
C LEU A 122 -14.51 -1.65 4.79
N MET A 123 -14.97 -0.69 3.99
CA MET A 123 -16.34 -0.20 4.11
C MET A 123 -17.28 -0.96 3.18
N SER A 124 -16.87 -1.11 1.93
CA SER A 124 -17.67 -1.81 0.94
C SER A 124 -17.95 -3.25 1.38
N GLY A 125 -19.19 -3.50 1.80
CA GLY A 125 -19.57 -4.83 2.25
C GLY A 125 -19.88 -4.87 3.73
N PRO A 126 -19.74 -6.06 4.33
CA PRO A 126 -20.02 -6.26 5.76
C PRO A 126 -18.97 -5.58 6.65
N SER A 127 -19.25 -5.53 7.95
CA SER A 127 -18.34 -4.92 8.90
C SER A 127 -18.65 -5.37 10.32
N SER A 128 -17.63 -5.34 11.18
CA SER A 128 -17.79 -5.75 12.56
C SER A 128 -17.76 -4.54 13.51
N GLY A 129 -18.48 -4.65 14.61
CA GLY A 129 -18.53 -3.56 15.58
C GLY A 129 -19.09 -2.29 14.98
N GLY A 1 -24.81 13.93 -6.38
CA GLY A 1 -24.15 12.65 -6.60
C GLY A 1 -23.45 12.15 -5.36
N SER A 2 -22.26 11.58 -5.54
CA SER A 2 -21.48 11.05 -4.42
C SER A 2 -20.03 10.85 -4.82
N SER A 3 -19.12 11.18 -3.91
CA SER A 3 -17.69 11.04 -4.16
C SER A 3 -17.13 9.84 -3.42
N GLY A 4 -16.35 9.02 -4.13
CA GLY A 4 -15.76 7.84 -3.53
C GLY A 4 -15.33 6.82 -4.57
N SER A 5 -14.10 6.32 -4.42
CA SER A 5 -13.57 5.33 -5.34
C SER A 5 -14.18 3.95 -5.08
N SER A 6 -14.53 3.26 -6.16
CA SER A 6 -15.13 1.94 -6.05
C SER A 6 -14.12 0.92 -5.53
N GLY A 7 -12.85 1.12 -5.88
CA GLY A 7 -11.80 0.22 -5.45
C GLY A 7 -12.10 -1.22 -5.79
N MET A 8 -12.28 -1.50 -7.08
CA MET A 8 -12.57 -2.85 -7.54
C MET A 8 -11.29 -3.61 -7.86
N VAL A 9 -10.47 -3.03 -8.74
CA VAL A 9 -9.21 -3.64 -9.13
C VAL A 9 -8.11 -2.59 -9.30
N LYS A 10 -7.16 -2.59 -8.38
CA LYS A 10 -6.05 -1.64 -8.42
C LYS A 10 -4.73 -2.34 -8.14
N GLU A 11 -3.78 -2.19 -9.07
CA GLU A 11 -2.46 -2.81 -8.93
C GLU A 11 -1.36 -1.81 -9.24
N GLY A 12 -0.13 -2.17 -8.90
CA GLY A 12 1.00 -1.30 -9.15
C GLY A 12 2.24 -1.70 -8.35
N TRP A 13 3.40 -1.26 -8.82
CA TRP A 13 4.65 -1.58 -8.15
C TRP A 13 4.91 -0.63 -6.98
N MET A 14 4.85 -1.16 -5.76
CA MET A 14 5.08 -0.36 -4.57
C MET A 14 6.13 -1.00 -3.67
N VAL A 15 6.79 -0.19 -2.87
CA VAL A 15 7.83 -0.67 -1.96
C VAL A 15 7.39 -0.54 -0.51
N HIS A 16 7.86 -1.45 0.34
CA HIS A 16 7.53 -1.43 1.76
C HIS A 16 8.61 -2.10 2.59
N TYR A 17 8.60 -1.85 3.89
CA TYR A 17 9.59 -2.44 4.79
C TYR A 17 8.95 -2.81 6.12
N THR A 18 9.57 -3.75 6.83
CA THR A 18 9.07 -4.20 8.12
C THR A 18 9.86 -3.58 9.27
N SER A 19 9.24 -3.51 10.43
CA SER A 19 9.88 -2.92 11.61
C SER A 19 11.00 -3.83 12.11
N ARG A 20 10.78 -5.14 12.05
CA ARG A 20 11.77 -6.10 12.50
C ARG A 20 13.01 -6.06 11.62
N ASP A 21 12.82 -6.28 10.32
CA ASP A 21 13.93 -6.26 9.37
C ASP A 21 13.77 -5.12 8.38
N ASN A 22 14.84 -4.36 8.16
CA ASN A 22 14.83 -3.24 7.25
C ASN A 22 15.27 -3.67 5.85
N LEU A 23 14.41 -4.40 5.16
CA LEU A 23 14.72 -4.88 3.81
C LEU A 23 13.66 -4.41 2.81
N ARG A 24 13.77 -3.15 2.39
CA ARG A 24 12.83 -2.59 1.44
C ARG A 24 12.58 -3.56 0.28
N LYS A 25 11.31 -3.93 0.09
CA LYS A 25 10.94 -4.85 -0.97
C LYS A 25 9.94 -4.19 -1.92
N ARG A 26 10.19 -4.33 -3.22
CA ARG A 26 9.32 -3.77 -4.23
C ARG A 26 8.60 -4.86 -5.02
N HIS A 27 7.27 -4.87 -4.93
CA HIS A 27 6.46 -5.86 -5.63
C HIS A 27 5.20 -5.23 -6.21
N TYR A 28 4.57 -5.94 -7.14
CA TYR A 28 3.35 -5.44 -7.78
C TYR A 28 2.15 -5.61 -6.87
N TRP A 29 1.99 -4.67 -5.93
CA TRP A 29 0.87 -4.72 -4.99
C TRP A 29 -0.47 -4.72 -5.73
N ARG A 30 -1.34 -5.66 -5.36
CA ARG A 30 -2.65 -5.76 -5.98
C ARG A 30 -3.76 -5.75 -4.94
N LEU A 31 -4.78 -4.94 -5.17
CA LEU A 31 -5.89 -4.83 -4.24
C LEU A 31 -7.21 -5.09 -4.95
N ASP A 32 -8.19 -5.62 -4.21
CA ASP A 32 -9.51 -5.91 -4.78
C ASP A 32 -10.58 -5.84 -3.70
N SER A 33 -11.84 -5.76 -4.13
CA SER A 33 -12.96 -5.69 -3.21
C SER A 33 -12.95 -6.89 -2.25
N LYS A 34 -12.21 -7.92 -2.62
CA LYS A 34 -12.11 -9.12 -1.80
C LYS A 34 -11.01 -8.97 -0.74
N CYS A 35 -9.76 -9.00 -1.20
CA CYS A 35 -8.62 -8.87 -0.30
C CYS A 35 -7.37 -8.40 -1.06
N LEU A 36 -6.40 -7.88 -0.33
CA LEU A 36 -5.17 -7.38 -0.93
C LEU A 36 -4.17 -8.52 -1.11
N THR A 37 -3.73 -8.71 -2.35
CA THR A 37 -2.77 -9.76 -2.67
C THR A 37 -1.48 -9.19 -3.23
N LEU A 38 -0.35 -9.76 -2.83
CA LEU A 38 0.95 -9.30 -3.30
C LEU A 38 1.48 -10.19 -4.42
N PHE A 39 2.12 -9.57 -5.41
CA PHE A 39 2.66 -10.31 -6.55
C PHE A 39 4.17 -10.10 -6.65
N GLN A 40 4.93 -11.14 -6.32
CA GLN A 40 6.39 -11.08 -6.38
C GLN A 40 6.85 -10.41 -7.67
N ASN A 41 6.32 -10.87 -8.79
CA ASN A 41 6.67 -10.32 -10.10
C ASN A 41 5.47 -10.28 -11.02
N GLU A 42 5.57 -9.50 -12.10
CA GLU A 42 4.49 -9.38 -13.06
C GLU A 42 4.04 -10.75 -13.55
N SER A 43 4.99 -11.56 -13.98
CA SER A 43 4.70 -12.91 -14.48
C SER A 43 4.89 -13.94 -13.39
N GLY A 44 3.92 -14.85 -13.26
CA GLY A 44 3.98 -15.88 -12.25
C GLY A 44 2.66 -16.11 -11.55
N SER A 45 2.44 -17.33 -11.10
CA SER A 45 1.19 -17.69 -10.42
C SER A 45 1.35 -17.54 -8.91
N LYS A 46 2.35 -18.20 -8.35
CA LYS A 46 2.61 -18.15 -6.92
C LYS A 46 2.34 -16.75 -6.37
N TYR A 47 1.75 -16.68 -5.18
CA TYR A 47 1.44 -15.41 -4.55
C TYR A 47 2.25 -15.22 -3.27
N TYR A 48 2.78 -14.03 -3.08
CA TYR A 48 3.57 -13.71 -1.90
C TYR A 48 2.79 -13.99 -0.62
N LYS A 49 1.75 -13.20 -0.38
CA LYS A 49 0.91 -13.37 0.80
C LYS A 49 -0.49 -12.83 0.55
N GLU A 50 -1.40 -13.08 1.50
CA GLU A 50 -2.77 -12.62 1.37
C GLU A 50 -3.15 -11.73 2.55
N ILE A 51 -3.58 -10.51 2.25
CA ILE A 51 -3.97 -9.55 3.29
C ILE A 51 -5.44 -9.16 3.14
N PRO A 52 -6.32 -9.88 3.85
CA PRO A 52 -7.76 -9.62 3.82
C PRO A 52 -8.13 -8.32 4.51
N LEU A 53 -9.05 -7.58 3.92
CA LEU A 53 -9.50 -6.30 4.48
C LEU A 53 -9.74 -6.42 5.98
N SER A 54 -9.97 -7.66 6.44
CA SER A 54 -10.22 -7.90 7.84
C SER A 54 -8.93 -7.76 8.66
N GLU A 55 -7.90 -8.48 8.25
CA GLU A 55 -6.62 -8.44 8.94
C GLU A 55 -6.23 -6.99 9.27
N ILE A 56 -6.21 -6.14 8.25
CA ILE A 56 -5.86 -4.74 8.43
C ILE A 56 -6.62 -4.13 9.60
N LEU A 57 -6.00 -4.12 10.77
CA LEU A 57 -6.63 -3.55 11.97
C LEU A 57 -6.88 -2.06 11.80
N ARG A 58 -5.80 -1.30 11.63
CA ARG A 58 -5.91 0.14 11.47
C ARG A 58 -4.66 0.71 10.80
N ILE A 59 -4.62 2.03 10.64
CA ILE A 59 -3.48 2.68 10.02
C ILE A 59 -2.64 3.43 11.05
N SER A 60 -1.34 3.54 10.79
CA SER A 60 -0.43 4.22 11.70
C SER A 60 -0.50 5.73 11.49
N SER A 61 0.33 6.46 12.24
CA SER A 61 0.35 7.91 12.15
C SER A 61 1.78 8.41 11.89
N PRO A 62 1.89 9.62 11.31
CA PRO A 62 3.18 10.24 11.00
C PRO A 62 3.94 10.65 12.26
N ARG A 63 3.36 10.36 13.42
CA ARG A 63 3.99 10.71 14.69
C ARG A 63 5.24 9.87 14.92
N ASP A 64 5.20 8.62 14.49
CA ASP A 64 6.34 7.72 14.65
C ASP A 64 7.42 8.02 13.61
N PHE A 65 8.44 8.77 14.03
CA PHE A 65 9.53 9.13 13.14
C PHE A 65 10.88 8.77 13.77
N THR A 66 10.98 7.54 14.26
CA THR A 66 12.21 7.06 14.88
C THR A 66 12.90 6.02 14.00
N ASN A 67 12.11 5.24 13.29
CA ASN A 67 12.65 4.20 12.41
C ASN A 67 13.43 4.82 11.26
N ILE A 68 13.10 6.06 10.92
CA ILE A 68 13.77 6.77 9.84
C ILE A 68 15.18 7.17 10.24
N SER A 69 15.55 6.88 11.49
CA SER A 69 16.88 7.21 11.99
C SER A 69 17.95 6.81 10.99
N GLN A 70 17.96 5.54 10.60
CA GLN A 70 18.93 5.04 9.64
C GLN A 70 18.31 4.88 8.26
N GLY A 71 17.53 5.88 7.86
CA GLY A 71 16.89 5.84 6.56
C GLY A 71 16.99 7.16 5.82
N SER A 72 16.40 7.21 4.63
CA SER A 72 16.43 8.43 3.82
C SER A 72 15.02 8.88 3.46
N ASN A 73 14.31 8.03 2.71
CA ASN A 73 12.94 8.33 2.30
C ASN A 73 11.94 7.89 3.35
N PRO A 74 11.17 8.85 3.88
CA PRO A 74 10.16 8.58 4.91
C PRO A 74 8.97 7.80 4.36
N HIS A 75 7.89 7.76 5.13
CA HIS A 75 6.68 7.05 4.72
C HIS A 75 5.45 7.94 4.85
N CYS A 76 4.33 7.48 4.31
CA CYS A 76 3.08 8.23 4.38
C CYS A 76 2.06 7.52 5.26
N PHE A 77 2.04 6.19 5.19
CA PHE A 77 1.12 5.40 5.98
C PHE A 77 1.67 3.99 6.22
N GLU A 78 1.03 3.26 7.13
CA GLU A 78 1.46 1.91 7.45
C GLU A 78 0.26 1.00 7.70
N ILE A 79 0.44 -0.29 7.46
CA ILE A 79 -0.63 -1.26 7.65
C ILE A 79 -0.32 -2.16 8.85
N ILE A 80 -1.02 -1.93 9.96
CA ILE A 80 -0.83 -2.72 11.16
C ILE A 80 -1.74 -3.96 11.16
N THR A 81 -1.13 -5.13 10.98
CA THR A 81 -1.89 -6.37 10.96
C THR A 81 -1.78 -7.10 12.29
N ASP A 82 -2.48 -8.22 12.40
CA ASP A 82 -2.48 -9.01 13.63
C ASP A 82 -1.11 -9.66 13.84
N THR A 83 -0.21 -9.46 12.89
CA THR A 83 1.13 -10.03 12.96
C THR A 83 2.19 -8.94 13.13
N MET A 84 2.39 -8.16 12.07
CA MET A 84 3.37 -7.08 12.10
C MET A 84 2.88 -5.88 11.28
N VAL A 85 3.59 -4.76 11.41
CA VAL A 85 3.23 -3.55 10.67
C VAL A 85 3.95 -3.49 9.34
N TYR A 86 3.27 -2.94 8.34
CA TYR A 86 3.85 -2.81 7.00
C TYR A 86 4.00 -1.36 6.60
N PHE A 87 5.24 -0.91 6.48
CA PHE A 87 5.52 0.48 6.10
C PHE A 87 5.45 0.66 4.59
N VAL A 88 4.36 1.26 4.13
CA VAL A 88 4.16 1.48 2.70
C VAL A 88 4.30 2.97 2.35
N GLY A 89 5.08 3.26 1.31
CA GLY A 89 5.29 4.64 0.91
C GLY A 89 6.74 4.97 0.68
N GLU A 90 7.03 5.64 -0.43
CA GLU A 90 8.40 6.02 -0.75
C GLU A 90 8.45 7.40 -1.39
N ASN A 91 8.93 8.38 -0.62
CA ASN A 91 9.03 9.75 -1.12
C ASN A 91 10.42 10.02 -1.69
N ASN A 92 10.45 10.64 -2.87
CA ASN A 92 11.72 10.96 -3.52
C ASN A 92 11.71 12.40 -4.04
N GLY A 93 11.17 13.32 -3.25
CA GLY A 93 11.11 14.70 -3.64
C GLY A 93 9.86 15.40 -3.15
N ASP A 94 9.95 16.04 -2.00
CA ASP A 94 8.81 16.76 -1.42
C ASP A 94 8.68 18.16 -2.01
N SER A 95 9.76 18.93 -1.91
CA SER A 95 9.77 20.30 -2.43
C SER A 95 9.23 20.33 -3.86
N SER A 96 9.91 19.62 -4.76
CA SER A 96 9.51 19.57 -6.16
C SER A 96 8.32 18.63 -6.36
N HIS A 97 7.61 18.81 -7.46
CA HIS A 97 6.45 17.99 -7.77
C HIS A 97 6.61 17.29 -9.12
N ASN A 98 6.03 16.10 -9.25
CA ASN A 98 6.12 15.34 -10.49
C ASN A 98 5.04 14.26 -10.54
N PRO A 99 4.01 14.50 -11.35
CA PRO A 99 2.89 13.55 -11.51
C PRO A 99 3.30 12.29 -12.24
N VAL A 100 4.28 12.42 -13.14
CA VAL A 100 4.77 11.29 -13.91
C VAL A 100 5.28 10.18 -12.99
N LEU A 101 5.95 10.58 -11.91
CA LEU A 101 6.51 9.62 -10.96
C LEU A 101 5.40 8.74 -10.37
N ALA A 102 4.28 9.36 -10.02
CA ALA A 102 3.15 8.64 -9.46
C ALA A 102 2.51 7.72 -10.49
N ALA A 103 2.69 8.06 -11.76
CA ALA A 103 2.13 7.27 -12.85
C ALA A 103 2.60 5.82 -12.78
N THR A 104 3.91 5.63 -12.56
CA THR A 104 4.49 4.31 -12.47
C THR A 104 4.04 3.60 -11.20
N GLY A 105 4.24 4.24 -10.06
CA GLY A 105 3.84 3.66 -8.79
C GLY A 105 4.77 4.05 -7.66
N VAL A 106 5.26 5.29 -7.69
CA VAL A 106 6.16 5.79 -6.67
C VAL A 106 5.88 7.25 -6.35
N GLY A 107 6.13 7.65 -5.11
CA GLY A 107 5.90 9.02 -4.70
C GLY A 107 4.76 9.15 -3.71
N LEU A 108 4.49 10.38 -3.28
CA LEU A 108 3.41 10.64 -2.32
C LEU A 108 2.05 10.53 -3.00
N ASP A 109 1.83 11.39 -3.99
CA ASP A 109 0.56 11.40 -4.72
C ASP A 109 0.04 9.98 -4.90
N VAL A 110 0.90 9.09 -5.39
CA VAL A 110 0.51 7.70 -5.60
C VAL A 110 0.15 7.02 -4.30
N ALA A 111 0.88 7.36 -3.23
CA ALA A 111 0.63 6.77 -1.92
C ALA A 111 -0.75 7.15 -1.40
N GLN A 112 -1.14 8.40 -1.62
CA GLN A 112 -2.44 8.88 -1.18
C GLN A 112 -3.56 8.09 -1.81
N SER A 113 -3.41 7.76 -3.10
CA SER A 113 -4.41 7.00 -3.83
C SER A 113 -4.58 5.60 -3.23
N TRP A 114 -3.45 4.95 -2.94
CA TRP A 114 -3.46 3.61 -2.36
C TRP A 114 -4.00 3.64 -0.94
N GLU A 115 -3.36 4.43 -0.08
CA GLU A 115 -3.78 4.53 1.32
C GLU A 115 -5.29 4.69 1.42
N LYS A 116 -5.85 5.56 0.58
CA LYS A 116 -7.29 5.80 0.58
C LYS A 116 -8.05 4.55 0.14
N ALA A 117 -7.73 4.06 -1.06
CA ALA A 117 -8.37 2.86 -1.59
C ALA A 117 -8.38 1.73 -0.56
N ILE A 118 -7.19 1.39 -0.07
CA ILE A 118 -7.07 0.32 0.92
C ILE A 118 -7.99 0.56 2.11
N ARG A 119 -7.88 1.74 2.70
CA ARG A 119 -8.71 2.10 3.85
C ARG A 119 -10.20 1.98 3.51
N GLN A 120 -10.65 2.81 2.59
CA GLN A 120 -12.05 2.80 2.17
C GLN A 120 -12.53 1.37 1.91
N ALA A 121 -11.79 0.65 1.07
CA ALA A 121 -12.14 -0.72 0.74
C ALA A 121 -12.70 -1.45 1.95
N LEU A 122 -12.07 -1.27 3.10
CA LEU A 122 -12.50 -1.91 4.34
C LEU A 122 -14.02 -1.89 4.45
N MET A 123 -14.60 -0.70 4.36
CA MET A 123 -16.05 -0.55 4.46
C MET A 123 -16.71 -0.86 3.12
N SER A 124 -16.12 -0.35 2.04
CA SER A 124 -16.66 -0.58 0.70
C SER A 124 -16.22 -1.93 0.15
N GLY A 125 -17.15 -2.87 0.08
CA GLY A 125 -16.83 -4.19 -0.43
C GLY A 125 -18.05 -5.08 -0.53
N PRO A 126 -17.83 -6.41 -0.49
CA PRO A 126 -18.92 -7.39 -0.57
C PRO A 126 -19.79 -7.40 0.67
N SER A 127 -19.49 -6.51 1.61
CA SER A 127 -20.26 -6.41 2.85
C SER A 127 -21.75 -6.65 2.58
N SER A 128 -22.21 -7.86 2.86
CA SER A 128 -23.61 -8.21 2.65
C SER A 128 -24.52 -7.20 3.35
N GLY A 129 -24.20 -6.90 4.60
CA GLY A 129 -25.00 -5.96 5.37
C GLY A 129 -25.30 -6.45 6.77
N GLY A 1 -22.02 9.01 -3.22
CA GLY A 1 -22.82 8.60 -4.36
C GLY A 1 -22.74 7.10 -4.61
N SER A 2 -23.90 6.47 -4.70
CA SER A 2 -23.96 5.03 -4.94
C SER A 2 -23.26 4.66 -6.24
N SER A 3 -21.97 4.33 -6.15
CA SER A 3 -21.20 3.96 -7.33
C SER A 3 -20.13 2.94 -6.96
N GLY A 4 -19.51 2.36 -7.99
CA GLY A 4 -18.47 1.37 -7.76
C GLY A 4 -18.57 0.20 -8.71
N SER A 5 -17.46 -0.15 -9.35
CA SER A 5 -17.42 -1.25 -10.30
C SER A 5 -16.83 -2.50 -9.65
N SER A 6 -17.46 -3.64 -9.88
CA SER A 6 -17.00 -4.91 -9.33
C SER A 6 -15.90 -5.51 -10.20
N GLY A 7 -14.64 -5.29 -9.81
CA GLY A 7 -13.52 -5.82 -10.56
C GLY A 7 -12.19 -5.39 -9.98
N MET A 8 -11.35 -4.78 -10.83
CA MET A 8 -10.04 -4.33 -10.40
C MET A 8 -10.15 -3.01 -9.65
N VAL A 9 -9.36 -2.87 -8.58
CA VAL A 9 -9.36 -1.65 -7.78
C VAL A 9 -8.10 -0.83 -8.01
N LYS A 10 -6.96 -1.37 -7.57
CA LYS A 10 -5.69 -0.70 -7.73
C LYS A 10 -4.55 -1.70 -7.85
N GLU A 11 -3.45 -1.28 -8.49
CA GLU A 11 -2.29 -2.15 -8.68
C GLU A 11 -1.05 -1.33 -9.01
N GLY A 12 0.12 -1.95 -8.85
CA GLY A 12 1.36 -1.27 -9.12
C GLY A 12 2.49 -1.71 -8.22
N TRP A 13 3.72 -1.43 -8.62
CA TRP A 13 4.89 -1.81 -7.84
C TRP A 13 5.15 -0.80 -6.72
N MET A 14 5.23 -1.29 -5.49
CA MET A 14 5.47 -0.43 -4.34
C MET A 14 6.51 -1.04 -3.41
N VAL A 15 7.11 -0.21 -2.56
CA VAL A 15 8.12 -0.67 -1.63
C VAL A 15 7.64 -0.52 -0.19
N HIS A 16 7.85 -1.57 0.62
CA HIS A 16 7.44 -1.55 2.01
C HIS A 16 8.46 -2.28 2.89
N TYR A 17 8.31 -2.13 4.19
CA TYR A 17 9.22 -2.78 5.14
C TYR A 17 8.52 -3.04 6.47
N THR A 18 9.05 -3.99 7.23
CA THR A 18 8.48 -4.34 8.53
C THR A 18 9.20 -3.63 9.66
N SER A 19 8.56 -3.55 10.81
CA SER A 19 9.15 -2.88 11.98
C SER A 19 10.39 -3.63 12.46
N ARG A 20 10.25 -4.94 12.66
CA ARG A 20 11.35 -5.76 13.13
C ARG A 20 12.53 -5.70 12.15
N ASP A 21 12.30 -6.17 10.93
CA ASP A 21 13.33 -6.17 9.90
C ASP A 21 13.19 -4.95 9.00
N ASN A 22 14.32 -4.32 8.68
CA ASN A 22 14.32 -3.14 7.82
C ASN A 22 14.89 -3.48 6.44
N LEU A 23 14.16 -4.30 5.70
CA LEU A 23 14.59 -4.70 4.36
C LEU A 23 13.56 -4.28 3.32
N ARG A 24 13.78 -3.14 2.69
CA ARG A 24 12.87 -2.64 1.66
C ARG A 24 12.60 -3.70 0.60
N LYS A 25 11.32 -3.93 0.31
CA LYS A 25 10.93 -4.92 -0.67
C LYS A 25 9.95 -4.32 -1.69
N ARG A 26 10.30 -4.43 -2.96
CA ARG A 26 9.46 -3.89 -4.04
C ARG A 26 8.75 -5.02 -4.78
N HIS A 27 7.43 -4.99 -4.77
CA HIS A 27 6.64 -6.01 -5.45
C HIS A 27 5.39 -5.39 -6.08
N TYR A 28 4.80 -6.10 -7.04
CA TYR A 28 3.60 -5.63 -7.72
C TYR A 28 2.37 -5.80 -6.84
N TRP A 29 2.12 -4.81 -5.98
CA TRP A 29 0.97 -4.85 -5.08
C TRP A 29 -0.33 -4.79 -5.86
N ARG A 30 -1.23 -5.73 -5.57
CA ARG A 30 -2.52 -5.79 -6.26
C ARG A 30 -3.66 -5.73 -5.24
N LEU A 31 -4.61 -4.84 -5.48
CA LEU A 31 -5.76 -4.69 -4.59
C LEU A 31 -7.06 -4.86 -5.36
N ASP A 32 -7.98 -5.64 -4.78
CA ASP A 32 -9.27 -5.88 -5.41
C ASP A 32 -10.40 -5.80 -4.39
N SER A 33 -11.64 -5.92 -4.86
CA SER A 33 -12.80 -5.86 -3.99
C SER A 33 -12.88 -7.11 -3.11
N LYS A 34 -11.93 -8.02 -3.29
CA LYS A 34 -11.91 -9.25 -2.52
C LYS A 34 -10.84 -9.17 -1.43
N CYS A 35 -9.58 -9.18 -1.83
CA CYS A 35 -8.47 -9.11 -0.88
C CYS A 35 -7.22 -8.54 -1.55
N LEU A 36 -6.27 -8.08 -0.73
CA LEU A 36 -5.04 -7.52 -1.24
C LEU A 36 -4.02 -8.61 -1.52
N THR A 37 -3.73 -8.84 -2.81
CA THR A 37 -2.78 -9.86 -3.21
C THR A 37 -1.49 -9.23 -3.72
N LEU A 38 -0.38 -9.94 -3.56
CA LEU A 38 0.92 -9.45 -4.01
C LEU A 38 1.46 -10.30 -5.14
N PHE A 39 2.52 -9.82 -5.78
CA PHE A 39 3.14 -10.54 -6.89
C PHE A 39 4.64 -10.27 -6.95
N GLN A 40 5.44 -11.32 -6.76
CA GLN A 40 6.88 -11.19 -6.79
C GLN A 40 7.34 -10.49 -8.07
N ASN A 41 6.91 -10.99 -9.21
CA ASN A 41 7.27 -10.42 -10.49
C ASN A 41 6.06 -10.36 -11.42
N GLU A 42 6.17 -9.55 -12.48
CA GLU A 42 5.09 -9.41 -13.45
C GLU A 42 4.67 -10.76 -14.00
N SER A 43 5.65 -11.61 -14.27
CA SER A 43 5.38 -12.95 -14.81
C SER A 43 6.13 -14.01 -14.02
N GLY A 44 5.49 -15.17 -13.85
CA GLY A 44 6.11 -16.25 -13.12
C GLY A 44 5.39 -16.55 -11.81
N SER A 45 5.97 -16.11 -10.70
CA SER A 45 5.37 -16.33 -9.39
C SER A 45 3.86 -16.17 -9.44
N LYS A 46 3.17 -16.78 -8.47
CA LYS A 46 1.72 -16.70 -8.40
C LYS A 46 1.28 -15.57 -7.49
N TYR A 47 1.82 -15.55 -6.28
CA TYR A 47 1.47 -14.52 -5.30
C TYR A 47 2.36 -14.62 -4.06
N TYR A 48 2.78 -13.47 -3.55
CA TYR A 48 3.63 -13.44 -2.37
C TYR A 48 2.85 -13.83 -1.12
N LYS A 49 1.91 -12.97 -0.74
CA LYS A 49 1.09 -13.22 0.45
C LYS A 49 -0.26 -12.52 0.32
N GLU A 50 -1.34 -13.23 0.66
CA GLU A 50 -2.68 -12.68 0.59
C GLU A 50 -3.03 -11.93 1.87
N ILE A 51 -3.50 -10.71 1.73
CA ILE A 51 -3.88 -9.89 2.88
C ILE A 51 -5.35 -9.50 2.82
N PRO A 52 -6.16 -10.09 3.71
CA PRO A 52 -7.60 -9.82 3.77
C PRO A 52 -7.89 -8.42 4.29
N LEU A 53 -8.78 -7.70 3.60
CA LEU A 53 -9.14 -6.34 4.00
C LEU A 53 -9.44 -6.28 5.50
N SER A 54 -9.74 -7.43 6.08
CA SER A 54 -10.03 -7.50 7.51
C SER A 54 -8.80 -7.20 8.34
N GLU A 55 -7.77 -8.03 8.19
CA GLU A 55 -6.53 -7.86 8.93
C GLU A 55 -6.23 -6.38 9.14
N ILE A 56 -6.16 -5.63 8.04
CA ILE A 56 -5.88 -4.20 8.11
C ILE A 56 -6.84 -3.50 9.07
N LEU A 57 -6.40 -3.33 10.31
CA LEU A 57 -7.21 -2.67 11.33
C LEU A 57 -7.35 -1.17 11.02
N ARG A 58 -6.23 -0.52 10.75
CA ARG A 58 -6.23 0.91 10.44
C ARG A 58 -4.84 1.36 9.98
N ILE A 59 -4.71 2.65 9.73
CA ILE A 59 -3.44 3.22 9.28
C ILE A 59 -2.64 3.77 10.45
N SER A 60 -1.32 3.71 10.33
CA SER A 60 -0.43 4.19 11.38
C SER A 60 -0.50 5.71 11.48
N SER A 61 0.18 6.27 12.49
CA SER A 61 0.19 7.71 12.70
C SER A 61 1.54 8.30 12.31
N PRO A 62 1.56 9.63 12.10
CA PRO A 62 2.77 10.35 11.71
C PRO A 62 3.80 10.41 12.83
N ARG A 63 3.50 9.72 13.94
CA ARG A 63 4.40 9.70 15.08
C ARG A 63 5.52 8.68 14.88
N ASP A 64 5.25 7.67 14.06
CA ASP A 64 6.24 6.63 13.77
C ASP A 64 6.56 6.59 12.28
N PHE A 65 6.83 7.75 11.70
CA PHE A 65 7.16 7.85 10.28
C PHE A 65 8.36 8.76 10.06
N THR A 66 9.27 8.77 11.02
CA THR A 66 10.47 9.59 10.93
C THR A 66 11.69 8.75 10.54
N ASN A 67 11.45 7.49 10.23
CA ASN A 67 12.53 6.58 9.84
C ASN A 67 12.83 6.72 8.36
N ILE A 68 12.83 7.95 7.87
CA ILE A 68 13.11 8.22 6.46
C ILE A 68 14.57 8.65 6.27
N SER A 69 15.30 8.77 7.37
CA SER A 69 16.70 9.17 7.31
C SER A 69 17.53 8.17 6.54
N GLN A 70 18.59 8.65 5.90
CA GLN A 70 19.47 7.78 5.12
C GLN A 70 18.67 6.86 4.22
N GLY A 71 17.62 7.40 3.61
CA GLY A 71 16.78 6.61 2.73
C GLY A 71 16.60 7.24 1.38
N SER A 72 16.15 6.46 0.40
CA SER A 72 15.94 6.95 -0.95
C SER A 72 14.47 7.25 -1.20
N ASN A 73 13.61 6.31 -0.83
CA ASN A 73 12.17 6.47 -1.01
C ASN A 73 11.43 6.30 0.31
N PRO A 74 11.10 7.42 0.96
CA PRO A 74 10.38 7.41 2.24
C PRO A 74 8.94 6.94 2.10
N HIS A 75 8.36 6.49 3.20
CA HIS A 75 6.98 6.02 3.20
C HIS A 75 6.01 7.15 3.52
N CYS A 76 4.74 6.94 3.19
CA CYS A 76 3.71 7.95 3.44
C CYS A 76 2.62 7.40 4.36
N PHE A 77 2.53 6.07 4.43
CA PHE A 77 1.53 5.43 5.27
C PHE A 77 2.01 4.05 5.73
N GLU A 78 1.25 3.43 6.62
CA GLU A 78 1.59 2.11 7.13
C GLU A 78 0.34 1.24 7.28
N ILE A 79 0.49 -0.05 6.99
CA ILE A 79 -0.62 -0.99 7.10
C ILE A 79 -0.49 -1.84 8.35
N ILE A 80 -1.24 -1.49 9.39
CA ILE A 80 -1.21 -2.24 10.65
C ILE A 80 -2.24 -3.37 10.64
N THR A 81 -1.75 -4.60 10.60
CA THR A 81 -2.62 -5.77 10.60
C THR A 81 -2.77 -6.36 11.99
N ASP A 82 -3.59 -7.39 12.11
CA ASP A 82 -3.81 -8.04 13.39
C ASP A 82 -2.63 -8.93 13.77
N THR A 83 -1.57 -8.87 12.97
CA THR A 83 -0.37 -9.66 13.21
C THR A 83 0.85 -8.76 13.37
N MET A 84 1.32 -8.20 12.26
CA MET A 84 2.48 -7.33 12.26
C MET A 84 2.19 -6.03 11.52
N VAL A 85 2.96 -4.99 11.84
CA VAL A 85 2.78 -3.69 11.19
C VAL A 85 3.68 -3.57 9.96
N TYR A 86 3.15 -2.93 8.92
CA TYR A 86 3.89 -2.75 7.67
C TYR A 86 3.92 -1.29 7.28
N PHE A 87 5.03 -0.87 6.67
CA PHE A 87 5.20 0.51 6.23
C PHE A 87 5.35 0.59 4.71
N VAL A 88 4.36 1.17 4.05
CA VAL A 88 4.39 1.31 2.60
C VAL A 88 4.49 2.77 2.18
N GLY A 89 4.97 3.00 0.98
CA GLY A 89 5.11 4.36 0.48
C GLY A 89 6.42 4.58 -0.26
N GLU A 90 6.35 5.11 -1.47
CA GLU A 90 7.53 5.36 -2.28
C GLU A 90 7.52 6.79 -2.82
N ASN A 91 8.49 7.59 -2.37
CA ASN A 91 8.59 8.98 -2.81
C ASN A 91 9.96 9.26 -3.40
N ASN A 92 9.99 10.08 -4.45
CA ASN A 92 11.25 10.43 -5.11
C ASN A 92 11.43 11.94 -5.16
N GLY A 93 10.41 12.64 -5.63
CA GLY A 93 10.47 14.09 -5.73
C GLY A 93 9.47 14.65 -6.72
N ASP A 94 9.61 14.29 -7.98
CA ASP A 94 8.70 14.76 -9.02
C ASP A 94 7.39 13.98 -9.00
N SER A 95 6.41 14.51 -8.28
CA SER A 95 5.11 13.85 -8.16
C SER A 95 4.14 14.39 -9.22
N SER A 96 3.93 15.71 -9.20
CA SER A 96 3.03 16.35 -10.14
C SER A 96 3.73 16.59 -11.47
N HIS A 97 4.92 17.18 -11.41
CA HIS A 97 5.69 17.48 -12.61
C HIS A 97 5.68 16.29 -13.57
N ASN A 98 5.97 15.10 -13.04
CA ASN A 98 6.00 13.89 -13.85
C ASN A 98 4.98 12.88 -13.34
N PRO A 99 3.74 13.00 -13.82
CA PRO A 99 2.65 12.09 -13.43
C PRO A 99 2.84 10.68 -13.98
N VAL A 100 3.96 10.46 -14.66
CA VAL A 100 4.26 9.15 -15.22
C VAL A 100 4.80 8.20 -14.18
N LEU A 101 5.81 8.66 -13.44
CA LEU A 101 6.42 7.85 -12.38
C LEU A 101 5.37 7.37 -11.39
N ALA A 102 4.57 8.30 -10.88
CA ALA A 102 3.53 7.96 -9.91
C ALA A 102 2.52 7.00 -10.52
N ALA A 103 2.14 7.24 -11.77
CA ALA A 103 1.18 6.40 -12.46
C ALA A 103 1.32 4.94 -12.04
N THR A 104 2.56 4.49 -11.88
CA THR A 104 2.84 3.12 -11.48
C THR A 104 2.84 2.98 -9.96
N GLY A 105 3.61 3.84 -9.30
CA GLY A 105 3.70 3.79 -7.85
C GLY A 105 4.72 4.78 -7.30
N VAL A 106 5.75 5.05 -8.07
CA VAL A 106 6.80 5.98 -7.66
C VAL A 106 6.25 7.39 -7.50
N GLY A 107 5.97 7.78 -6.26
CA GLY A 107 5.45 9.11 -5.99
C GLY A 107 4.51 9.13 -4.79
N LEU A 108 4.34 10.31 -4.21
CA LEU A 108 3.46 10.46 -3.06
C LEU A 108 1.99 10.41 -3.47
N ASP A 109 1.60 11.34 -4.34
CA ASP A 109 0.23 11.40 -4.83
C ASP A 109 -0.35 10.00 -5.00
N VAL A 110 0.29 9.20 -5.84
CA VAL A 110 -0.17 7.83 -6.09
C VAL A 110 -0.31 7.06 -4.80
N ALA A 111 0.56 7.35 -3.84
CA ALA A 111 0.52 6.68 -2.54
C ALA A 111 -0.79 6.96 -1.81
N GLN A 112 -1.15 8.23 -1.73
CA GLN A 112 -2.38 8.63 -1.05
C GLN A 112 -3.57 7.81 -1.56
N SER A 113 -3.63 7.63 -2.88
CA SER A 113 -4.71 6.88 -3.50
C SER A 113 -4.78 5.46 -2.94
N TRP A 114 -3.62 4.91 -2.57
CA TRP A 114 -3.54 3.57 -2.01
C TRP A 114 -4.08 3.54 -0.59
N GLU A 115 -3.52 4.38 0.27
CA GLU A 115 -3.94 4.44 1.67
C GLU A 115 -5.45 4.65 1.78
N LYS A 116 -5.94 5.70 1.11
CA LYS A 116 -7.37 6.01 1.13
C LYS A 116 -8.19 4.80 0.69
N ALA A 117 -7.79 4.19 -0.42
CA ALA A 117 -8.49 3.02 -0.95
C ALA A 117 -8.42 1.85 0.03
N ILE A 118 -7.22 1.29 0.19
CA ILE A 118 -7.03 0.16 1.09
C ILE A 118 -7.90 0.30 2.34
N ARG A 119 -7.86 1.47 2.97
CA ARG A 119 -8.65 1.73 4.17
C ARG A 119 -10.14 1.73 3.84
N GLN A 120 -10.53 2.50 2.83
CA GLN A 120 -11.92 2.59 2.42
C GLN A 120 -12.57 1.21 2.38
N ALA A 121 -11.88 0.26 1.76
CA ALA A 121 -12.40 -1.11 1.66
C ALA A 121 -12.92 -1.60 3.00
N LEU A 122 -12.18 -1.30 4.07
CA LEU A 122 -12.57 -1.71 5.41
C LEU A 122 -14.04 -1.40 5.67
N MET A 123 -14.40 -0.13 5.57
CA MET A 123 -15.77 0.30 5.79
C MET A 123 -16.70 -0.31 4.75
N SER A 124 -16.31 -0.20 3.48
CA SER A 124 -17.11 -0.74 2.38
C SER A 124 -17.23 -2.25 2.49
N GLY A 125 -18.33 -2.71 3.08
CA GLY A 125 -18.56 -4.14 3.24
C GLY A 125 -19.99 -4.47 3.60
N PRO A 126 -20.39 -5.72 3.34
CA PRO A 126 -21.75 -6.18 3.64
C PRO A 126 -22.01 -6.31 5.13
N SER A 127 -20.94 -6.41 5.91
CA SER A 127 -21.04 -6.54 7.36
C SER A 127 -20.47 -5.31 8.06
N SER A 128 -19.19 -5.04 7.82
CA SER A 128 -18.52 -3.90 8.42
C SER A 128 -18.88 -2.61 7.70
N GLY A 129 -19.03 -1.52 8.46
CA GLY A 129 -19.37 -0.24 7.89
C GLY A 129 -18.62 0.90 8.52
N GLY A 1 -33.34 -5.26 -9.94
CA GLY A 1 -32.18 -4.40 -10.02
C GLY A 1 -30.89 -5.18 -10.20
N SER A 2 -29.79 -4.47 -10.44
CA SER A 2 -28.49 -5.11 -10.63
C SER A 2 -27.76 -5.24 -9.30
N SER A 3 -26.85 -6.21 -9.22
CA SER A 3 -26.08 -6.45 -8.02
C SER A 3 -25.11 -5.30 -7.75
N GLY A 4 -24.31 -4.96 -8.74
CA GLY A 4 -23.35 -3.88 -8.60
C GLY A 4 -22.22 -3.96 -9.60
N SER A 5 -21.10 -3.33 -9.28
CA SER A 5 -19.94 -3.33 -10.17
C SER A 5 -18.69 -3.83 -9.44
N SER A 6 -18.87 -4.86 -8.62
CA SER A 6 -17.76 -5.42 -7.87
C SER A 6 -16.61 -5.82 -8.79
N GLY A 7 -15.40 -5.41 -8.43
CA GLY A 7 -14.24 -5.73 -9.24
C GLY A 7 -12.96 -5.15 -8.67
N MET A 8 -11.87 -5.26 -9.42
CA MET A 8 -10.58 -4.73 -8.98
C MET A 8 -10.74 -3.34 -8.37
N VAL A 9 -9.70 -2.90 -7.66
CA VAL A 9 -9.72 -1.58 -7.03
C VAL A 9 -8.46 -0.80 -7.36
N LYS A 10 -7.31 -1.36 -7.03
CA LYS A 10 -6.03 -0.73 -7.30
C LYS A 10 -4.92 -1.75 -7.46
N GLU A 11 -3.87 -1.39 -8.18
CA GLU A 11 -2.74 -2.28 -8.40
C GLU A 11 -1.51 -1.50 -8.84
N GLY A 12 -0.34 -2.12 -8.70
CA GLY A 12 0.90 -1.47 -9.09
C GLY A 12 2.05 -1.81 -8.16
N TRP A 13 3.27 -1.56 -8.62
CA TRP A 13 4.46 -1.85 -7.83
C TRP A 13 4.59 -0.86 -6.67
N MET A 14 4.87 -1.38 -5.48
CA MET A 14 5.02 -0.54 -4.29
C MET A 14 6.15 -1.06 -3.40
N VAL A 15 6.74 -0.16 -2.63
CA VAL A 15 7.83 -0.52 -1.74
C VAL A 15 7.43 -0.35 -0.28
N HIS A 16 7.94 -1.23 0.58
CA HIS A 16 7.63 -1.17 2.00
C HIS A 16 8.75 -1.80 2.83
N TYR A 17 8.79 -1.46 4.12
CA TYR A 17 9.82 -1.99 5.01
C TYR A 17 9.22 -2.32 6.38
N THR A 18 9.74 -3.39 7.00
CA THR A 18 9.26 -3.81 8.30
C THR A 18 10.08 -3.17 9.41
N SER A 19 9.51 -3.14 10.62
CA SER A 19 10.19 -2.55 11.77
C SER A 19 11.49 -3.29 12.07
N ARG A 20 11.46 -4.61 11.92
CA ARG A 20 12.64 -5.43 12.18
C ARG A 20 13.59 -5.41 10.99
N ASP A 21 13.17 -6.04 9.90
CA ASP A 21 13.98 -6.08 8.68
C ASP A 21 13.80 -4.82 7.85
N ASN A 22 14.76 -3.91 7.94
CA ASN A 22 14.70 -2.65 7.20
C ASN A 22 14.73 -2.91 5.70
N LEU A 23 15.50 -3.92 5.30
CA LEU A 23 15.62 -4.26 3.88
C LEU A 23 14.29 -4.03 3.15
N ARG A 24 14.19 -2.89 2.49
CA ARG A 24 12.99 -2.54 1.75
C ARG A 24 12.63 -3.63 0.74
N LYS A 25 11.34 -3.75 0.41
CA LYS A 25 10.88 -4.75 -0.54
C LYS A 25 9.92 -4.13 -1.55
N ARG A 26 10.18 -4.38 -2.83
CA ARG A 26 9.35 -3.85 -3.90
C ARG A 26 8.67 -4.97 -4.66
N HIS A 27 7.34 -5.00 -4.63
CA HIS A 27 6.56 -6.02 -5.33
C HIS A 27 5.30 -5.42 -5.94
N TYR A 28 4.71 -6.16 -6.88
CA TYR A 28 3.49 -5.70 -7.54
C TYR A 28 2.29 -5.81 -6.61
N TRP A 29 2.05 -4.76 -5.84
CA TRP A 29 0.93 -4.73 -4.91
C TRP A 29 -0.40 -4.72 -5.66
N ARG A 30 -1.18 -5.79 -5.50
CA ARG A 30 -2.47 -5.90 -6.16
C ARG A 30 -3.60 -5.89 -5.15
N LEU A 31 -4.59 -5.02 -5.37
CA LEU A 31 -5.73 -4.92 -4.46
C LEU A 31 -7.05 -4.99 -5.24
N ASP A 32 -7.97 -5.79 -4.74
CA ASP A 32 -9.29 -5.95 -5.38
C ASP A 32 -10.41 -5.86 -4.36
N SER A 33 -11.64 -5.76 -4.84
CA SER A 33 -12.80 -5.67 -3.97
C SER A 33 -12.88 -6.88 -3.04
N LYS A 34 -12.11 -7.91 -3.36
CA LYS A 34 -12.10 -9.13 -2.57
C LYS A 34 -11.06 -9.04 -1.46
N CYS A 35 -9.79 -9.06 -1.83
CA CYS A 35 -8.71 -8.98 -0.86
C CYS A 35 -7.44 -8.43 -1.50
N LEU A 36 -6.51 -7.98 -0.67
CA LEU A 36 -5.25 -7.42 -1.17
C LEU A 36 -4.22 -8.53 -1.39
N THR A 37 -3.87 -8.75 -2.65
CA THR A 37 -2.90 -9.77 -3.00
C THR A 37 -1.63 -9.15 -3.57
N LEU A 38 -0.49 -9.81 -3.31
CA LEU A 38 0.80 -9.31 -3.81
C LEU A 38 1.30 -10.17 -4.96
N PHE A 39 2.25 -9.63 -5.71
CA PHE A 39 2.83 -10.35 -6.85
C PHE A 39 4.28 -9.95 -7.08
N GLN A 40 5.13 -10.95 -7.30
CA GLN A 40 6.55 -10.69 -7.54
C GLN A 40 6.75 -9.90 -8.83
N ASN A 41 6.10 -10.36 -9.90
CA ASN A 41 6.23 -9.70 -11.19
C ASN A 41 4.85 -9.31 -11.73
N GLU A 42 4.84 -8.45 -12.74
CA GLU A 42 3.59 -8.00 -13.35
C GLU A 42 2.89 -9.14 -14.07
N SER A 43 3.65 -10.16 -14.44
CA SER A 43 3.11 -11.32 -15.13
C SER A 43 3.30 -12.59 -14.32
N GLY A 44 2.19 -13.20 -13.90
CA GLY A 44 2.26 -14.41 -13.12
C GLY A 44 1.01 -14.63 -12.28
N SER A 45 0.71 -15.89 -11.98
CA SER A 45 -0.46 -16.23 -11.19
C SER A 45 -0.06 -16.55 -9.75
N LYS A 46 1.06 -17.25 -9.59
CA LYS A 46 1.55 -17.62 -8.27
C LYS A 46 1.59 -16.41 -7.34
N TYR A 47 0.49 -16.18 -6.63
CA TYR A 47 0.39 -15.05 -5.71
C TYR A 47 1.51 -15.10 -4.69
N TYR A 48 1.87 -13.94 -4.15
CA TYR A 48 2.93 -13.84 -3.16
C TYR A 48 2.37 -14.01 -1.74
N LYS A 49 1.47 -13.11 -1.36
CA LYS A 49 0.86 -13.16 -0.03
C LYS A 49 -0.63 -12.83 -0.11
N GLU A 50 -1.32 -13.01 1.00
CA GLU A 50 -2.75 -12.74 1.06
C GLU A 50 -3.09 -11.86 2.26
N ILE A 51 -3.62 -10.67 1.99
CA ILE A 51 -3.99 -9.73 3.05
C ILE A 51 -5.46 -9.33 2.94
N PRO A 52 -6.32 -10.07 3.65
CA PRO A 52 -7.76 -9.81 3.66
C PRO A 52 -8.11 -8.51 4.38
N LEU A 53 -8.97 -7.71 3.77
CA LEU A 53 -9.40 -6.44 4.35
C LEU A 53 -9.62 -6.58 5.85
N SER A 54 -9.95 -7.79 6.29
CA SER A 54 -10.20 -8.06 7.70
C SER A 54 -8.91 -7.88 8.51
N GLU A 55 -7.92 -8.71 8.24
CA GLU A 55 -6.64 -8.63 8.94
C GLU A 55 -6.28 -7.19 9.27
N ILE A 56 -6.12 -6.37 8.23
CA ILE A 56 -5.78 -4.97 8.41
C ILE A 56 -6.59 -4.35 9.55
N LEU A 57 -5.99 -4.26 10.73
CA LEU A 57 -6.65 -3.69 11.89
C LEU A 57 -6.92 -2.20 11.69
N ARG A 58 -5.85 -1.44 11.42
CA ARG A 58 -5.97 0.00 11.21
C ARG A 58 -4.67 0.57 10.66
N ILE A 59 -4.63 1.89 10.51
CA ILE A 59 -3.45 2.56 10.00
C ILE A 59 -2.72 3.31 11.10
N SER A 60 -1.39 3.32 11.02
CA SER A 60 -0.57 4.00 12.02
C SER A 60 -0.26 5.43 11.58
N SER A 61 -0.06 6.32 12.56
CA SER A 61 0.25 7.71 12.28
C SER A 61 1.68 7.86 11.78
N PRO A 62 1.95 8.99 11.10
CA PRO A 62 3.28 9.29 10.56
C PRO A 62 4.30 9.58 11.66
N ARG A 63 3.87 9.47 12.90
CA ARG A 63 4.75 9.73 14.04
C ARG A 63 5.64 8.53 14.32
N ASP A 64 6.23 7.98 13.25
CA ASP A 64 7.10 6.83 13.38
C ASP A 64 8.46 7.11 12.74
N PHE A 65 8.99 8.30 13.00
CA PHE A 65 10.29 8.69 12.45
C PHE A 65 11.43 8.10 13.27
N THR A 66 11.28 8.12 14.59
CA THR A 66 12.31 7.58 15.48
C THR A 66 12.79 6.21 15.01
N ASN A 67 11.84 5.37 14.61
CA ASN A 67 12.17 4.03 14.13
C ASN A 67 13.47 4.03 13.36
N ILE A 68 13.66 5.04 12.51
CA ILE A 68 14.86 5.16 11.71
C ILE A 68 15.85 6.14 12.34
N SER A 69 17.04 6.23 11.77
CA SER A 69 18.08 7.13 12.27
C SER A 69 18.47 8.15 11.22
N GLN A 70 18.99 7.67 10.09
CA GLN A 70 19.41 8.55 9.01
C GLN A 70 19.79 7.74 7.76
N GLY A 71 19.32 8.20 6.60
CA GLY A 71 19.62 7.51 5.36
C GLY A 71 18.47 6.67 4.87
N SER A 72 17.28 7.25 4.86
CA SER A 72 16.08 6.55 4.41
C SER A 72 14.99 7.54 4.00
N ASN A 73 13.93 7.02 3.37
CA ASN A 73 12.83 7.85 2.92
C ASN A 73 11.68 7.80 3.92
N PRO A 74 10.88 8.88 3.97
CA PRO A 74 9.73 8.98 4.87
C PRO A 74 8.60 8.04 4.49
N HIS A 75 7.47 8.18 5.16
CA HIS A 75 6.30 7.34 4.88
C HIS A 75 5.01 8.12 5.10
N CYS A 76 3.95 7.70 4.42
CA CYS A 76 2.65 8.35 4.52
C CYS A 76 1.70 7.54 5.39
N PHE A 77 1.84 6.22 5.33
CA PHE A 77 1.00 5.32 6.11
C PHE A 77 1.62 3.93 6.21
N GLU A 78 1.13 3.14 7.15
CA GLU A 78 1.64 1.78 7.35
C GLU A 78 0.51 0.82 7.72
N ILE A 79 0.46 -0.31 7.03
CA ILE A 79 -0.58 -1.30 7.29
C ILE A 79 -0.21 -2.17 8.49
N ILE A 80 -0.87 -1.92 9.61
CA ILE A 80 -0.63 -2.68 10.84
C ILE A 80 -1.42 -3.98 10.86
N THR A 81 -0.73 -5.10 11.02
CA THR A 81 -1.37 -6.40 11.06
C THR A 81 -0.96 -7.19 12.30
N ASP A 82 -1.89 -7.96 12.85
CA ASP A 82 -1.62 -8.75 14.03
C ASP A 82 -0.18 -9.26 14.04
N THR A 83 0.32 -9.61 12.86
CA THR A 83 1.68 -10.12 12.73
C THR A 83 2.70 -9.00 12.98
N MET A 84 2.82 -8.09 12.02
CA MET A 84 3.75 -6.99 12.13
C MET A 84 3.26 -5.77 11.36
N VAL A 85 3.93 -4.64 11.55
CA VAL A 85 3.55 -3.40 10.87
C VAL A 85 4.27 -3.28 9.53
N TYR A 86 3.56 -2.82 8.52
CA TYR A 86 4.13 -2.65 7.18
C TYR A 86 4.21 -1.18 6.81
N PHE A 87 5.43 -0.67 6.68
CA PHE A 87 5.65 0.72 6.33
C PHE A 87 5.57 0.92 4.81
N VAL A 88 4.44 1.47 4.35
CA VAL A 88 4.23 1.71 2.93
C VAL A 88 4.33 3.19 2.61
N GLY A 89 5.03 3.51 1.52
CA GLY A 89 5.19 4.90 1.11
C GLY A 89 6.64 5.31 1.00
N GLU A 90 7.03 5.78 -0.19
CA GLU A 90 8.39 6.20 -0.43
C GLU A 90 8.44 7.48 -1.25
N ASN A 91 8.80 8.58 -0.61
CA ASN A 91 8.88 9.88 -1.29
C ASN A 91 10.31 10.22 -1.65
N ASN A 92 10.59 10.29 -2.95
CA ASN A 92 11.93 10.62 -3.43
C ASN A 92 12.05 12.09 -3.78
N GLY A 93 11.48 12.94 -2.94
CA GLY A 93 11.53 14.38 -3.17
C GLY A 93 10.88 14.76 -4.49
N ASP A 94 9.57 14.57 -4.58
CA ASP A 94 8.83 14.90 -5.79
C ASP A 94 8.59 16.40 -5.89
N SER A 95 9.23 17.04 -6.85
CA SER A 95 9.09 18.48 -7.05
C SER A 95 7.73 18.82 -7.64
N SER A 96 7.39 18.16 -8.74
CA SER A 96 6.12 18.38 -9.41
C SER A 96 5.44 17.05 -9.77
N HIS A 97 4.16 16.94 -9.45
CA HIS A 97 3.41 15.73 -9.74
C HIS A 97 3.79 15.16 -11.11
N ASN A 98 4.49 14.04 -11.11
CA ASN A 98 4.91 13.39 -12.35
C ASN A 98 4.13 12.11 -12.60
N PRO A 99 3.38 12.08 -13.70
CA PRO A 99 2.57 10.92 -14.08
C PRO A 99 3.42 9.73 -14.52
N VAL A 100 4.70 10.00 -14.79
CA VAL A 100 5.63 8.96 -15.22
C VAL A 100 6.14 8.17 -14.02
N LEU A 101 6.15 8.79 -12.85
CA LEU A 101 6.62 8.15 -11.64
C LEU A 101 5.53 7.30 -11.01
N ALA A 102 4.33 7.88 -10.89
CA ALA A 102 3.20 7.17 -10.31
C ALA A 102 2.87 5.90 -11.10
N ALA A 103 2.90 6.02 -12.42
CA ALA A 103 2.62 4.89 -13.28
C ALA A 103 3.11 3.58 -12.67
N THR A 104 4.34 3.61 -12.18
CA THR A 104 4.94 2.42 -11.56
C THR A 104 4.53 2.29 -10.10
N GLY A 105 4.57 3.40 -9.37
CA GLY A 105 4.20 3.39 -7.97
C GLY A 105 5.33 3.84 -7.07
N VAL A 106 5.96 4.95 -7.42
CA VAL A 106 7.06 5.49 -6.63
C VAL A 106 6.84 6.96 -6.31
N GLY A 107 6.40 7.23 -5.08
CA GLY A 107 6.15 8.60 -4.67
C GLY A 107 4.98 8.72 -3.71
N LEU A 108 4.62 9.96 -3.37
CA LEU A 108 3.52 10.20 -2.45
C LEU A 108 2.19 10.22 -3.20
N ASP A 109 2.21 10.76 -4.41
CA ASP A 109 1.01 10.84 -5.23
C ASP A 109 0.28 9.50 -5.27
N VAL A 110 0.97 8.48 -5.77
CA VAL A 110 0.38 7.14 -5.87
C VAL A 110 0.04 6.60 -4.49
N ALA A 111 0.80 7.01 -3.49
CA ALA A 111 0.56 6.57 -2.11
C ALA A 111 -0.79 7.06 -1.61
N GLN A 112 -1.00 8.37 -1.67
CA GLN A 112 -2.25 8.97 -1.21
C GLN A 112 -3.45 8.18 -1.73
N SER A 113 -3.36 7.75 -2.98
CA SER A 113 -4.45 6.98 -3.60
C SER A 113 -4.66 5.66 -2.87
N TRP A 114 -3.60 4.88 -2.75
CA TRP A 114 -3.67 3.58 -2.09
C TRP A 114 -4.39 3.71 -0.75
N GLU A 115 -3.82 4.49 0.16
CA GLU A 115 -4.42 4.70 1.48
C GLU A 115 -5.93 4.84 1.38
N LYS A 116 -6.37 5.71 0.47
CA LYS A 116 -7.80 5.95 0.27
C LYS A 116 -8.50 4.67 -0.18
N ALA A 117 -7.89 3.96 -1.12
CA ALA A 117 -8.46 2.73 -1.64
C ALA A 117 -8.51 1.66 -0.56
N ILE A 118 -7.34 1.25 -0.07
CA ILE A 118 -7.25 0.24 0.97
C ILE A 118 -8.21 0.55 2.13
N ARG A 119 -8.21 1.81 2.55
CA ARG A 119 -9.06 2.24 3.65
C ARG A 119 -10.54 2.20 3.24
N GLN A 120 -10.82 2.71 2.05
CA GLN A 120 -12.19 2.73 1.54
C GLN A 120 -12.81 1.33 1.57
N ALA A 121 -12.14 0.38 0.93
CA ALA A 121 -12.62 -1.00 0.89
C ALA A 121 -12.99 -1.49 2.28
N LEU A 122 -12.09 -1.29 3.24
CA LEU A 122 -12.31 -1.71 4.60
C LEU A 122 -13.70 -1.31 5.08
N MET A 123 -13.94 -0.01 5.13
CA MET A 123 -15.24 0.52 5.56
C MET A 123 -16.36 0.03 4.65
N SER A 124 -16.03 -0.18 3.38
CA SER A 124 -17.00 -0.63 2.39
C SER A 124 -16.82 -2.12 2.11
N GLY A 125 -16.61 -2.90 3.16
CA GLY A 125 -16.43 -4.33 2.99
C GLY A 125 -17.70 -5.04 2.57
N PRO A 126 -18.53 -5.42 3.55
CA PRO A 126 -19.80 -6.12 3.28
C PRO A 126 -20.83 -5.21 2.64
N SER A 127 -20.45 -3.96 2.41
CA SER A 127 -21.35 -2.98 1.80
C SER A 127 -21.90 -3.51 0.48
N SER A 128 -23.08 -3.04 0.12
CA SER A 128 -23.73 -3.46 -1.13
C SER A 128 -23.78 -2.32 -2.13
N GLY A 129 -24.27 -2.61 -3.33
CA GLY A 129 -24.38 -1.59 -4.37
C GLY A 129 -25.39 -1.94 -5.42
N GLY A 1 -24.10 9.16 -13.76
CA GLY A 1 -23.19 8.72 -12.73
C GLY A 1 -21.93 9.55 -12.66
N SER A 2 -20.90 9.03 -12.00
CA SER A 2 -19.63 9.74 -11.86
C SER A 2 -18.46 8.77 -11.98
N SER A 3 -17.40 9.22 -12.64
CA SER A 3 -16.21 8.40 -12.83
C SER A 3 -15.00 9.01 -12.11
N GLY A 4 -15.25 9.51 -10.90
CA GLY A 4 -14.18 10.11 -10.12
C GLY A 4 -13.08 9.12 -9.78
N SER A 5 -13.38 8.16 -8.92
CA SER A 5 -12.42 7.16 -8.50
C SER A 5 -13.09 6.03 -7.73
N SER A 6 -12.84 4.80 -8.14
CA SER A 6 -13.43 3.63 -7.49
C SER A 6 -12.36 2.62 -7.11
N GLY A 7 -12.55 1.97 -5.97
CA GLY A 7 -11.58 0.99 -5.50
C GLY A 7 -12.07 -0.43 -5.69
N MET A 8 -11.94 -0.95 -6.92
CA MET A 8 -12.39 -2.30 -7.23
C MET A 8 -11.24 -3.13 -7.80
N VAL A 9 -10.44 -2.51 -8.67
CA VAL A 9 -9.30 -3.18 -9.28
C VAL A 9 -8.09 -2.26 -9.37
N LYS A 10 -7.09 -2.54 -8.54
CA LYS A 10 -5.87 -1.73 -8.52
C LYS A 10 -4.63 -2.63 -8.45
N GLU A 11 -3.56 -2.20 -9.09
CA GLU A 11 -2.32 -2.95 -9.11
C GLU A 11 -1.14 -2.06 -9.47
N GLY A 12 0.07 -2.54 -9.18
CA GLY A 12 1.26 -1.76 -9.49
C GLY A 12 2.43 -2.12 -8.59
N TRP A 13 3.62 -1.67 -8.95
CA TRP A 13 4.82 -1.95 -8.18
C TRP A 13 4.97 -0.96 -7.02
N MET A 14 4.88 -1.47 -5.80
CA MET A 14 5.00 -0.64 -4.61
C MET A 14 6.14 -1.13 -3.72
N VAL A 15 6.61 -0.25 -2.85
CA VAL A 15 7.69 -0.59 -1.93
C VAL A 15 7.24 -0.50 -0.48
N HIS A 16 7.68 -1.45 0.34
CA HIS A 16 7.32 -1.47 1.75
C HIS A 16 8.40 -2.18 2.57
N TYR A 17 8.39 -1.93 3.88
CA TYR A 17 9.36 -2.53 4.78
C TYR A 17 8.73 -2.87 6.13
N THR A 18 9.50 -3.54 6.99
CA THR A 18 9.01 -3.92 8.30
C THR A 18 9.69 -3.10 9.40
N SER A 19 9.15 -3.18 10.61
CA SER A 19 9.69 -2.43 11.74
C SER A 19 10.99 -3.08 12.23
N ARG A 20 10.91 -4.35 12.60
CA ARG A 20 12.09 -5.07 13.08
C ARG A 20 13.31 -4.75 12.24
N ASP A 21 13.20 -4.96 10.93
CA ASP A 21 14.30 -4.70 10.02
C ASP A 21 13.83 -3.85 8.84
N ASN A 22 14.68 -2.92 8.40
CA ASN A 22 14.35 -2.05 7.28
C ASN A 22 14.65 -2.73 5.95
N LEU A 23 14.07 -3.91 5.75
CA LEU A 23 14.28 -4.67 4.52
C LEU A 23 13.20 -4.34 3.49
N ARG A 24 13.36 -3.20 2.81
CA ARG A 24 12.40 -2.77 1.80
C ARG A 24 12.07 -3.91 0.85
N LYS A 25 10.87 -3.89 0.29
CA LYS A 25 10.44 -4.92 -0.65
C LYS A 25 9.57 -4.32 -1.75
N ARG A 26 9.98 -4.53 -3.00
CA ARG A 26 9.25 -4.01 -4.15
C ARG A 26 8.56 -5.14 -4.90
N HIS A 27 7.23 -5.09 -4.96
CA HIS A 27 6.45 -6.10 -5.65
C HIS A 27 5.20 -5.50 -6.29
N TYR A 28 4.62 -6.22 -7.24
CA TYR A 28 3.42 -5.75 -7.93
C TYR A 28 2.20 -5.84 -7.02
N TRP A 29 2.11 -4.91 -6.07
CA TRP A 29 0.98 -4.89 -5.14
C TRP A 29 -0.35 -4.80 -5.88
N ARG A 30 -1.26 -5.72 -5.56
CA ARG A 30 -2.56 -5.74 -6.21
C ARG A 30 -3.68 -5.75 -5.16
N LEU A 31 -4.63 -4.84 -5.33
CA LEU A 31 -5.76 -4.74 -4.40
C LEU A 31 -7.09 -4.93 -5.12
N ASP A 32 -8.07 -5.45 -4.41
CA ASP A 32 -9.39 -5.68 -4.99
C ASP A 32 -10.47 -5.67 -3.91
N SER A 33 -11.72 -5.70 -4.33
CA SER A 33 -12.85 -5.70 -3.40
C SER A 33 -12.82 -6.91 -2.49
N LYS A 34 -11.97 -7.88 -2.85
CA LYS A 34 -11.84 -9.11 -2.07
C LYS A 34 -10.78 -8.95 -0.99
N CYS A 35 -9.51 -8.89 -1.42
CA CYS A 35 -8.40 -8.75 -0.49
C CYS A 35 -7.18 -8.20 -1.21
N LEU A 36 -6.24 -7.66 -0.43
CA LEU A 36 -5.02 -7.09 -0.99
C LEU A 36 -3.93 -8.15 -1.10
N THR A 37 -3.66 -8.59 -2.32
CA THR A 37 -2.65 -9.61 -2.57
C THR A 37 -1.45 -9.01 -3.30
N LEU A 38 -0.27 -9.61 -3.09
CA LEU A 38 0.94 -9.14 -3.73
C LEU A 38 1.35 -10.07 -4.87
N PHE A 39 2.42 -9.71 -5.57
CA PHE A 39 2.91 -10.50 -6.68
C PHE A 39 4.43 -10.37 -6.82
N GLN A 40 5.13 -11.51 -6.81
CA GLN A 40 6.58 -11.51 -6.93
C GLN A 40 7.02 -10.90 -8.26
N ASN A 41 6.46 -11.40 -9.35
CA ASN A 41 6.79 -10.90 -10.68
C ASN A 41 5.53 -10.64 -11.49
N GLU A 42 5.68 -9.92 -12.60
CA GLU A 42 4.55 -9.60 -13.46
C GLU A 42 4.03 -10.85 -14.15
N SER A 43 4.93 -11.77 -14.47
CA SER A 43 4.56 -13.02 -15.14
C SER A 43 5.25 -14.20 -14.48
N GLY A 44 4.64 -15.38 -14.62
CA GLY A 44 5.21 -16.58 -14.03
C GLY A 44 4.91 -16.70 -12.55
N SER A 45 3.64 -16.53 -12.19
CA SER A 45 3.23 -16.63 -10.80
C SER A 45 1.71 -16.51 -10.67
N LYS A 46 1.22 -16.52 -9.43
CA LYS A 46 -0.21 -16.41 -9.17
C LYS A 46 -0.49 -15.42 -8.05
N TYR A 47 0.39 -15.42 -7.05
CA TYR A 47 0.24 -14.52 -5.91
C TYR A 47 1.44 -14.65 -4.95
N TYR A 48 1.84 -13.52 -4.39
CA TYR A 48 2.97 -13.50 -3.46
C TYR A 48 2.49 -13.60 -2.01
N LYS A 49 1.70 -12.63 -1.59
CA LYS A 49 1.17 -12.62 -0.23
C LYS A 49 -0.26 -12.08 -0.21
N GLU A 50 -1.14 -12.75 0.54
CA GLU A 50 -2.53 -12.33 0.64
C GLU A 50 -2.77 -11.53 1.92
N ILE A 51 -3.40 -10.38 1.78
CA ILE A 51 -3.69 -9.52 2.93
C ILE A 51 -5.19 -9.26 3.06
N PRO A 52 -5.85 -10.04 3.93
CA PRO A 52 -7.29 -9.92 4.17
C PRO A 52 -7.65 -8.62 4.90
N LEU A 53 -8.44 -7.78 4.25
CA LEU A 53 -8.85 -6.51 4.84
C LEU A 53 -9.06 -6.64 6.34
N SER A 54 -9.48 -7.82 6.78
CA SER A 54 -9.70 -8.08 8.19
C SER A 54 -8.42 -7.90 8.99
N GLU A 55 -7.38 -8.65 8.61
CA GLU A 55 -6.09 -8.56 9.30
C GLU A 55 -5.78 -7.13 9.71
N ILE A 56 -5.76 -6.24 8.72
CA ILE A 56 -5.48 -4.83 8.98
C ILE A 56 -6.37 -4.28 10.10
N LEU A 57 -5.81 -4.19 11.30
CA LEU A 57 -6.55 -3.68 12.44
C LEU A 57 -6.85 -2.19 12.29
N ARG A 58 -5.81 -1.41 12.03
CA ARG A 58 -5.97 0.03 11.85
C ARG A 58 -4.70 0.65 11.29
N ILE A 59 -4.79 1.92 10.90
CA ILE A 59 -3.64 2.63 10.35
C ILE A 59 -3.00 3.55 11.39
N SER A 60 -1.68 3.60 11.39
CA SER A 60 -0.95 4.44 12.34
C SER A 60 -1.07 5.91 11.95
N SER A 61 -1.58 6.72 12.88
CA SER A 61 -1.74 8.15 12.65
C SER A 61 -0.44 8.78 12.17
N PRO A 62 0.61 8.68 13.00
CA PRO A 62 1.93 9.24 12.69
C PRO A 62 2.63 8.47 11.58
N ARG A 63 3.85 8.88 11.26
CA ARG A 63 4.62 8.23 10.21
C ARG A 63 5.92 7.65 10.76
N ASP A 64 5.84 7.06 11.96
CA ASP A 64 7.00 6.47 12.60
C ASP A 64 8.27 7.28 12.28
N PHE A 65 8.21 8.58 12.51
CA PHE A 65 9.34 9.45 12.24
C PHE A 65 10.56 9.00 13.03
N THR A 66 10.35 8.12 13.99
CA THR A 66 11.45 7.61 14.81
C THR A 66 12.36 6.69 14.01
N ASN A 67 11.91 6.30 12.83
CA ASN A 67 12.69 5.44 11.95
C ASN A 67 13.08 6.15 10.66
N ILE A 68 13.71 7.31 10.82
CA ILE A 68 14.14 8.10 9.67
C ILE A 68 15.66 8.22 9.60
N SER A 69 16.33 7.71 10.63
CA SER A 69 17.78 7.75 10.70
C SER A 69 18.40 7.22 9.41
N GLN A 70 18.25 5.92 9.18
CA GLN A 70 18.79 5.29 7.98
C GLN A 70 18.34 6.02 6.72
N GLY A 71 19.28 6.58 5.99
CA GLY A 71 18.96 7.30 4.78
C GLY A 71 17.85 6.64 3.99
N SER A 72 16.64 7.18 4.08
CA SER A 72 15.50 6.62 3.37
C SER A 72 14.37 7.65 3.27
N ASN A 73 13.33 7.31 2.52
CA ASN A 73 12.19 8.19 2.33
C ASN A 73 11.05 7.82 3.28
N PRO A 74 10.33 8.84 3.77
CA PRO A 74 9.20 8.64 4.69
C PRO A 74 8.01 7.98 4.01
N HIS A 75 7.11 7.41 4.81
CA HIS A 75 5.92 6.75 4.28
C HIS A 75 4.68 7.62 4.49
N CYS A 76 3.57 7.21 3.89
CA CYS A 76 2.32 7.95 4.01
C CYS A 76 1.40 7.32 5.06
N PHE A 77 1.46 6.00 5.15
CA PHE A 77 0.64 5.27 6.12
C PHE A 77 1.33 3.97 6.55
N GLU A 78 0.79 3.34 7.59
CA GLU A 78 1.34 2.09 8.10
C GLU A 78 0.25 1.05 8.30
N ILE A 79 0.45 -0.13 7.73
CA ILE A 79 -0.52 -1.21 7.84
C ILE A 79 -0.19 -2.11 9.03
N ILE A 80 -0.96 -1.96 10.11
CA ILE A 80 -0.75 -2.76 11.31
C ILE A 80 -1.62 -4.02 11.29
N THR A 81 -1.00 -5.16 11.04
CA THR A 81 -1.71 -6.43 10.99
C THR A 81 -1.40 -7.28 12.22
N ASP A 82 -2.40 -8.04 12.67
CA ASP A 82 -2.24 -8.89 13.84
C ASP A 82 -0.86 -9.55 13.85
N THR A 83 -0.35 -9.85 12.66
CA THR A 83 0.96 -10.48 12.54
C THR A 83 2.09 -9.50 12.85
N MET A 84 2.32 -8.57 11.94
CA MET A 84 3.37 -7.57 12.12
C MET A 84 2.98 -6.24 11.47
N VAL A 85 3.75 -5.20 11.76
CA VAL A 85 3.48 -3.87 11.20
C VAL A 85 4.20 -3.68 9.87
N TYR A 86 3.49 -3.14 8.90
CA TYR A 86 4.06 -2.90 7.58
C TYR A 86 3.99 -1.42 7.21
N PHE A 87 5.09 -0.91 6.65
CA PHE A 87 5.15 0.50 6.25
C PHE A 87 5.21 0.63 4.74
N VAL A 88 4.24 1.34 4.17
CA VAL A 88 4.17 1.54 2.73
C VAL A 88 4.15 3.02 2.38
N GLY A 89 4.87 3.40 1.33
CA GLY A 89 4.92 4.78 0.92
C GLY A 89 6.33 5.32 0.87
N GLU A 90 6.61 6.16 -0.13
CA GLU A 90 7.94 6.75 -0.28
C GLU A 90 7.85 8.15 -0.90
N ASN A 91 8.61 9.09 -0.34
CA ASN A 91 8.62 10.45 -0.84
C ASN A 91 10.02 10.88 -1.26
N ASN A 92 10.26 10.91 -2.57
CA ASN A 92 11.57 11.30 -3.09
C ASN A 92 11.95 12.70 -2.62
N GLY A 93 11.01 13.64 -2.73
CA GLY A 93 11.27 15.00 -2.31
C GLY A 93 10.91 16.01 -3.37
N ASP A 94 9.64 16.03 -3.77
CA ASP A 94 9.17 16.96 -4.79
C ASP A 94 7.92 17.71 -4.31
N SER A 95 7.58 18.78 -5.02
CA SER A 95 6.42 19.58 -4.65
C SER A 95 5.58 19.90 -5.89
N SER A 96 5.13 18.86 -6.57
CA SER A 96 4.31 19.03 -7.77
C SER A 96 3.57 17.74 -8.11
N HIS A 97 2.74 17.81 -9.14
CA HIS A 97 1.96 16.64 -9.57
C HIS A 97 2.68 15.89 -10.70
N ASN A 98 3.24 14.74 -10.36
CA ASN A 98 3.95 13.93 -11.33
C ASN A 98 3.14 12.69 -11.72
N PRO A 99 2.25 12.86 -12.71
CA PRO A 99 1.40 11.77 -13.19
C PRO A 99 2.18 10.71 -13.95
N VAL A 100 3.49 10.92 -14.07
CA VAL A 100 4.36 9.98 -14.77
C VAL A 100 5.02 9.01 -13.80
N LEU A 101 5.39 9.53 -12.62
CA LEU A 101 6.04 8.71 -11.61
C LEU A 101 5.09 7.63 -11.10
N ALA A 102 3.92 8.05 -10.65
CA ALA A 102 2.92 7.11 -10.13
C ALA A 102 2.75 5.91 -11.06
N ALA A 103 2.86 6.17 -12.36
CA ALA A 103 2.72 5.12 -13.36
C ALA A 103 3.40 3.83 -12.90
N THR A 104 4.64 3.96 -12.43
CA THR A 104 5.39 2.81 -11.96
C THR A 104 5.07 2.50 -10.51
N GLY A 105 4.63 3.51 -9.77
CA GLY A 105 4.29 3.32 -8.37
C GLY A 105 5.33 3.91 -7.44
N VAL A 106 5.65 5.18 -7.65
CA VAL A 106 6.63 5.86 -6.82
C VAL A 106 6.23 7.31 -6.55
N GLY A 107 6.38 7.74 -5.30
CA GLY A 107 6.02 9.09 -4.93
C GLY A 107 4.89 9.14 -3.92
N LEU A 108 4.51 10.35 -3.53
CA LEU A 108 3.43 10.53 -2.56
C LEU A 108 2.07 10.51 -3.25
N ASP A 109 1.99 11.13 -4.42
CA ASP A 109 0.75 11.19 -5.18
C ASP A 109 0.17 9.79 -5.35
N VAL A 110 1.02 8.83 -5.69
CA VAL A 110 0.58 7.45 -5.88
C VAL A 110 0.11 6.83 -4.58
N ALA A 111 0.80 7.16 -3.48
CA ALA A 111 0.44 6.64 -2.17
C ALA A 111 -0.92 7.14 -1.73
N GLN A 112 -1.11 8.46 -1.78
CA GLN A 112 -2.36 9.07 -1.38
C GLN A 112 -3.55 8.31 -1.98
N SER A 113 -3.38 7.82 -3.20
CA SER A 113 -4.44 7.08 -3.89
C SER A 113 -4.62 5.71 -3.26
N TRP A 114 -3.52 4.97 -3.12
CA TRP A 114 -3.58 3.63 -2.54
C TRP A 114 -4.22 3.67 -1.16
N GLU A 115 -3.64 4.44 -0.25
CA GLU A 115 -4.16 4.57 1.11
C GLU A 115 -5.67 4.81 1.09
N LYS A 116 -6.09 5.79 0.30
CA LYS A 116 -7.51 6.13 0.20
C LYS A 116 -8.34 4.89 -0.12
N ALA A 117 -7.81 4.02 -0.98
CA ALA A 117 -8.50 2.81 -1.36
C ALA A 117 -8.41 1.76 -0.26
N ILE A 118 -7.20 1.33 0.05
CA ILE A 118 -6.97 0.33 1.09
C ILE A 118 -7.78 0.66 2.34
N ARG A 119 -7.89 1.95 2.66
CA ARG A 119 -8.64 2.39 3.82
C ARG A 119 -10.13 2.23 3.61
N GLN A 120 -10.64 2.78 2.51
CA GLN A 120 -12.06 2.69 2.18
C GLN A 120 -12.51 1.24 2.11
N ALA A 121 -11.85 0.46 1.25
CA ALA A 121 -12.17 -0.94 1.08
C ALA A 121 -12.65 -1.56 2.39
N LEU A 122 -11.93 -1.26 3.47
CA LEU A 122 -12.27 -1.80 4.79
C LEU A 122 -13.75 -1.62 5.07
N MET A 123 -14.19 -0.36 5.13
CA MET A 123 -15.60 -0.06 5.40
C MET A 123 -16.44 -0.23 4.14
N SER A 124 -16.01 0.40 3.05
CA SER A 124 -16.74 0.32 1.79
C SER A 124 -18.24 0.19 2.03
N GLY A 125 -18.73 0.84 3.07
CA GLY A 125 -20.14 0.79 3.39
C GLY A 125 -20.63 2.04 4.08
N PRO A 126 -21.74 2.61 3.56
CA PRO A 126 -22.33 3.83 4.11
C PRO A 126 -22.96 3.60 5.48
N SER A 127 -22.72 4.52 6.41
CA SER A 127 -23.27 4.42 7.76
C SER A 127 -24.78 4.61 7.75
N SER A 128 -25.23 5.71 7.13
CA SER A 128 -26.65 6.01 7.05
C SER A 128 -27.08 6.25 5.61
N GLY A 129 -27.97 5.40 5.11
CA GLY A 129 -28.44 5.54 3.75
C GLY A 129 -29.65 6.45 3.65
N GLY A 1 -14.55 11.00 -17.60
CA GLY A 1 -14.10 9.65 -17.28
C GLY A 1 -15.09 8.60 -17.73
N SER A 2 -15.69 7.90 -16.77
CA SER A 2 -16.66 6.85 -17.06
C SER A 2 -17.37 6.39 -15.80
N SER A 3 -18.37 5.53 -15.96
CA SER A 3 -19.13 5.02 -14.83
C SER A 3 -19.41 3.52 -15.00
N GLY A 4 -19.32 2.79 -13.89
CA GLY A 4 -19.56 1.36 -13.93
C GLY A 4 -18.33 0.55 -13.55
N SER A 5 -18.51 -0.40 -12.65
CA SER A 5 -17.41 -1.24 -12.19
C SER A 5 -17.03 -2.27 -13.24
N SER A 6 -15.86 -2.87 -13.08
CA SER A 6 -15.38 -3.87 -14.03
C SER A 6 -14.98 -5.15 -13.31
N GLY A 7 -14.34 -5.00 -12.15
CA GLY A 7 -13.92 -6.16 -11.38
C GLY A 7 -12.67 -5.89 -10.56
N MET A 8 -11.69 -5.22 -11.17
CA MET A 8 -10.45 -4.90 -10.50
C MET A 8 -10.48 -3.49 -9.93
N VAL A 9 -9.64 -3.22 -8.94
CA VAL A 9 -9.57 -1.90 -8.32
C VAL A 9 -8.32 -1.16 -8.75
N LYS A 10 -7.17 -1.58 -8.22
CA LYS A 10 -5.90 -0.95 -8.55
C LYS A 10 -4.75 -1.96 -8.44
N GLU A 11 -3.66 -1.68 -9.13
CA GLU A 11 -2.49 -2.55 -9.11
C GLU A 11 -1.24 -1.80 -9.54
N GLY A 12 -0.08 -2.38 -9.24
CA GLY A 12 1.18 -1.75 -9.61
C GLY A 12 2.30 -2.10 -8.65
N TRP A 13 3.53 -1.79 -9.05
CA TRP A 13 4.70 -2.07 -8.22
C TRP A 13 4.78 -1.11 -7.04
N MET A 14 4.80 -1.66 -5.83
CA MET A 14 4.87 -0.84 -4.62
C MET A 14 5.96 -1.37 -3.68
N VAL A 15 6.50 -0.48 -2.86
CA VAL A 15 7.55 -0.85 -1.91
C VAL A 15 7.05 -0.73 -0.48
N HIS A 16 7.47 -1.67 0.37
CA HIS A 16 7.07 -1.65 1.78
C HIS A 16 8.12 -2.35 2.64
N TYR A 17 8.15 -2.00 3.92
CA TYR A 17 9.10 -2.58 4.85
C TYR A 17 8.45 -2.86 6.20
N THR A 18 9.17 -3.58 7.06
CA THR A 18 8.66 -3.91 8.38
C THR A 18 9.27 -3.00 9.45
N SER A 19 8.72 -3.07 10.66
CA SER A 19 9.21 -2.25 11.77
C SER A 19 10.54 -2.78 12.27
N ARG A 20 10.54 -4.00 12.78
CA ARG A 20 11.75 -4.62 13.30
C ARG A 20 12.96 -4.28 12.43
N ASP A 21 12.84 -4.56 11.13
CA ASP A 21 13.92 -4.28 10.19
C ASP A 21 13.43 -3.41 9.04
N ASN A 22 14.32 -2.61 8.49
CA ASN A 22 13.98 -1.72 7.38
C ASN A 22 14.24 -2.40 6.04
N LEU A 23 13.79 -3.65 5.92
CA LEU A 23 13.96 -4.40 4.69
C LEU A 23 12.88 -4.05 3.68
N ARG A 24 13.21 -3.13 2.77
CA ARG A 24 12.27 -2.70 1.75
C ARG A 24 12.04 -3.81 0.71
N LYS A 25 10.77 -4.07 0.40
CA LYS A 25 10.43 -5.11 -0.57
C LYS A 25 9.55 -4.54 -1.68
N ARG A 26 9.98 -4.72 -2.93
CA ARG A 26 9.22 -4.23 -4.06
C ARG A 26 8.50 -5.37 -4.78
N HIS A 27 7.18 -5.25 -4.90
CA HIS A 27 6.38 -6.27 -5.56
C HIS A 27 5.16 -5.65 -6.24
N TYR A 28 4.59 -6.37 -7.19
CA TYR A 28 3.42 -5.88 -7.92
C TYR A 28 2.18 -5.87 -7.02
N TRP A 29 2.07 -4.85 -6.19
CA TRP A 29 0.95 -4.72 -5.29
C TRP A 29 -0.37 -4.66 -6.06
N ARG A 30 -1.27 -5.59 -5.75
CA ARG A 30 -2.57 -5.64 -6.41
C ARG A 30 -3.71 -5.65 -5.39
N LEU A 31 -4.67 -4.75 -5.58
CA LEU A 31 -5.81 -4.65 -4.68
C LEU A 31 -7.12 -4.82 -5.44
N ASP A 32 -8.03 -5.59 -4.87
CA ASP A 32 -9.34 -5.83 -5.49
C ASP A 32 -10.46 -5.63 -4.49
N SER A 33 -11.69 -5.86 -4.94
CA SER A 33 -12.86 -5.70 -4.07
C SER A 33 -12.99 -6.87 -3.11
N LYS A 34 -12.01 -7.77 -3.14
CA LYS A 34 -12.01 -8.94 -2.26
C LYS A 34 -10.88 -8.85 -1.24
N CYS A 35 -9.65 -8.95 -1.72
CA CYS A 35 -8.48 -8.88 -0.86
C CYS A 35 -7.23 -8.47 -1.64
N LEU A 36 -6.22 -8.01 -0.92
CA LEU A 36 -4.97 -7.59 -1.56
C LEU A 36 -4.04 -8.78 -1.79
N THR A 37 -3.33 -8.75 -2.91
CA THR A 37 -2.40 -9.82 -3.26
C THR A 37 -1.10 -9.26 -3.82
N LEU A 38 0.02 -9.82 -3.37
CA LEU A 38 1.33 -9.39 -3.83
C LEU A 38 1.97 -10.44 -4.73
N PHE A 39 2.85 -9.98 -5.63
CA PHE A 39 3.53 -10.88 -6.55
C PHE A 39 5.04 -10.69 -6.47
N GLN A 40 5.75 -11.78 -6.17
CA GLN A 40 7.20 -11.73 -6.06
C GLN A 40 7.82 -11.01 -7.25
N ASN A 41 7.36 -11.36 -8.45
CA ASN A 41 7.87 -10.75 -9.67
C ASN A 41 6.81 -10.76 -10.77
N GLU A 42 7.11 -10.11 -11.89
CA GLU A 42 6.19 -10.04 -13.00
C GLU A 42 5.86 -11.43 -13.53
N SER A 43 6.89 -12.26 -13.69
CA SER A 43 6.71 -13.62 -14.18
C SER A 43 6.70 -14.62 -13.03
N GLY A 44 5.95 -14.31 -11.98
CA GLY A 44 5.87 -15.19 -10.84
C GLY A 44 4.52 -15.85 -10.71
N SER A 45 4.49 -17.17 -10.82
CA SER A 45 3.26 -17.93 -10.72
C SER A 45 2.66 -17.82 -9.32
N LYS A 46 3.42 -18.24 -8.32
CA LYS A 46 2.97 -18.18 -6.94
C LYS A 46 3.02 -16.75 -6.40
N TYR A 47 2.10 -16.42 -5.51
CA TYR A 47 2.05 -15.09 -4.92
C TYR A 47 2.90 -15.00 -3.66
N TYR A 48 3.44 -13.81 -3.38
CA TYR A 48 4.27 -13.61 -2.21
C TYR A 48 3.45 -13.72 -0.93
N LYS A 49 2.49 -12.83 -0.78
CA LYS A 49 1.62 -12.82 0.41
C LYS A 49 0.32 -12.09 0.12
N GLU A 50 -0.78 -12.65 0.63
CA GLU A 50 -2.09 -12.05 0.44
C GLU A 50 -2.55 -11.30 1.70
N ILE A 51 -2.98 -10.06 1.51
CA ILE A 51 -3.44 -9.24 2.62
C ILE A 51 -4.93 -8.93 2.50
N PRO A 52 -5.76 -9.77 3.14
CA PRO A 52 -7.22 -9.60 3.12
C PRO A 52 -7.67 -8.38 3.91
N LEU A 53 -8.69 -7.70 3.41
CA LEU A 53 -9.24 -6.51 4.07
C LEU A 53 -9.37 -6.75 5.56
N SER A 54 -9.49 -8.01 5.96
CA SER A 54 -9.63 -8.37 7.36
C SER A 54 -8.31 -8.18 8.11
N GLU A 55 -7.23 -8.69 7.53
CA GLU A 55 -5.91 -8.59 8.14
C GLU A 55 -5.67 -7.18 8.67
N ILE A 56 -5.76 -6.20 7.77
CA ILE A 56 -5.54 -4.80 8.14
C ILE A 56 -6.48 -4.39 9.27
N LEU A 57 -5.89 -3.97 10.39
CA LEU A 57 -6.67 -3.54 11.55
C LEU A 57 -7.01 -2.06 11.45
N ARG A 58 -5.97 -1.22 11.39
CA ARG A 58 -6.16 0.22 11.30
C ARG A 58 -4.89 0.89 10.77
N ILE A 59 -5.05 2.12 10.27
CA ILE A 59 -3.93 2.87 9.73
C ILE A 59 -3.34 3.81 10.78
N SER A 60 -2.07 3.59 11.14
CA SER A 60 -1.41 4.42 12.13
C SER A 60 -0.90 5.71 11.50
N SER A 61 -1.16 6.83 12.19
CA SER A 61 -0.73 8.13 11.71
C SER A 61 0.79 8.28 11.80
N PRO A 62 1.31 8.18 13.03
CA PRO A 62 2.75 8.31 13.30
C PRO A 62 3.54 7.12 12.75
N ARG A 63 4.86 7.28 12.66
CA ARG A 63 5.72 6.22 12.15
C ARG A 63 6.23 5.36 13.30
N ASP A 64 5.36 5.08 14.26
CA ASP A 64 5.72 4.25 15.41
C ASP A 64 7.10 4.64 15.94
N PHE A 65 7.50 5.87 15.70
CA PHE A 65 8.79 6.37 16.15
C PHE A 65 9.85 5.27 16.07
N THR A 66 9.84 4.52 14.98
CA THR A 66 10.79 3.43 14.78
C THR A 66 11.77 3.75 13.65
N ASN A 67 11.27 4.39 12.60
CA ASN A 67 12.10 4.75 11.46
C ASN A 67 12.45 6.24 11.49
N ILE A 68 13.11 6.66 12.56
CA ILE A 68 13.51 8.06 12.71
C ILE A 68 15.01 8.18 12.94
N SER A 69 15.68 7.04 13.09
CA SER A 69 17.11 7.03 13.32
C SER A 69 17.86 6.71 12.02
N GLN A 70 17.34 5.76 11.25
CA GLN A 70 17.95 5.38 9.98
C GLN A 70 16.90 5.25 8.89
N GLY A 71 17.10 5.97 7.80
CA GLY A 71 16.16 5.92 6.69
C GLY A 71 16.55 6.86 5.56
N SER A 72 15.88 6.70 4.42
CA SER A 72 16.17 7.55 3.26
C SER A 72 14.90 8.26 2.79
N ASN A 73 13.97 7.50 2.23
CA ASN A 73 12.71 8.06 1.74
C ASN A 73 11.61 7.93 2.79
N PRO A 74 10.87 9.03 3.01
CA PRO A 74 9.77 9.06 3.98
C PRO A 74 8.58 8.22 3.54
N HIS A 75 7.74 7.85 4.50
CA HIS A 75 6.56 7.05 4.22
C HIS A 75 5.30 7.91 4.26
N CYS A 76 4.14 7.28 4.05
CA CYS A 76 2.87 7.98 4.07
C CYS A 76 1.94 7.40 5.13
N PHE A 77 1.88 6.06 5.19
CA PHE A 77 1.04 5.39 6.16
C PHE A 77 1.60 4.01 6.51
N GLU A 78 0.99 3.36 7.49
CA GLU A 78 1.44 2.04 7.93
C GLU A 78 0.26 1.07 8.01
N ILE A 79 0.52 -0.20 7.73
CA ILE A 79 -0.52 -1.21 7.77
C ILE A 79 -0.32 -2.15 8.97
N ILE A 80 -1.05 -1.88 10.05
CA ILE A 80 -0.95 -2.69 11.25
C ILE A 80 -1.80 -3.96 11.13
N THR A 81 -1.12 -5.10 11.11
CA THR A 81 -1.81 -6.39 11.00
C THR A 81 -1.66 -7.20 12.27
N ASP A 82 -2.29 -8.37 12.30
CA ASP A 82 -2.21 -9.26 13.45
C ASP A 82 -0.80 -9.81 13.64
N THR A 83 -0.04 -9.85 12.55
CA THR A 83 1.32 -10.36 12.59
C THR A 83 2.31 -9.26 12.96
N MET A 84 2.54 -8.34 12.04
CA MET A 84 3.47 -7.23 12.27
C MET A 84 3.01 -5.98 11.54
N VAL A 85 3.65 -4.85 11.85
CA VAL A 85 3.32 -3.58 11.21
C VAL A 85 4.14 -3.37 9.95
N TYR A 86 3.49 -2.87 8.90
CA TYR A 86 4.16 -2.62 7.63
C TYR A 86 4.20 -1.12 7.32
N PHE A 87 5.22 -0.70 6.58
CA PHE A 87 5.37 0.69 6.21
C PHE A 87 5.46 0.86 4.70
N VAL A 88 4.45 1.48 4.11
CA VAL A 88 4.40 1.70 2.68
C VAL A 88 4.52 3.18 2.33
N GLY A 89 5.11 3.47 1.18
CA GLY A 89 5.27 4.85 0.75
C GLY A 89 6.70 5.17 0.35
N GLU A 90 6.87 5.64 -0.88
CA GLU A 90 8.20 5.98 -1.39
C GLU A 90 8.18 7.36 -2.04
N ASN A 91 8.86 8.32 -1.41
CA ASN A 91 8.94 9.67 -1.93
C ASN A 91 10.35 10.01 -2.39
N ASN A 92 10.50 10.25 -3.69
CA ASN A 92 11.80 10.58 -4.25
C ASN A 92 12.09 12.08 -4.12
N GLY A 93 11.04 12.88 -4.19
CA GLY A 93 11.20 14.32 -4.07
C GLY A 93 9.88 15.06 -4.12
N ASP A 94 9.14 14.88 -5.21
CA ASP A 94 7.84 15.53 -5.37
C ASP A 94 7.09 14.94 -6.56
N SER A 95 5.79 14.73 -6.38
CA SER A 95 4.96 14.17 -7.44
C SER A 95 3.50 14.56 -7.24
N SER A 96 2.86 15.04 -8.30
CA SER A 96 1.46 15.45 -8.25
C SER A 96 0.84 15.45 -9.63
N HIS A 97 -0.37 14.90 -9.74
CA HIS A 97 -1.07 14.84 -11.01
C HIS A 97 -0.14 14.39 -12.13
N ASN A 98 0.70 13.41 -11.83
CA ASN A 98 1.64 12.89 -12.80
C ASN A 98 1.33 11.43 -13.15
N PRO A 99 0.41 11.23 -14.12
CA PRO A 99 0.01 9.89 -14.55
C PRO A 99 1.11 9.16 -15.31
N VAL A 100 2.27 9.81 -15.40
CA VAL A 100 3.42 9.22 -16.10
C VAL A 100 4.20 8.29 -15.18
N LEU A 101 4.50 8.78 -13.98
CA LEU A 101 5.25 8.00 -13.00
C LEU A 101 4.32 7.09 -12.19
N ALA A 102 3.22 7.66 -11.73
CA ALA A 102 2.24 6.91 -10.96
C ALA A 102 1.83 5.62 -11.67
N ALA A 103 1.62 5.73 -12.98
CA ALA A 103 1.23 4.58 -13.79
C ALA A 103 1.88 3.30 -13.28
N THR A 104 3.13 3.41 -12.85
CA THR A 104 3.88 2.27 -12.33
C THR A 104 3.52 1.99 -10.88
N GLY A 105 3.59 3.04 -10.05
CA GLY A 105 3.27 2.89 -8.64
C GLY A 105 4.37 3.40 -7.74
N VAL A 106 4.95 4.54 -8.11
CA VAL A 106 6.02 5.14 -7.34
C VAL A 106 5.74 6.61 -7.05
N GLY A 107 6.05 7.05 -5.83
CA GLY A 107 5.82 8.43 -5.44
C GLY A 107 4.79 8.56 -4.34
N LEU A 108 4.58 9.79 -3.88
CA LEU A 108 3.60 10.05 -2.82
C LEU A 108 2.19 10.10 -3.38
N ASP A 109 1.94 11.04 -4.28
CA ASP A 109 0.62 11.18 -4.88
C ASP A 109 -0.02 9.82 -5.11
N VAL A 110 0.70 8.93 -5.79
CA VAL A 110 0.19 7.59 -6.08
C VAL A 110 -0.21 6.87 -4.80
N ALA A 111 0.60 7.04 -3.75
CA ALA A 111 0.32 6.40 -2.47
C ALA A 111 -0.96 6.95 -1.85
N GLN A 112 -1.05 8.26 -1.73
CA GLN A 112 -2.23 8.90 -1.16
C GLN A 112 -3.50 8.19 -1.61
N SER A 113 -3.52 7.75 -2.86
CA SER A 113 -4.68 7.07 -3.41
C SER A 113 -4.80 5.65 -2.84
N TRP A 114 -3.66 4.97 -2.74
CA TRP A 114 -3.63 3.61 -2.21
C TRP A 114 -4.01 3.59 -0.73
N GLU A 115 -3.50 4.57 0.01
CA GLU A 115 -3.79 4.66 1.43
C GLU A 115 -5.29 4.86 1.69
N LYS A 116 -5.88 5.79 0.94
CA LYS A 116 -7.31 6.06 1.09
C LYS A 116 -8.15 4.90 0.58
N ALA A 117 -7.74 4.32 -0.54
CA ALA A 117 -8.45 3.19 -1.13
C ALA A 117 -8.48 2.01 -0.17
N ILE A 118 -7.31 1.63 0.33
CA ILE A 118 -7.20 0.51 1.27
C ILE A 118 -8.03 0.76 2.52
N ARG A 119 -7.90 1.96 3.08
CA ARG A 119 -8.63 2.33 4.29
C ARG A 119 -10.14 2.26 4.05
N GLN A 120 -10.58 2.89 2.97
CA GLN A 120 -12.00 2.91 2.63
C GLN A 120 -12.53 1.49 2.41
N ALA A 121 -11.82 0.73 1.56
CA ALA A 121 -12.22 -0.64 1.26
C ALA A 121 -12.77 -1.33 2.50
N LEU A 122 -12.11 -1.11 3.65
CA LEU A 122 -12.54 -1.71 4.90
C LEU A 122 -14.03 -1.46 5.16
N MET A 123 -14.41 -0.18 5.20
CA MET A 123 -15.80 0.19 5.43
C MET A 123 -16.74 -0.68 4.59
N SER A 124 -16.54 -0.66 3.27
CA SER A 124 -17.37 -1.43 2.36
C SER A 124 -17.23 -2.93 2.64
N GLY A 125 -18.29 -3.67 2.38
CA GLY A 125 -18.26 -5.11 2.60
C GLY A 125 -19.63 -5.75 2.47
N PRO A 126 -19.80 -6.94 3.08
CA PRO A 126 -21.06 -7.67 3.04
C PRO A 126 -22.15 -7.00 3.86
N SER A 127 -21.78 -5.91 4.55
CA SER A 127 -22.73 -5.17 5.38
C SER A 127 -23.62 -4.28 4.51
N SER A 128 -24.90 -4.63 4.44
CA SER A 128 -25.86 -3.88 3.65
C SER A 128 -27.08 -3.51 4.49
N GLY A 129 -27.81 -2.49 4.04
CA GLY A 129 -29.00 -2.05 4.76
C GLY A 129 -28.82 -0.69 5.40
N GLY A 1 -19.20 9.59 -3.43
CA GLY A 1 -20.32 10.21 -4.11
C GLY A 1 -21.59 9.40 -4.02
N SER A 2 -22.64 9.86 -4.68
CA SER A 2 -23.92 9.17 -4.67
C SER A 2 -23.72 7.66 -4.85
N SER A 3 -23.97 6.91 -3.78
CA SER A 3 -23.82 5.46 -3.82
C SER A 3 -22.51 5.07 -4.49
N GLY A 4 -21.43 5.76 -4.12
CA GLY A 4 -20.14 5.47 -4.70
C GLY A 4 -19.18 4.83 -3.71
N SER A 5 -19.08 3.51 -3.75
CA SER A 5 -18.21 2.77 -2.84
C SER A 5 -16.88 2.44 -3.51
N SER A 6 -15.95 1.88 -2.74
CA SER A 6 -14.64 1.52 -3.26
C SER A 6 -14.54 0.01 -3.46
N GLY A 7 -13.37 -0.44 -3.88
CA GLY A 7 -13.15 -1.86 -4.11
C GLY A 7 -13.09 -2.21 -5.58
N MET A 8 -11.91 -2.04 -6.17
CA MET A 8 -11.71 -2.34 -7.59
C MET A 8 -10.34 -2.96 -7.82
N VAL A 9 -10.24 -3.78 -8.87
CA VAL A 9 -8.98 -4.44 -9.20
C VAL A 9 -7.91 -3.42 -9.58
N LYS A 10 -7.13 -2.98 -8.59
CA LYS A 10 -6.08 -2.01 -8.82
C LYS A 10 -4.70 -2.61 -8.54
N GLU A 11 -3.82 -2.56 -9.54
CA GLU A 11 -2.48 -3.11 -9.39
C GLU A 11 -1.43 -1.99 -9.45
N GLY A 12 -0.21 -2.33 -9.07
CA GLY A 12 0.87 -1.35 -9.09
C GLY A 12 2.06 -1.77 -8.25
N TRP A 13 3.24 -1.36 -8.67
CA TRP A 13 4.47 -1.70 -7.95
C TRP A 13 4.73 -0.72 -6.82
N MET A 14 4.79 -1.25 -5.59
CA MET A 14 5.04 -0.41 -4.42
C MET A 14 6.10 -1.03 -3.52
N VAL A 15 6.73 -0.21 -2.69
CA VAL A 15 7.77 -0.68 -1.78
C VAL A 15 7.31 -0.57 -0.33
N HIS A 16 7.66 -1.57 0.47
CA HIS A 16 7.29 -1.60 1.88
C HIS A 16 8.31 -2.38 2.70
N TYR A 17 8.25 -2.21 4.01
CA TYR A 17 9.18 -2.91 4.91
C TYR A 17 8.48 -3.28 6.21
N THR A 18 8.94 -4.38 6.83
CA THR A 18 8.37 -4.84 8.08
C THR A 18 9.02 -4.17 9.27
N SER A 19 8.43 -4.35 10.45
CA SER A 19 8.96 -3.75 11.68
C SER A 19 10.26 -4.42 12.09
N ARG A 20 10.20 -5.72 12.35
CA ARG A 20 11.38 -6.48 12.76
C ARG A 20 12.56 -6.16 11.85
N ASP A 21 12.34 -6.24 10.55
CA ASP A 21 13.39 -5.96 9.58
C ASP A 21 12.93 -4.92 8.56
N ASN A 22 13.64 -3.80 8.50
CA ASN A 22 13.32 -2.72 7.57
C ASN A 22 13.90 -3.00 6.19
N LEU A 23 13.55 -4.15 5.62
CA LEU A 23 14.03 -4.53 4.30
C LEU A 23 13.07 -4.09 3.21
N ARG A 24 13.39 -2.98 2.55
CA ARG A 24 12.54 -2.44 1.49
C ARG A 24 12.33 -3.49 0.40
N LYS A 25 11.07 -3.84 0.16
CA LYS A 25 10.72 -4.82 -0.85
C LYS A 25 9.70 -4.26 -1.84
N ARG A 26 10.05 -4.29 -3.12
CA ARG A 26 9.16 -3.77 -4.16
C ARG A 26 8.47 -4.91 -4.90
N HIS A 27 7.15 -4.93 -4.86
CA HIS A 27 6.37 -5.96 -5.51
C HIS A 27 5.11 -5.37 -6.16
N TYR A 28 4.50 -6.14 -7.05
CA TYR A 28 3.29 -5.69 -7.75
C TYR A 28 2.07 -5.81 -6.85
N TRP A 29 1.86 -4.81 -6.00
CA TRP A 29 0.73 -4.79 -5.10
C TRP A 29 -0.59 -4.76 -5.86
N ARG A 30 -1.58 -5.49 -5.35
CA ARG A 30 -2.90 -5.55 -5.99
C ARG A 30 -4.01 -5.49 -4.94
N LEU A 31 -4.96 -4.60 -5.15
CA LEU A 31 -6.08 -4.44 -4.23
C LEU A 31 -7.41 -4.66 -4.96
N ASP A 32 -8.41 -5.12 -4.21
CA ASP A 32 -9.73 -5.37 -4.79
C ASP A 32 -10.81 -5.30 -3.70
N SER A 33 -12.04 -5.58 -4.10
CA SER A 33 -13.17 -5.56 -3.15
C SER A 33 -13.23 -6.85 -2.36
N LYS A 34 -12.15 -7.63 -2.41
CA LYS A 34 -12.09 -8.90 -1.68
C LYS A 34 -10.93 -8.89 -0.68
N CYS A 35 -9.71 -8.85 -1.20
CA CYS A 35 -8.52 -8.84 -0.36
C CYS A 35 -7.31 -8.31 -1.12
N LEU A 36 -6.31 -7.84 -0.39
CA LEU A 36 -5.10 -7.30 -1.00
C LEU A 36 -4.09 -8.41 -1.27
N THR A 37 -3.86 -8.68 -2.56
CA THR A 37 -2.91 -9.72 -2.95
C THR A 37 -1.60 -9.11 -3.46
N LEU A 38 -0.50 -9.77 -3.14
CA LEU A 38 0.82 -9.29 -3.58
C LEU A 38 1.42 -10.20 -4.63
N PHE A 39 2.34 -9.67 -5.41
CA PHE A 39 2.99 -10.45 -6.47
C PHE A 39 4.43 -9.97 -6.68
N GLN A 40 5.38 -10.88 -6.48
CA GLN A 40 6.79 -10.55 -6.65
C GLN A 40 7.08 -10.15 -8.09
N ASN A 41 6.24 -10.61 -9.01
CA ASN A 41 6.41 -10.29 -10.42
C ASN A 41 5.06 -10.17 -11.12
N GLU A 42 5.09 -9.75 -12.38
CA GLU A 42 3.87 -9.59 -13.16
C GLU A 42 3.46 -10.91 -13.81
N SER A 43 3.29 -11.94 -12.99
CA SER A 43 2.91 -13.25 -13.48
C SER A 43 1.39 -13.37 -13.59
N GLY A 44 0.73 -13.44 -12.44
CA GLY A 44 -0.72 -13.55 -12.42
C GLY A 44 -1.20 -14.71 -11.59
N SER A 45 -0.91 -15.93 -12.04
CA SER A 45 -1.33 -17.13 -11.33
C SER A 45 -0.76 -17.15 -9.92
N LYS A 46 0.55 -17.36 -9.82
CA LYS A 46 1.22 -17.41 -8.52
C LYS A 46 1.20 -16.03 -7.86
N TYR A 47 1.33 -16.01 -6.53
CA TYR A 47 1.32 -14.77 -5.78
C TYR A 47 2.31 -14.84 -4.63
N TYR A 48 2.62 -13.68 -4.04
CA TYR A 48 3.55 -13.60 -2.92
C TYR A 48 2.83 -13.86 -1.61
N LYS A 49 1.86 -13.01 -1.29
CA LYS A 49 1.10 -13.15 -0.05
C LYS A 49 -0.31 -12.61 -0.22
N GLU A 50 -1.14 -12.77 0.80
CA GLU A 50 -2.51 -12.29 0.77
C GLU A 50 -2.88 -11.62 2.09
N ILE A 51 -3.11 -10.30 2.02
CA ILE A 51 -3.48 -9.54 3.20
C ILE A 51 -4.98 -9.23 3.22
N PRO A 52 -5.73 -9.99 4.05
CA PRO A 52 -7.17 -9.81 4.18
C PRO A 52 -7.54 -8.51 4.88
N LEU A 53 -8.52 -7.80 4.32
CA LEU A 53 -8.96 -6.54 4.88
C LEU A 53 -9.28 -6.68 6.37
N SER A 54 -9.63 -7.91 6.77
CA SER A 54 -9.96 -8.18 8.17
C SER A 54 -8.73 -8.02 9.06
N GLU A 55 -7.59 -8.47 8.55
CA GLU A 55 -6.34 -8.37 9.30
C GLU A 55 -6.02 -6.91 9.65
N ILE A 56 -5.95 -6.07 8.62
CA ILE A 56 -5.66 -4.66 8.81
C ILE A 56 -6.59 -4.04 9.85
N LEU A 57 -6.03 -3.74 11.02
CA LEU A 57 -6.80 -3.13 12.10
C LEU A 57 -7.04 -1.65 11.85
N ARG A 58 -5.95 -0.88 11.76
CA ARG A 58 -6.05 0.55 11.51
C ARG A 58 -4.76 1.08 10.90
N ILE A 59 -4.85 2.22 10.23
CA ILE A 59 -3.70 2.84 9.59
C ILE A 59 -3.06 3.88 10.49
N SER A 60 -1.78 3.70 10.79
CA SER A 60 -1.05 4.63 11.65
C SER A 60 -0.35 5.71 10.82
N SER A 61 0.09 6.76 11.49
CA SER A 61 0.77 7.86 10.81
C SER A 61 2.28 7.61 10.75
N PRO A 62 2.94 8.28 9.80
CA PRO A 62 4.40 8.14 9.61
C PRO A 62 5.19 8.78 10.74
N ARG A 63 4.48 9.52 11.60
CA ARG A 63 5.13 10.20 12.72
C ARG A 63 6.18 9.30 13.36
N ASP A 64 5.94 8.00 13.33
CA ASP A 64 6.88 7.03 13.91
C ASP A 64 8.15 6.94 13.06
N PHE A 65 9.24 7.48 13.58
CA PHE A 65 10.52 7.46 12.88
C PHE A 65 11.61 6.82 13.74
N THR A 66 11.18 6.02 14.71
CA THR A 66 12.12 5.34 15.60
C THR A 66 12.40 3.92 15.14
N ASN A 67 11.74 3.52 14.06
CA ASN A 67 11.92 2.18 13.51
C ASN A 67 13.27 2.03 12.83
N ILE A 68 13.71 3.10 12.18
CA ILE A 68 15.00 3.09 11.49
C ILE A 68 15.95 4.12 12.10
N SER A 69 17.16 4.20 11.55
CA SER A 69 18.17 5.14 12.05
C SER A 69 18.31 6.32 11.10
N GLN A 70 18.25 6.04 9.80
CA GLN A 70 18.37 7.08 8.79
C GLN A 70 17.64 6.68 7.50
N GLY A 71 16.91 7.63 6.94
CA GLY A 71 16.17 7.37 5.72
C GLY A 71 15.88 8.63 4.92
N SER A 72 16.02 8.55 3.61
CA SER A 72 15.78 9.69 2.73
C SER A 72 14.39 9.60 2.09
N ASN A 73 13.87 8.38 2.01
CA ASN A 73 12.55 8.16 1.42
C ASN A 73 11.61 7.48 2.41
N PRO A 74 11.00 8.29 3.29
CA PRO A 74 10.07 7.79 4.31
C PRO A 74 8.76 7.29 3.70
N HIS A 75 7.86 6.80 4.55
CA HIS A 75 6.57 6.29 4.10
C HIS A 75 5.48 7.33 4.30
N CYS A 76 4.29 7.04 3.81
CA CYS A 76 3.15 7.95 3.93
C CYS A 76 2.17 7.47 5.00
N PHE A 77 1.95 6.15 5.02
CA PHE A 77 1.03 5.56 5.99
C PHE A 77 1.56 4.22 6.48
N GLU A 78 1.02 3.75 7.59
CA GLU A 78 1.43 2.48 8.18
C GLU A 78 0.27 1.49 8.22
N ILE A 79 0.55 0.24 7.91
CA ILE A 79 -0.48 -0.80 7.91
C ILE A 79 -0.23 -1.81 9.03
N ILE A 80 -0.97 -1.66 10.13
CA ILE A 80 -0.83 -2.56 11.26
C ILE A 80 -1.83 -3.71 11.19
N THR A 81 -1.31 -4.93 11.12
CA THR A 81 -2.15 -6.11 11.03
C THR A 81 -2.13 -6.90 12.34
N ASP A 82 -3.07 -7.84 12.47
CA ASP A 82 -3.15 -8.65 13.68
C ASP A 82 -1.90 -9.51 13.84
N THR A 83 -1.04 -9.50 12.84
CA THR A 83 0.20 -10.27 12.86
C THR A 83 1.39 -9.37 13.13
N MET A 84 1.79 -8.60 12.11
CA MET A 84 2.93 -7.70 12.24
C MET A 84 2.60 -6.34 11.62
N VAL A 85 3.49 -5.37 11.86
CA VAL A 85 3.30 -4.03 11.33
C VAL A 85 4.02 -3.86 10.00
N TYR A 86 3.41 -3.11 9.09
CA TYR A 86 4.00 -2.86 7.77
C TYR A 86 4.07 -1.37 7.48
N PHE A 87 5.02 -0.98 6.64
CA PHE A 87 5.20 0.42 6.27
C PHE A 87 5.27 0.57 4.75
N VAL A 88 4.30 1.28 4.18
CA VAL A 88 4.26 1.51 2.75
C VAL A 88 4.32 2.99 2.43
N GLY A 89 5.00 3.33 1.33
CA GLY A 89 5.11 4.72 0.93
C GLY A 89 6.56 5.12 0.67
N GLU A 90 6.77 5.86 -0.41
CA GLU A 90 8.12 6.31 -0.77
C GLU A 90 8.07 7.71 -1.37
N ASN A 91 8.58 8.68 -0.61
CA ASN A 91 8.60 10.07 -1.07
C ASN A 91 9.98 10.45 -1.60
N ASN A 92 10.02 10.91 -2.83
CA ASN A 92 11.28 11.31 -3.46
C ASN A 92 11.62 12.77 -3.14
N GLY A 93 11.38 13.16 -1.88
CA GLY A 93 11.65 14.53 -1.48
C GLY A 93 11.16 15.55 -2.48
N ASP A 94 10.09 15.21 -3.19
CA ASP A 94 9.51 16.10 -4.18
C ASP A 94 8.09 15.67 -4.55
N SER A 95 7.21 16.64 -4.70
CA SER A 95 5.82 16.36 -5.05
C SER A 95 5.36 17.21 -6.22
N SER A 96 6.16 17.22 -7.28
CA SER A 96 5.84 18.01 -8.47
C SER A 96 4.93 17.23 -9.41
N HIS A 97 4.39 16.12 -8.91
CA HIS A 97 3.49 15.29 -9.71
C HIS A 97 4.23 14.67 -10.88
N ASN A 98 5.49 14.32 -10.67
CA ASN A 98 6.31 13.72 -11.72
C ASN A 98 5.59 12.53 -12.35
N PRO A 99 5.37 12.59 -13.67
CA PRO A 99 4.69 11.53 -14.41
C PRO A 99 5.55 10.28 -14.52
N VAL A 100 6.86 10.43 -14.36
CA VAL A 100 7.79 9.32 -14.45
C VAL A 100 7.84 8.56 -13.12
N LEU A 101 7.83 9.29 -12.02
CA LEU A 101 7.88 8.68 -10.70
C LEU A 101 6.62 7.86 -10.43
N ALA A 102 5.49 8.54 -10.29
CA ALA A 102 4.22 7.87 -10.04
C ALA A 102 3.94 6.81 -11.10
N ALA A 103 4.44 7.03 -12.30
CA ALA A 103 4.25 6.09 -13.40
C ALA A 103 4.60 4.67 -12.97
N THR A 104 5.80 4.50 -12.42
CA THR A 104 6.26 3.19 -11.96
C THR A 104 5.74 2.88 -10.57
N GLY A 105 5.25 3.91 -9.88
CA GLY A 105 4.72 3.72 -8.54
C GLY A 105 5.53 4.46 -7.49
N VAL A 106 6.18 5.54 -7.91
CA VAL A 106 6.99 6.34 -7.00
C VAL A 106 6.41 7.74 -6.84
N GLY A 107 6.38 8.22 -5.60
CA GLY A 107 5.86 9.54 -5.33
C GLY A 107 4.83 9.54 -4.21
N LEU A 108 4.52 10.72 -3.68
CA LEU A 108 3.55 10.84 -2.60
C LEU A 108 2.12 10.81 -3.15
N ASP A 109 1.92 11.47 -4.30
CA ASP A 109 0.61 11.51 -4.92
C ASP A 109 0.04 10.11 -5.10
N VAL A 110 0.74 9.28 -5.86
CA VAL A 110 0.30 7.91 -6.10
C VAL A 110 0.02 7.18 -4.79
N ALA A 111 0.83 7.47 -3.78
CA ALA A 111 0.67 6.84 -2.47
C ALA A 111 -0.69 7.19 -1.86
N GLN A 112 -1.01 8.48 -1.84
CA GLN A 112 -2.26 8.95 -1.27
C GLN A 112 -3.44 8.19 -1.89
N SER A 113 -3.29 7.79 -3.15
CA SER A 113 -4.34 7.07 -3.85
C SER A 113 -4.46 5.64 -3.32
N TRP A 114 -3.33 5.02 -3.05
CA TRP A 114 -3.30 3.65 -2.54
C TRP A 114 -3.76 3.61 -1.08
N GLU A 115 -3.32 4.59 -0.30
CA GLU A 115 -3.69 4.67 1.12
C GLU A 115 -5.20 4.75 1.28
N LYS A 116 -5.81 5.72 0.61
CA LYS A 116 -7.25 5.92 0.67
C LYS A 116 -7.99 4.65 0.26
N ALA A 117 -7.69 4.15 -0.94
CA ALA A 117 -8.32 2.95 -1.45
C ALA A 117 -8.24 1.81 -0.43
N ILE A 118 -7.03 1.51 0.02
CA ILE A 118 -6.82 0.45 1.00
C ILE A 118 -7.72 0.63 2.21
N ARG A 119 -7.68 1.82 2.80
CA ARG A 119 -8.51 2.12 3.97
C ARG A 119 -9.98 1.89 3.68
N GLN A 120 -10.45 2.44 2.57
CA GLN A 120 -11.85 2.29 2.17
C GLN A 120 -12.22 0.83 2.02
N ALA A 121 -11.40 0.08 1.28
CA ALA A 121 -11.65 -1.34 1.07
C ALA A 121 -12.23 -1.99 2.32
N LEU A 122 -11.59 -1.78 3.46
CA LEU A 122 -12.05 -2.35 4.72
C LEU A 122 -13.56 -2.17 4.88
N MET A 123 -14.04 -0.96 4.58
CA MET A 123 -15.46 -0.65 4.69
C MET A 123 -16.30 -1.73 3.98
N SER A 124 -15.87 -2.12 2.79
CA SER A 124 -16.58 -3.14 2.02
C SER A 124 -16.91 -4.34 2.89
N GLY A 125 -18.20 -4.59 3.08
CA GLY A 125 -18.64 -5.70 3.90
C GLY A 125 -19.47 -6.70 3.11
N PRO A 126 -19.53 -7.95 3.61
CA PRO A 126 -20.29 -9.02 2.96
C PRO A 126 -21.79 -8.80 3.05
N SER A 127 -22.34 -8.13 2.04
CA SER A 127 -23.78 -7.85 2.01
C SER A 127 -24.59 -9.14 2.09
N SER A 128 -24.21 -10.11 1.26
CA SER A 128 -24.90 -11.39 1.22
C SER A 128 -24.26 -12.39 2.19
N GLY A 129 -22.93 -12.44 2.17
CA GLY A 129 -22.22 -13.34 3.04
C GLY A 129 -22.07 -12.80 4.45
N GLY A 1 -12.79 19.88 -5.20
CA GLY A 1 -11.81 18.83 -5.35
C GLY A 1 -12.39 17.45 -5.07
N SER A 2 -12.94 16.83 -6.11
CA SER A 2 -13.53 15.51 -5.98
C SER A 2 -12.45 14.43 -5.86
N SER A 3 -12.77 13.35 -5.16
CA SER A 3 -11.83 12.26 -4.97
C SER A 3 -12.41 10.94 -5.47
N GLY A 4 -11.79 10.37 -6.50
CA GLY A 4 -12.26 9.12 -7.06
C GLY A 4 -11.17 8.37 -7.81
N SER A 5 -10.42 7.54 -7.10
CA SER A 5 -9.35 6.77 -7.70
C SER A 5 -9.69 5.28 -7.72
N SER A 6 -9.08 4.56 -8.65
CA SER A 6 -9.32 3.13 -8.79
C SER A 6 -9.42 2.46 -7.42
N GLY A 7 -10.47 1.66 -7.22
CA GLY A 7 -10.66 0.98 -5.96
C GLY A 7 -10.90 -0.50 -6.13
N MET A 8 -11.87 -0.86 -6.98
CA MET A 8 -12.19 -2.25 -7.23
C MET A 8 -11.05 -2.96 -7.97
N VAL A 9 -10.32 -2.19 -8.77
CA VAL A 9 -9.19 -2.73 -9.53
C VAL A 9 -8.02 -1.76 -9.55
N LYS A 10 -6.99 -2.08 -8.77
CA LYS A 10 -5.80 -1.24 -8.71
C LYS A 10 -4.56 -2.07 -8.45
N GLU A 11 -3.57 -1.96 -9.34
CA GLU A 11 -2.33 -2.71 -9.21
C GLU A 11 -1.13 -1.81 -9.51
N GLY A 12 0.07 -2.31 -9.19
CA GLY A 12 1.28 -1.56 -9.44
C GLY A 12 2.42 -1.96 -8.52
N TRP A 13 3.65 -1.77 -8.98
CA TRP A 13 4.82 -2.13 -8.19
C TRP A 13 5.09 -1.07 -7.12
N MET A 14 5.05 -1.50 -5.86
CA MET A 14 5.29 -0.61 -4.74
C MET A 14 6.35 -1.18 -3.81
N VAL A 15 6.84 -0.34 -2.90
CA VAL A 15 7.87 -0.76 -1.94
C VAL A 15 7.34 -0.70 -0.52
N HIS A 16 7.85 -1.59 0.33
CA HIS A 16 7.43 -1.65 1.73
C HIS A 16 8.53 -2.27 2.60
N TYR A 17 8.50 -1.93 3.89
CA TYR A 17 9.50 -2.45 4.82
C TYR A 17 8.84 -2.81 6.15
N THR A 18 9.34 -3.89 6.77
CA THR A 18 8.82 -4.34 8.05
C THR A 18 9.66 -3.83 9.21
N SER A 19 9.10 -3.88 10.42
CA SER A 19 9.80 -3.42 11.60
C SER A 19 11.11 -4.19 11.80
N ARG A 20 11.00 -5.52 11.90
CA ARG A 20 12.16 -6.36 12.09
C ARG A 20 13.06 -6.34 10.86
N ASP A 21 12.55 -6.81 9.74
CA ASP A 21 13.30 -6.83 8.49
C ASP A 21 13.16 -5.51 7.75
N ASN A 22 13.95 -4.52 8.16
CA ASN A 22 13.92 -3.20 7.53
C ASN A 22 14.17 -3.31 6.03
N LEU A 23 15.03 -4.24 5.64
CA LEU A 23 15.35 -4.45 4.23
C LEU A 23 14.13 -4.20 3.36
N ARG A 24 14.08 -3.03 2.74
CA ARG A 24 12.96 -2.67 1.88
C ARG A 24 12.64 -3.81 0.90
N LYS A 25 11.40 -3.84 0.43
CA LYS A 25 10.96 -4.87 -0.50
C LYS A 25 9.95 -4.32 -1.50
N ARG A 26 10.28 -4.41 -2.78
CA ARG A 26 9.41 -3.92 -3.83
C ARG A 26 8.79 -5.08 -4.62
N HIS A 27 7.46 -5.12 -4.66
CA HIS A 27 6.75 -6.17 -5.37
C HIS A 27 5.49 -5.62 -6.03
N TYR A 28 4.92 -6.39 -6.96
CA TYR A 28 3.72 -5.98 -7.68
C TYR A 28 2.50 -6.08 -6.77
N TRP A 29 2.19 -4.99 -6.08
CA TRP A 29 1.04 -4.95 -5.18
C TRP A 29 -0.26 -4.81 -5.96
N ARG A 30 -1.19 -5.73 -5.74
CA ARG A 30 -2.48 -5.70 -6.43
C ARG A 30 -3.63 -5.75 -5.43
N LEU A 31 -4.59 -4.85 -5.60
CA LEU A 31 -5.75 -4.78 -4.72
C LEU A 31 -7.05 -4.91 -5.51
N ASP A 32 -8.02 -5.61 -4.92
CA ASP A 32 -9.31 -5.80 -5.58
C ASP A 32 -10.44 -5.76 -4.55
N SER A 33 -11.68 -5.72 -5.04
CA SER A 33 -12.85 -5.66 -4.18
C SER A 33 -12.89 -6.87 -3.24
N LYS A 34 -12.07 -7.86 -3.56
CA LYS A 34 -12.01 -9.09 -2.74
C LYS A 34 -10.97 -8.94 -1.64
N CYS A 35 -9.69 -8.98 -2.02
CA CYS A 35 -8.61 -8.86 -1.05
C CYS A 35 -7.32 -8.39 -1.74
N LEU A 36 -6.38 -7.90 -0.94
CA LEU A 36 -5.12 -7.41 -1.46
C LEU A 36 -4.12 -8.55 -1.63
N THR A 37 -3.62 -8.73 -2.85
CA THR A 37 -2.66 -9.79 -3.14
C THR A 37 -1.30 -9.20 -3.50
N LEU A 38 -0.25 -9.99 -3.30
CA LEU A 38 1.11 -9.56 -3.61
C LEU A 38 1.76 -10.47 -4.65
N PHE A 39 2.64 -9.90 -5.45
CA PHE A 39 3.33 -10.67 -6.49
C PHE A 39 4.81 -10.29 -6.56
N GLN A 40 5.69 -11.27 -6.40
CA GLN A 40 7.12 -11.03 -6.45
C GLN A 40 7.56 -10.60 -7.84
N ASN A 41 7.01 -11.26 -8.86
CA ASN A 41 7.35 -10.94 -10.25
C ASN A 41 6.11 -10.96 -11.12
N GLU A 42 6.18 -10.28 -12.27
CA GLU A 42 5.06 -10.23 -13.20
C GLU A 42 4.97 -11.52 -14.01
N SER A 43 5.07 -12.66 -13.33
CA SER A 43 5.00 -13.95 -13.99
C SER A 43 4.95 -15.08 -12.96
N GLY A 44 4.41 -16.22 -13.37
CA GLY A 44 4.32 -17.36 -12.47
C GLY A 44 2.91 -17.59 -11.98
N SER A 45 2.76 -18.52 -11.03
CA SER A 45 1.45 -18.83 -10.47
C SER A 45 1.41 -18.54 -8.98
N LYS A 46 2.33 -19.15 -8.24
CA LYS A 46 2.42 -18.95 -6.80
C LYS A 46 2.32 -17.47 -6.43
N TYR A 47 2.06 -17.18 -5.17
CA TYR A 47 1.95 -15.81 -4.70
C TYR A 47 2.73 -15.60 -3.40
N TYR A 48 3.21 -14.38 -3.20
CA TYR A 48 3.98 -14.05 -2.01
C TYR A 48 3.14 -14.23 -0.75
N LYS A 49 2.10 -13.42 -0.62
CA LYS A 49 1.22 -13.50 0.54
C LYS A 49 -0.14 -12.88 0.23
N GLU A 50 -1.09 -13.05 1.14
CA GLU A 50 -2.44 -12.51 0.96
C GLU A 50 -2.81 -11.60 2.12
N ILE A 51 -3.35 -10.43 1.79
CA ILE A 51 -3.76 -9.46 2.81
C ILE A 51 -5.26 -9.19 2.73
N PRO A 52 -6.04 -9.94 3.51
CA PRO A 52 -7.50 -9.80 3.56
C PRO A 52 -7.93 -8.49 4.22
N LEU A 53 -8.81 -7.75 3.55
CA LEU A 53 -9.30 -6.48 4.08
C LEU A 53 -9.53 -6.57 5.59
N SER A 54 -9.86 -7.76 6.06
CA SER A 54 -10.11 -7.98 7.48
C SER A 54 -8.82 -7.87 8.28
N GLU A 55 -7.82 -8.67 7.91
CA GLU A 55 -6.54 -8.66 8.60
C GLU A 55 -6.17 -7.24 9.04
N ILE A 56 -5.99 -6.36 8.06
CA ILE A 56 -5.63 -4.97 8.34
C ILE A 56 -6.52 -4.39 9.45
N LEU A 57 -5.92 -4.14 10.60
CA LEU A 57 -6.65 -3.59 11.74
C LEU A 57 -6.98 -2.12 11.51
N ARG A 58 -5.94 -1.29 11.34
CA ARG A 58 -6.13 0.13 11.11
C ARG A 58 -4.84 0.77 10.60
N ILE A 59 -4.87 2.07 10.37
CA ILE A 59 -3.71 2.80 9.89
C ILE A 59 -3.16 3.74 10.96
N SER A 60 -1.84 3.86 11.01
CA SER A 60 -1.18 4.72 11.99
C SER A 60 -0.38 5.82 11.30
N SER A 61 -0.54 7.04 11.77
CA SER A 61 0.17 8.18 11.20
C SER A 61 1.57 8.30 11.79
N PRO A 62 1.65 8.65 13.08
CA PRO A 62 2.92 8.80 13.80
C PRO A 62 3.62 7.46 14.01
N ARG A 63 4.65 7.48 14.85
CA ARG A 63 5.42 6.27 15.14
C ARG A 63 6.27 5.86 13.95
N ASP A 64 6.61 6.85 13.11
CA ASP A 64 7.42 6.59 11.92
C ASP A 64 8.67 7.45 11.94
N PHE A 65 9.29 7.56 13.10
CA PHE A 65 10.51 8.36 13.25
C PHE A 65 11.75 7.47 13.24
N THR A 66 11.77 6.49 12.34
CA THR A 66 12.89 5.57 12.23
C THR A 66 13.44 5.55 10.81
N ASN A 67 12.64 6.03 9.86
CA ASN A 67 13.05 6.06 8.46
C ASN A 67 13.97 7.26 8.19
N ILE A 68 13.84 8.29 9.01
CA ILE A 68 14.67 9.49 8.86
C ILE A 68 15.84 9.48 9.83
N SER A 69 15.86 8.49 10.73
CA SER A 69 16.92 8.36 11.72
C SER A 69 18.27 8.17 11.04
N GLN A 70 18.26 7.42 9.93
CA GLN A 70 19.49 7.14 9.19
C GLN A 70 19.64 8.12 8.02
N GLY A 71 18.57 8.30 7.27
CA GLY A 71 18.61 9.21 6.14
C GLY A 71 17.93 8.63 4.91
N SER A 72 16.70 8.14 5.08
CA SER A 72 15.95 7.57 3.98
C SER A 72 14.66 8.34 3.73
N ASN A 73 13.93 7.96 2.69
CA ASN A 73 12.68 8.62 2.34
C ASN A 73 11.57 8.22 3.31
N PRO A 74 10.69 9.19 3.62
CA PRO A 74 9.57 8.96 4.53
C PRO A 74 8.50 8.05 3.93
N HIS A 75 7.44 7.81 4.68
CA HIS A 75 6.35 6.96 4.22
C HIS A 75 5.05 7.74 4.11
N CYS A 76 3.99 7.07 3.70
CA CYS A 76 2.68 7.70 3.55
C CYS A 76 1.69 7.16 4.57
N PHE A 77 1.71 5.85 4.76
CA PHE A 77 0.80 5.20 5.71
C PHE A 77 1.39 3.89 6.21
N GLU A 78 0.89 3.41 7.35
CA GLU A 78 1.37 2.16 7.93
C GLU A 78 0.23 1.15 8.04
N ILE A 79 0.47 -0.06 7.52
CA ILE A 79 -0.53 -1.11 7.56
C ILE A 79 -0.32 -2.02 8.76
N ILE A 80 -1.03 -1.73 9.85
CA ILE A 80 -0.93 -2.51 11.07
C ILE A 80 -1.83 -3.75 11.00
N THR A 81 -1.23 -4.88 10.66
CA THR A 81 -1.96 -6.14 10.56
C THR A 81 -1.79 -6.98 11.82
N ASP A 82 -2.63 -8.00 11.96
CA ASP A 82 -2.56 -8.89 13.12
C ASP A 82 -1.20 -9.55 13.21
N THR A 83 -0.61 -9.85 12.06
CA THR A 83 0.69 -10.50 12.01
C THR A 83 1.80 -9.54 12.43
N MET A 84 2.09 -8.57 11.57
CA MET A 84 3.13 -7.58 11.84
C MET A 84 2.79 -6.24 11.20
N VAL A 85 3.55 -5.21 11.56
CA VAL A 85 3.32 -3.88 11.01
C VAL A 85 4.14 -3.65 9.74
N TYR A 86 3.48 -3.16 8.70
CA TYR A 86 4.12 -2.90 7.42
C TYR A 86 4.17 -1.41 7.11
N PHE A 87 5.23 -1.00 6.43
CA PHE A 87 5.39 0.41 6.07
C PHE A 87 5.43 0.59 4.56
N VAL A 88 4.38 1.19 4.01
CA VAL A 88 4.30 1.41 2.57
C VAL A 88 4.29 2.90 2.25
N GLY A 89 4.91 3.26 1.13
CA GLY A 89 4.97 4.65 0.72
C GLY A 89 6.38 5.21 0.76
N GLU A 90 6.78 5.87 -0.33
CA GLU A 90 8.11 6.45 -0.41
C GLU A 90 8.08 7.78 -1.16
N ASN A 91 8.29 8.87 -0.42
CA ASN A 91 8.29 10.20 -1.00
C ASN A 91 9.70 10.65 -1.38
N ASN A 92 9.81 11.32 -2.52
CA ASN A 92 11.11 11.78 -3.00
C ASN A 92 11.46 13.13 -2.36
N GLY A 93 11.19 13.26 -1.07
CA GLY A 93 11.47 14.50 -0.36
C GLY A 93 10.52 15.61 -0.73
N ASP A 94 10.60 16.05 -1.99
CA ASP A 94 9.73 17.13 -2.48
C ASP A 94 8.27 16.85 -2.13
N SER A 95 7.71 17.66 -1.24
CA SER A 95 6.33 17.50 -0.82
C SER A 95 5.44 18.56 -1.48
N SER A 96 5.07 18.33 -2.73
CA SER A 96 4.23 19.26 -3.47
C SER A 96 3.30 18.52 -4.42
N HIS A 97 2.30 19.23 -4.93
CA HIS A 97 1.35 18.64 -5.87
C HIS A 97 1.96 18.51 -7.26
N ASN A 98 1.93 17.30 -7.81
CA ASN A 98 2.49 17.04 -9.13
C ASN A 98 1.96 15.72 -9.69
N PRO A 99 1.12 15.82 -10.74
CA PRO A 99 0.53 14.65 -11.40
C PRO A 99 1.56 13.83 -12.17
N VAL A 100 2.76 14.40 -12.34
CA VAL A 100 3.84 13.73 -13.06
C VAL A 100 4.42 12.59 -12.22
N LEU A 101 4.70 12.87 -10.96
CA LEU A 101 5.26 11.87 -10.06
C LEU A 101 4.35 10.65 -9.97
N ALA A 102 3.12 10.86 -9.50
CA ALA A 102 2.16 9.78 -9.37
C ALA A 102 2.01 9.01 -10.68
N ALA A 103 2.04 9.74 -11.79
CA ALA A 103 1.91 9.12 -13.11
C ALA A 103 2.56 7.75 -13.14
N THR A 104 3.79 7.66 -12.62
CA THR A 104 4.51 6.41 -12.60
C THR A 104 4.10 5.55 -11.41
N GLY A 105 3.92 6.20 -10.26
CA GLY A 105 3.53 5.49 -9.05
C GLY A 105 4.54 5.62 -7.93
N VAL A 106 5.18 6.79 -7.85
CA VAL A 106 6.17 7.04 -6.82
C VAL A 106 5.98 8.43 -6.21
N GLY A 107 5.81 8.47 -4.89
CA GLY A 107 5.63 9.74 -4.21
C GLY A 107 4.47 9.70 -3.22
N LEU A 108 4.00 10.88 -2.83
CA LEU A 108 2.90 10.98 -1.88
C LEU A 108 1.55 10.93 -2.59
N ASP A 109 1.51 11.52 -3.79
CA ASP A 109 0.28 11.55 -4.58
C ASP A 109 -0.23 10.14 -4.84
N VAL A 110 0.60 9.33 -5.50
CA VAL A 110 0.24 7.96 -5.82
C VAL A 110 -0.21 7.20 -4.56
N ALA A 111 0.54 7.38 -3.47
CA ALA A 111 0.21 6.72 -2.22
C ALA A 111 -1.20 7.05 -1.77
N GLN A 112 -1.52 8.35 -1.73
CA GLN A 112 -2.84 8.79 -1.32
C GLN A 112 -3.92 7.88 -1.89
N SER A 113 -3.77 7.52 -3.16
CA SER A 113 -4.74 6.66 -3.83
C SER A 113 -4.80 5.29 -3.17
N TRP A 114 -3.64 4.67 -3.01
CA TRP A 114 -3.55 3.35 -2.38
C TRP A 114 -4.10 3.38 -0.96
N GLU A 115 -3.63 4.34 -0.17
CA GLU A 115 -4.07 4.47 1.21
C GLU A 115 -5.58 4.68 1.28
N LYS A 116 -6.08 5.63 0.50
CA LYS A 116 -7.50 5.93 0.47
C LYS A 116 -8.31 4.71 0.05
N ALA A 117 -7.82 3.99 -0.97
CA ALA A 117 -8.49 2.80 -1.46
C ALA A 117 -8.52 1.71 -0.40
N ILE A 118 -7.35 1.36 0.11
CA ILE A 118 -7.23 0.33 1.14
C ILE A 118 -8.03 0.70 2.38
N ARG A 119 -7.95 1.96 2.77
CA ARG A 119 -8.67 2.45 3.94
C ARG A 119 -10.18 2.42 3.71
N GLN A 120 -10.60 2.91 2.55
CA GLN A 120 -12.01 2.94 2.20
C GLN A 120 -12.61 1.54 2.23
N ALA A 121 -11.95 0.60 1.56
CA ALA A 121 -12.43 -0.77 1.51
C ALA A 121 -12.87 -1.25 2.89
N LEU A 122 -12.11 -0.87 3.92
CA LEU A 122 -12.42 -1.27 5.29
C LEU A 122 -13.78 -0.72 5.70
N MET A 123 -13.95 0.59 5.60
CA MET A 123 -15.20 1.23 5.97
C MET A 123 -16.39 0.48 5.38
N SER A 124 -16.44 0.39 4.06
CA SER A 124 -17.53 -0.30 3.38
C SER A 124 -17.01 -1.10 2.19
N GLY A 125 -17.67 -2.21 1.89
CA GLY A 125 -17.26 -3.04 0.78
C GLY A 125 -18.43 -3.50 -0.06
N PRO A 126 -18.23 -3.55 -1.39
CA PRO A 126 -19.26 -3.97 -2.34
C PRO A 126 -19.57 -5.46 -2.24
N SER A 127 -18.89 -6.14 -1.32
CA SER A 127 -19.08 -7.57 -1.13
C SER A 127 -20.57 -7.93 -1.17
N SER A 128 -21.36 -7.17 -0.43
CA SER A 128 -22.81 -7.41 -0.37
C SER A 128 -23.52 -6.66 -1.49
N GLY A 129 -23.19 -5.37 -1.62
CA GLY A 129 -23.82 -4.56 -2.65
C GLY A 129 -24.76 -3.52 -2.08
N GLY A 1 -22.96 4.42 -9.73
CA GLY A 1 -24.24 4.02 -10.30
C GLY A 1 -24.08 3.38 -11.67
N SER A 2 -23.65 4.17 -12.65
CA SER A 2 -23.47 3.67 -14.01
C SER A 2 -22.21 2.82 -14.11
N SER A 3 -22.37 1.60 -14.63
CA SER A 3 -21.25 0.68 -14.77
C SER A 3 -20.29 1.16 -15.85
N GLY A 4 -19.20 1.81 -15.44
CA GLY A 4 -18.22 2.31 -16.39
C GLY A 4 -17.11 1.32 -16.65
N SER A 5 -16.22 1.17 -15.67
CA SER A 5 -15.09 0.26 -15.80
C SER A 5 -15.31 -1.01 -14.98
N SER A 6 -14.44 -1.99 -15.18
CA SER A 6 -14.56 -3.26 -14.45
C SER A 6 -13.21 -3.97 -14.40
N GLY A 7 -12.66 -4.13 -13.20
CA GLY A 7 -11.38 -4.80 -13.04
C GLY A 7 -10.77 -4.55 -11.68
N MET A 8 -9.55 -5.05 -11.49
CA MET A 8 -8.85 -4.87 -10.22
C MET A 8 -8.96 -3.44 -9.73
N VAL A 9 -9.37 -3.28 -8.48
CA VAL A 9 -9.53 -1.95 -7.88
C VAL A 9 -8.28 -1.11 -8.10
N LYS A 10 -7.13 -1.64 -7.71
CA LYS A 10 -5.86 -0.94 -7.87
C LYS A 10 -4.69 -1.92 -7.92
N GLU A 11 -3.76 -1.69 -8.83
CA GLU A 11 -2.59 -2.55 -8.97
C GLU A 11 -1.36 -1.74 -9.34
N GLY A 12 -0.19 -2.35 -9.20
CA GLY A 12 1.06 -1.68 -9.52
C GLY A 12 2.17 -2.02 -8.55
N TRP A 13 3.41 -1.75 -8.96
CA TRP A 13 4.57 -2.04 -8.13
C TRP A 13 4.71 -1.01 -7.01
N MET A 14 4.88 -1.50 -5.79
CA MET A 14 5.03 -0.60 -4.63
C MET A 14 6.14 -1.10 -3.71
N VAL A 15 6.68 -0.18 -2.91
CA VAL A 15 7.76 -0.52 -1.98
C VAL A 15 7.28 -0.43 -0.54
N HIS A 16 7.80 -1.32 0.30
CA HIS A 16 7.43 -1.35 1.71
C HIS A 16 8.54 -1.97 2.56
N TYR A 17 8.54 -1.66 3.84
CA TYR A 17 9.55 -2.18 4.75
C TYR A 17 8.91 -2.66 6.05
N THR A 18 9.48 -3.72 6.63
CA THR A 18 8.97 -4.29 7.86
C THR A 18 9.73 -3.75 9.08
N SER A 19 9.13 -3.87 10.25
CA SER A 19 9.75 -3.39 11.47
C SER A 19 11.10 -4.07 11.70
N ARG A 20 11.07 -5.37 11.96
CA ARG A 20 12.29 -6.13 12.19
C ARG A 20 13.24 -6.01 11.01
N ASP A 21 12.74 -6.34 9.83
CA ASP A 21 13.56 -6.26 8.61
C ASP A 21 13.36 -4.93 7.91
N ASN A 22 14.31 -4.02 8.12
CA ASN A 22 14.25 -2.69 7.52
C ASN A 22 14.35 -2.79 6.00
N LEU A 23 15.25 -3.65 5.53
CA LEU A 23 15.45 -3.83 4.09
C LEU A 23 14.13 -3.75 3.34
N ARG A 24 13.87 -2.61 2.72
CA ARG A 24 12.63 -2.41 1.97
C ARG A 24 12.43 -3.52 0.96
N LYS A 25 11.23 -3.59 0.39
CA LYS A 25 10.91 -4.60 -0.61
C LYS A 25 9.91 -4.08 -1.62
N ARG A 26 10.22 -4.26 -2.90
CA ARG A 26 9.34 -3.80 -3.98
C ARG A 26 8.74 -4.98 -4.72
N HIS A 27 7.40 -5.03 -4.76
CA HIS A 27 6.70 -6.11 -5.44
C HIS A 27 5.41 -5.60 -6.07
N TYR A 28 4.85 -6.38 -7.00
CA TYR A 28 3.63 -6.00 -7.69
C TYR A 28 2.42 -6.18 -6.77
N TRP A 29 1.95 -5.08 -6.21
CA TRP A 29 0.79 -5.12 -5.31
C TRP A 29 -0.51 -5.15 -6.10
N ARG A 30 -1.48 -5.92 -5.61
CA ARG A 30 -2.78 -6.03 -6.28
C ARG A 30 -3.91 -5.97 -5.26
N LEU A 31 -4.88 -5.11 -5.51
CA LEU A 31 -6.03 -4.95 -4.63
C LEU A 31 -7.33 -5.07 -5.39
N ASP A 32 -8.30 -5.76 -4.80
CA ASP A 32 -9.61 -5.95 -5.43
C ASP A 32 -10.73 -5.79 -4.42
N SER A 33 -11.96 -6.05 -4.85
CA SER A 33 -13.12 -5.93 -3.98
C SER A 33 -13.20 -7.12 -3.02
N LYS A 34 -12.23 -8.01 -3.10
CA LYS A 34 -12.18 -9.19 -2.25
C LYS A 34 -11.12 -9.04 -1.18
N CYS A 35 -9.85 -9.17 -1.57
CA CYS A 35 -8.74 -9.05 -0.63
C CYS A 35 -7.48 -8.62 -1.35
N LEU A 36 -6.51 -8.12 -0.59
CA LEU A 36 -5.24 -7.68 -1.16
C LEU A 36 -4.27 -8.85 -1.33
N THR A 37 -3.47 -8.81 -2.39
CA THR A 37 -2.51 -9.85 -2.66
C THR A 37 -1.27 -9.31 -3.38
N LEU A 38 -0.10 -9.66 -2.88
CA LEU A 38 1.15 -9.20 -3.47
C LEU A 38 1.63 -10.16 -4.56
N PHE A 39 2.69 -9.77 -5.26
CA PHE A 39 3.24 -10.60 -6.32
C PHE A 39 4.72 -10.27 -6.56
N GLN A 40 5.58 -11.27 -6.36
CA GLN A 40 7.01 -11.08 -6.55
C GLN A 40 7.31 -10.44 -7.91
N ASN A 41 6.61 -10.92 -8.94
CA ASN A 41 6.80 -10.40 -10.29
C ASN A 41 5.46 -10.09 -10.95
N GLU A 42 5.50 -9.38 -12.07
CA GLU A 42 4.29 -9.02 -12.80
C GLU A 42 3.73 -10.23 -13.55
N SER A 43 4.63 -11.10 -14.02
CA SER A 43 4.23 -12.28 -14.75
C SER A 43 4.50 -13.55 -13.94
N GLY A 44 3.45 -14.11 -13.36
CA GLY A 44 3.60 -15.32 -12.57
C GLY A 44 2.29 -15.78 -11.96
N SER A 45 2.21 -17.07 -11.65
CA SER A 45 0.99 -17.64 -11.08
C SER A 45 1.11 -17.73 -9.55
N LYS A 46 2.22 -18.28 -9.08
CA LYS A 46 2.45 -18.43 -7.66
C LYS A 46 2.32 -17.08 -6.94
N TYR A 47 1.62 -17.08 -5.82
CA TYR A 47 1.42 -15.86 -5.05
C TYR A 47 2.48 -15.74 -3.94
N TYR A 48 2.71 -14.51 -3.49
CA TYR A 48 3.69 -14.26 -2.44
C TYR A 48 3.03 -14.30 -1.07
N LYS A 49 1.88 -13.65 -0.95
CA LYS A 49 1.15 -13.61 0.31
C LYS A 49 -0.24 -13.03 0.12
N GLU A 50 -1.13 -13.26 1.08
CA GLU A 50 -2.49 -12.76 1.02
C GLU A 50 -2.81 -11.89 2.23
N ILE A 51 -3.40 -10.73 1.97
CA ILE A 51 -3.76 -9.81 3.05
C ILE A 51 -5.24 -9.41 2.96
N PRO A 52 -6.08 -10.11 3.74
CA PRO A 52 -7.52 -9.85 3.77
C PRO A 52 -7.85 -8.52 4.44
N LEU A 53 -8.66 -7.70 3.75
CA LEU A 53 -9.06 -6.40 4.28
C LEU A 53 -9.19 -6.45 5.80
N SER A 54 -9.62 -7.58 6.32
CA SER A 54 -9.79 -7.76 7.75
C SER A 54 -8.47 -7.60 8.49
N GLU A 55 -7.46 -8.33 8.03
CA GLU A 55 -6.13 -8.26 8.63
C GLU A 55 -5.77 -6.84 9.02
N ILE A 56 -5.92 -5.91 8.08
CA ILE A 56 -5.62 -4.51 8.33
C ILE A 56 -6.45 -3.96 9.48
N LEU A 57 -5.94 -4.13 10.70
CA LEU A 57 -6.64 -3.65 11.89
C LEU A 57 -6.99 -2.18 11.76
N ARG A 58 -5.96 -1.35 11.55
CA ARG A 58 -6.15 0.09 11.41
C ARG A 58 -4.87 0.76 10.94
N ILE A 59 -4.96 2.06 10.69
CA ILE A 59 -3.80 2.83 10.23
C ILE A 59 -3.16 3.59 11.39
N SER A 60 -1.84 3.55 11.46
CA SER A 60 -1.10 4.23 12.51
C SER A 60 -0.96 5.72 12.21
N SER A 61 -0.93 6.54 13.25
CA SER A 61 -0.81 7.99 13.09
C SER A 61 0.59 8.36 12.59
N PRO A 62 0.70 9.56 12.02
CA PRO A 62 1.98 10.07 11.49
C PRO A 62 2.97 10.38 12.58
N ARG A 63 4.02 11.14 12.23
CA ARG A 63 5.05 11.51 13.19
C ARG A 63 5.71 10.26 13.78
N ASP A 64 5.85 9.23 12.96
CA ASP A 64 6.48 7.98 13.40
C ASP A 64 7.70 7.65 12.55
N PHE A 65 8.52 8.66 12.29
CA PHE A 65 9.72 8.47 11.49
C PHE A 65 10.94 8.27 12.38
N THR A 66 10.78 7.47 13.42
CA THR A 66 11.87 7.19 14.35
C THR A 66 12.49 5.82 14.09
N ASN A 67 11.63 4.82 13.87
CA ASN A 67 12.08 3.47 13.60
C ASN A 67 13.31 3.47 12.69
N ILE A 68 13.42 4.50 11.87
CA ILE A 68 14.54 4.64 10.95
C ILE A 68 15.38 5.88 11.26
N SER A 69 16.60 5.89 10.77
CA SER A 69 17.50 7.01 10.99
C SER A 69 17.51 7.96 9.80
N GLN A 70 17.43 9.26 10.09
CA GLN A 70 17.41 10.27 9.04
C GLN A 70 16.69 9.76 7.80
N GLY A 71 15.56 9.08 8.01
CA GLY A 71 14.79 8.55 6.90
C GLY A 71 14.50 9.60 5.84
N SER A 72 15.34 9.66 4.82
CA SER A 72 15.17 10.62 3.74
C SER A 72 13.85 10.39 3.00
N ASN A 73 13.45 9.13 2.91
CA ASN A 73 12.21 8.77 2.23
C ASN A 73 11.15 8.32 3.24
N PRO A 74 10.34 9.27 3.74
CA PRO A 74 9.29 8.98 4.71
C PRO A 74 8.14 8.19 4.09
N HIS A 75 7.29 7.64 4.95
CA HIS A 75 6.14 6.86 4.49
C HIS A 75 4.84 7.63 4.69
N CYS A 76 3.86 7.37 3.84
CA CYS A 76 2.57 8.04 3.92
C CYS A 76 1.72 7.45 5.05
N PHE A 77 1.59 6.13 5.06
CA PHE A 77 0.82 5.44 6.09
C PHE A 77 1.50 4.14 6.52
N GLU A 78 0.88 3.44 7.46
CA GLU A 78 1.43 2.19 7.96
C GLU A 78 0.34 1.13 8.10
N ILE A 79 0.46 0.05 7.34
CA ILE A 79 -0.51 -1.03 7.38
C ILE A 79 -0.24 -1.98 8.54
N ILE A 80 -1.05 -1.86 9.60
CA ILE A 80 -0.89 -2.72 10.77
C ILE A 80 -1.77 -3.96 10.68
N THR A 81 -1.14 -5.09 10.35
CA THR A 81 -1.86 -6.35 10.23
C THR A 81 -1.57 -7.27 11.40
N ASP A 82 -2.59 -7.98 11.86
CA ASP A 82 -2.43 -8.90 12.98
C ASP A 82 -1.07 -9.59 12.93
N THR A 83 -0.66 -10.01 11.74
CA THR A 83 0.62 -10.68 11.56
C THR A 83 1.77 -9.76 11.95
N MET A 84 1.94 -8.67 11.21
CA MET A 84 3.01 -7.72 11.48
C MET A 84 2.68 -6.35 10.87
N VAL A 85 3.47 -5.35 11.22
CA VAL A 85 3.27 -3.99 10.72
C VAL A 85 4.04 -3.77 9.42
N TYR A 86 3.45 -3.00 8.52
CA TYR A 86 4.07 -2.71 7.23
C TYR A 86 4.06 -1.21 6.95
N PHE A 87 5.16 -0.71 6.41
CA PHE A 87 5.29 0.71 6.09
C PHE A 87 5.40 0.92 4.59
N VAL A 88 4.36 1.50 3.99
CA VAL A 88 4.35 1.76 2.55
C VAL A 88 4.35 3.26 2.27
N GLY A 89 4.98 3.64 1.16
CA GLY A 89 5.04 5.04 0.79
C GLY A 89 6.46 5.54 0.63
N GLU A 90 6.90 5.68 -0.62
CA GLU A 90 8.24 6.15 -0.92
C GLU A 90 8.23 7.62 -1.33
N ASN A 91 8.83 8.46 -0.49
CA ASN A 91 8.89 9.89 -0.76
C ASN A 91 10.29 10.30 -1.24
N ASN A 92 10.37 10.75 -2.48
CA ASN A 92 11.65 11.16 -3.06
C ASN A 92 11.54 12.57 -3.65
N GLY A 93 10.86 13.46 -2.93
CA GLY A 93 10.70 14.82 -3.40
C GLY A 93 9.41 15.45 -2.92
N ASP A 94 9.52 16.56 -2.19
CA ASP A 94 8.35 17.26 -1.67
C ASP A 94 7.45 17.74 -2.82
N SER A 95 6.33 18.36 -2.46
CA SER A 95 5.39 18.87 -3.45
C SER A 95 6.13 19.49 -4.63
N SER A 96 5.69 19.16 -5.84
CA SER A 96 6.31 19.70 -7.05
C SER A 96 5.38 19.54 -8.25
N HIS A 97 5.68 20.28 -9.31
CA HIS A 97 4.86 20.23 -10.52
C HIS A 97 5.27 19.05 -11.40
N ASN A 98 5.48 17.90 -10.77
CA ASN A 98 5.86 16.69 -11.49
C ASN A 98 4.79 15.61 -11.36
N PRO A 99 3.70 15.78 -12.13
CA PRO A 99 2.58 14.84 -12.13
C PRO A 99 2.94 13.52 -12.78
N VAL A 100 4.13 13.45 -13.36
CA VAL A 100 4.61 12.23 -14.02
C VAL A 100 5.06 11.20 -13.00
N LEU A 101 5.73 11.68 -11.95
CA LEU A 101 6.21 10.79 -10.89
C LEU A 101 5.13 9.83 -10.43
N ALA A 102 3.94 10.37 -10.18
CA ALA A 102 2.81 9.56 -9.73
C ALA A 102 2.31 8.66 -10.85
N ALA A 103 2.14 9.23 -12.04
CA ALA A 103 1.67 8.48 -13.19
C ALA A 103 2.17 7.05 -13.16
N THR A 104 3.42 6.87 -12.74
CA THR A 104 4.03 5.55 -12.65
C THR A 104 3.78 4.90 -11.30
N GLY A 105 4.23 5.56 -10.23
CA GLY A 105 4.04 5.04 -8.90
C GLY A 105 5.25 5.27 -8.01
N VAL A 106 5.84 6.46 -8.11
CA VAL A 106 7.00 6.81 -7.30
C VAL A 106 6.82 8.17 -6.62
N GLY A 107 6.41 8.13 -5.36
CA GLY A 107 6.20 9.37 -4.61
C GLY A 107 5.06 9.25 -3.61
N LEU A 108 4.63 10.39 -3.08
CA LEU A 108 3.55 10.41 -2.11
C LEU A 108 2.19 10.56 -2.80
N ASP A 109 2.17 11.34 -3.88
CA ASP A 109 0.93 11.55 -4.63
C ASP A 109 0.29 10.22 -5.00
N VAL A 110 1.11 9.29 -5.46
CA VAL A 110 0.62 7.97 -5.86
C VAL A 110 0.26 7.13 -4.64
N ALA A 111 0.95 7.38 -3.54
CA ALA A 111 0.71 6.63 -2.30
C ALA A 111 -0.65 7.01 -1.71
N GLN A 112 -0.93 8.31 -1.65
CA GLN A 112 -2.19 8.79 -1.11
C GLN A 112 -3.37 8.05 -1.72
N SER A 113 -3.36 7.93 -3.05
CA SER A 113 -4.44 7.25 -3.76
C SER A 113 -4.64 5.84 -3.22
N TRP A 114 -3.54 5.12 -3.05
CA TRP A 114 -3.60 3.76 -2.53
C TRP A 114 -4.27 3.71 -1.17
N GLU A 115 -3.71 4.46 -0.22
CA GLU A 115 -4.26 4.51 1.13
C GLU A 115 -5.75 4.86 1.11
N LYS A 116 -6.10 5.81 0.26
CA LYS A 116 -7.49 6.24 0.13
C LYS A 116 -8.40 5.06 -0.22
N ALA A 117 -7.91 4.20 -1.11
CA ALA A 117 -8.68 3.03 -1.53
C ALA A 117 -8.63 1.93 -0.47
N ILE A 118 -7.42 1.53 -0.10
CA ILE A 118 -7.23 0.47 0.90
C ILE A 118 -8.06 0.76 2.15
N ARG A 119 -7.99 2.00 2.63
CA ARG A 119 -8.73 2.39 3.82
C ARG A 119 -10.24 2.31 3.58
N GLN A 120 -10.70 2.93 2.49
CA GLN A 120 -12.11 2.92 2.15
C GLN A 120 -12.65 1.49 2.12
N ALA A 121 -11.91 0.58 1.51
CA ALA A 121 -12.31 -0.81 1.42
C ALA A 121 -12.66 -1.37 2.80
N LEU A 122 -11.86 -1.01 3.79
CA LEU A 122 -12.09 -1.48 5.16
C LEU A 122 -13.56 -1.44 5.51
N MET A 123 -14.21 -0.31 5.22
CA MET A 123 -15.63 -0.15 5.50
C MET A 123 -16.47 -0.51 4.29
N SER A 124 -16.15 0.08 3.14
CA SER A 124 -16.88 -0.19 1.91
C SER A 124 -17.18 -1.67 1.76
N GLY A 125 -18.13 -1.99 0.90
CA GLY A 125 -18.49 -3.38 0.67
C GLY A 125 -19.89 -3.53 0.10
N PRO A 126 -20.00 -4.23 -1.03
CA PRO A 126 -21.28 -4.46 -1.71
C PRO A 126 -22.18 -5.41 -0.92
N SER A 127 -23.24 -4.86 -0.34
CA SER A 127 -24.18 -5.66 0.43
C SER A 127 -25.27 -6.26 -0.47
N SER A 128 -25.31 -7.59 -0.53
CA SER A 128 -26.27 -8.29 -1.35
C SER A 128 -27.63 -8.38 -0.64
N GLY A 129 -28.44 -7.34 -0.80
CA GLY A 129 -29.75 -7.32 -0.16
C GLY A 129 -30.68 -8.38 -0.72
N GLY A 1 -18.02 14.56 0.41
CA GLY A 1 -17.29 13.36 0.72
C GLY A 1 -16.50 12.82 -0.46
N SER A 2 -15.79 11.73 -0.24
CA SER A 2 -14.98 11.12 -1.29
C SER A 2 -15.84 10.76 -2.49
N SER A 3 -15.68 11.51 -3.58
CA SER A 3 -16.45 11.27 -4.80
C SER A 3 -15.53 11.08 -5.99
N GLY A 4 -15.11 9.82 -6.21
CA GLY A 4 -14.22 9.53 -7.31
C GLY A 4 -13.43 8.26 -7.10
N SER A 5 -12.56 8.27 -6.09
CA SER A 5 -11.73 7.11 -5.78
C SER A 5 -12.56 5.84 -5.79
N SER A 6 -12.07 4.82 -6.50
CA SER A 6 -12.77 3.54 -6.58
C SER A 6 -11.87 2.40 -6.11
N GLY A 7 -12.38 1.63 -5.15
CA GLY A 7 -11.61 0.51 -4.62
C GLY A 7 -12.13 -0.83 -5.11
N MET A 8 -12.15 -1.01 -6.42
CA MET A 8 -12.63 -2.25 -7.01
C MET A 8 -11.49 -2.98 -7.74
N VAL A 9 -10.66 -2.22 -8.44
CA VAL A 9 -9.54 -2.79 -9.17
C VAL A 9 -8.37 -1.82 -9.25
N LYS A 10 -7.32 -2.10 -8.49
CA LYS A 10 -6.14 -1.25 -8.46
C LYS A 10 -4.90 -2.06 -8.11
N GLU A 11 -3.80 -1.79 -8.82
CA GLU A 11 -2.54 -2.49 -8.59
C GLU A 11 -1.36 -1.71 -9.14
N GLY A 12 -0.16 -2.17 -8.85
CA GLY A 12 1.04 -1.49 -9.33
C GLY A 12 2.25 -1.79 -8.48
N TRP A 13 3.42 -1.34 -8.93
CA TRP A 13 4.66 -1.57 -8.20
C TRP A 13 4.78 -0.61 -7.01
N MET A 14 4.81 -1.18 -5.81
CA MET A 14 4.93 -0.38 -4.60
C MET A 14 6.02 -0.93 -3.69
N VAL A 15 6.60 -0.05 -2.87
CA VAL A 15 7.65 -0.45 -1.95
C VAL A 15 7.19 -0.36 -0.50
N HIS A 16 7.68 -1.26 0.33
CA HIS A 16 7.32 -1.28 1.74
C HIS A 16 8.42 -1.92 2.59
N TYR A 17 8.28 -1.83 3.90
CA TYR A 17 9.27 -2.39 4.82
C TYR A 17 8.63 -2.79 6.14
N THR A 18 9.02 -3.95 6.65
CA THR A 18 8.48 -4.45 7.91
C THR A 18 9.24 -3.88 9.10
N SER A 19 8.73 -4.11 10.31
CA SER A 19 9.36 -3.63 11.52
C SER A 19 10.69 -4.33 11.77
N ARG A 20 10.74 -5.62 11.43
CA ARG A 20 11.96 -6.40 11.62
C ARG A 20 12.90 -6.24 10.43
N ASP A 21 12.47 -6.72 9.27
CA ASP A 21 13.28 -6.63 8.06
C ASP A 21 13.07 -5.28 7.37
N ASN A 22 13.85 -4.28 7.79
CA ASN A 22 13.75 -2.95 7.21
C ASN A 22 14.00 -2.99 5.71
N LEU A 23 14.85 -3.91 5.27
CA LEU A 23 15.17 -4.04 3.85
C LEU A 23 13.93 -3.82 2.99
N ARG A 24 13.83 -2.63 2.42
CA ARG A 24 12.69 -2.29 1.57
C ARG A 24 12.45 -3.39 0.53
N LYS A 25 11.19 -3.57 0.15
CA LYS A 25 10.82 -4.57 -0.84
C LYS A 25 9.78 -4.04 -1.81
N ARG A 26 10.08 -4.12 -3.10
CA ARG A 26 9.16 -3.64 -4.13
C ARG A 26 8.52 -4.80 -4.88
N HIS A 27 7.19 -4.86 -4.83
CA HIS A 27 6.45 -5.92 -5.51
C HIS A 27 5.16 -5.40 -6.12
N TYR A 28 4.61 -6.14 -7.07
CA TYR A 28 3.38 -5.74 -7.74
C TYR A 28 2.18 -5.93 -6.82
N TRP A 29 1.89 -4.90 -6.02
CA TRP A 29 0.76 -4.96 -5.09
C TRP A 29 -0.56 -5.06 -5.84
N ARG A 30 -1.40 -6.00 -5.44
CA ARG A 30 -2.69 -6.19 -6.07
C ARG A 30 -3.83 -5.95 -5.08
N LEU A 31 -4.78 -5.11 -5.47
CA LEU A 31 -5.92 -4.80 -4.61
C LEU A 31 -7.23 -4.93 -5.37
N ASP A 32 -8.29 -5.35 -4.68
CA ASP A 32 -9.60 -5.51 -5.30
C ASP A 32 -10.70 -5.46 -4.25
N SER A 33 -11.94 -5.63 -4.69
CA SER A 33 -13.08 -5.61 -3.79
C SER A 33 -13.18 -6.90 -3.00
N LYS A 34 -12.17 -7.76 -3.15
CA LYS A 34 -12.14 -9.03 -2.44
C LYS A 34 -11.08 -9.03 -1.35
N CYS A 35 -9.82 -9.08 -1.76
CA CYS A 35 -8.71 -9.08 -0.81
C CYS A 35 -7.43 -8.58 -1.48
N LEU A 36 -6.48 -8.14 -0.66
CA LEU A 36 -5.21 -7.64 -1.16
C LEU A 36 -4.19 -8.76 -1.34
N THR A 37 -3.58 -8.83 -2.51
CA THR A 37 -2.58 -9.86 -2.80
C THR A 37 -1.29 -9.24 -3.31
N LEU A 38 -0.17 -9.79 -2.86
CA LEU A 38 1.14 -9.31 -3.28
C LEU A 38 1.81 -10.29 -4.23
N PHE A 39 2.31 -9.78 -5.36
CA PHE A 39 2.98 -10.61 -6.34
C PHE A 39 4.39 -10.09 -6.62
N GLN A 40 5.39 -10.77 -6.07
CA GLN A 40 6.78 -10.38 -6.27
C GLN A 40 7.01 -9.82 -7.67
N ASN A 41 6.32 -10.40 -8.64
CA ASN A 41 6.43 -9.96 -10.03
C ASN A 41 5.06 -9.69 -10.63
N GLU A 42 5.04 -9.20 -11.87
CA GLU A 42 3.80 -8.90 -12.57
C GLU A 42 3.13 -10.18 -13.05
N SER A 43 2.75 -11.03 -12.11
CA SER A 43 2.10 -12.30 -12.44
C SER A 43 0.90 -12.55 -11.53
N GLY A 44 0.18 -13.64 -11.79
CA GLY A 44 -0.98 -13.97 -10.99
C GLY A 44 -1.00 -15.43 -10.58
N SER A 45 -0.39 -16.28 -11.39
CA SER A 45 -0.34 -17.71 -11.11
C SER A 45 0.21 -17.97 -9.70
N LYS A 46 1.49 -17.67 -9.52
CA LYS A 46 2.14 -17.86 -8.23
C LYS A 46 2.15 -16.56 -7.42
N TYR A 47 1.52 -16.59 -6.26
CA TYR A 47 1.45 -15.42 -5.40
C TYR A 47 2.54 -15.47 -4.33
N TYR A 48 2.51 -14.50 -3.43
CA TYR A 48 3.50 -14.43 -2.35
C TYR A 48 2.83 -14.45 -0.99
N LYS A 49 1.95 -13.47 -0.75
CA LYS A 49 1.23 -13.39 0.51
C LYS A 49 -0.20 -12.89 0.29
N GLU A 50 -1.06 -13.10 1.28
CA GLU A 50 -2.45 -12.68 1.19
C GLU A 50 -2.83 -11.79 2.38
N ILE A 51 -3.44 -10.65 2.08
CA ILE A 51 -3.85 -9.72 3.13
C ILE A 51 -5.32 -9.33 2.97
N PRO A 52 -6.20 -10.07 3.66
CA PRO A 52 -7.65 -9.83 3.61
C PRO A 52 -8.03 -8.53 4.32
N LEU A 53 -8.89 -7.75 3.67
CA LEU A 53 -9.34 -6.49 4.24
C LEU A 53 -9.57 -6.61 5.75
N SER A 54 -9.86 -7.82 6.19
CA SER A 54 -10.10 -8.07 7.61
C SER A 54 -8.81 -7.91 8.41
N GLU A 55 -7.76 -8.62 7.98
CA GLU A 55 -6.47 -8.55 8.66
C GLU A 55 -6.14 -7.12 9.08
N ILE A 56 -6.05 -6.23 8.10
CA ILE A 56 -5.74 -4.83 8.37
C ILE A 56 -6.64 -4.27 9.47
N LEU A 57 -6.05 -4.02 10.64
CA LEU A 57 -6.79 -3.48 11.77
C LEU A 57 -7.04 -1.98 11.61
N ARG A 58 -5.95 -1.23 11.43
CA ARG A 58 -6.05 0.21 11.26
C ARG A 58 -4.76 0.77 10.66
N ILE A 59 -4.81 2.03 10.24
CA ILE A 59 -3.65 2.68 9.66
C ILE A 59 -3.09 3.75 10.58
N SER A 60 -1.79 3.68 10.84
CA SER A 60 -1.12 4.64 11.72
C SER A 60 -0.58 5.82 10.92
N SER A 61 -0.32 6.93 11.60
CA SER A 61 0.21 8.12 10.95
C SER A 61 1.73 8.06 10.85
N PRO A 62 2.28 8.81 9.89
CA PRO A 62 3.74 8.85 9.66
C PRO A 62 4.48 9.55 10.80
N ARG A 63 3.73 10.06 11.77
CA ARG A 63 4.32 10.75 12.91
C ARG A 63 5.60 10.06 13.36
N ASP A 64 5.52 8.76 13.62
CA ASP A 64 6.68 7.99 14.06
C ASP A 64 7.81 8.07 13.03
N PHE A 65 8.91 8.70 13.43
CA PHE A 65 10.05 8.84 12.54
C PHE A 65 11.33 8.30 13.19
N THR A 66 11.29 7.03 13.57
CA THR A 66 12.44 6.40 14.21
C THR A 66 13.22 5.54 13.22
N ASN A 67 12.53 5.10 12.16
CA ASN A 67 13.16 4.26 11.15
C ASN A 67 13.59 5.10 9.95
N ILE A 68 14.39 6.13 10.21
CA ILE A 68 14.87 7.01 9.15
C ILE A 68 16.40 6.97 9.06
N SER A 69 16.95 7.77 8.14
CA SER A 69 18.39 7.82 7.95
C SER A 69 18.78 9.05 7.14
N GLN A 70 20.05 9.44 7.24
CA GLN A 70 20.55 10.60 6.52
C GLN A 70 19.98 10.66 5.11
N GLY A 71 18.99 11.52 4.92
CA GLY A 71 18.36 11.66 3.61
C GLY A 71 17.62 10.40 3.19
N SER A 72 16.71 9.93 4.04
CA SER A 72 15.95 8.73 3.76
C SER A 72 14.48 9.08 3.47
N ASN A 73 13.95 8.53 2.38
CA ASN A 73 12.57 8.79 2.00
C ASN A 73 11.61 8.25 3.06
N PRO A 74 10.83 9.16 3.66
CA PRO A 74 9.85 8.80 4.69
C PRO A 74 8.67 8.01 4.14
N HIS A 75 7.71 7.71 4.99
CA HIS A 75 6.53 6.96 4.59
C HIS A 75 5.26 7.81 4.75
N CYS A 76 4.17 7.37 4.13
CA CYS A 76 2.91 8.09 4.20
C CYS A 76 1.97 7.44 5.21
N PHE A 77 1.88 6.11 5.16
CA PHE A 77 1.02 5.37 6.07
C PHE A 77 1.61 4.00 6.39
N GLU A 78 1.03 3.32 7.37
CA GLU A 78 1.50 2.00 7.78
C GLU A 78 0.33 1.03 7.91
N ILE A 79 0.44 -0.11 7.23
CA ILE A 79 -0.61 -1.12 7.27
C ILE A 79 -0.43 -2.05 8.48
N ILE A 80 -1.18 -1.77 9.55
CA ILE A 80 -1.10 -2.57 10.76
C ILE A 80 -2.03 -3.77 10.68
N THR A 81 -1.44 -4.97 10.69
CA THR A 81 -2.22 -6.20 10.63
C THR A 81 -1.98 -7.07 11.85
N ASP A 82 -2.88 -8.01 12.09
CA ASP A 82 -2.76 -8.92 13.23
C ASP A 82 -1.42 -9.65 13.21
N THR A 83 -0.94 -9.96 12.01
CA THR A 83 0.33 -10.65 11.86
C THR A 83 1.50 -9.75 12.25
N MET A 84 1.83 -8.81 11.39
CA MET A 84 2.93 -7.88 11.64
C MET A 84 2.61 -6.49 11.09
N VAL A 85 3.44 -5.51 11.46
CA VAL A 85 3.25 -4.15 10.99
C VAL A 85 4.00 -3.90 9.68
N TYR A 86 3.35 -3.21 8.76
CA TYR A 86 3.97 -2.90 7.46
C TYR A 86 4.02 -1.40 7.22
N PHE A 87 5.08 -0.95 6.57
CA PHE A 87 5.25 0.48 6.27
C PHE A 87 5.32 0.71 4.76
N VAL A 88 4.26 1.32 4.23
CA VAL A 88 4.19 1.61 2.81
C VAL A 88 4.22 3.12 2.55
N GLY A 89 5.03 3.53 1.58
CA GLY A 89 5.13 4.94 1.25
C GLY A 89 6.56 5.36 0.97
N GLU A 90 6.80 5.88 -0.23
CA GLU A 90 8.13 6.33 -0.61
C GLU A 90 8.08 7.72 -1.26
N ASN A 91 8.49 8.73 -0.50
CA ASN A 91 8.48 10.10 -0.99
C ASN A 91 9.88 10.52 -1.44
N ASN A 92 10.01 10.90 -2.71
CA ASN A 92 11.30 11.32 -3.25
C ASN A 92 11.25 12.80 -3.64
N GLY A 93 10.05 13.35 -3.72
CA GLY A 93 9.90 14.75 -4.09
C GLY A 93 9.40 15.60 -2.94
N ASP A 94 10.28 15.86 -1.98
CA ASP A 94 9.93 16.67 -0.82
C ASP A 94 9.30 18.00 -1.25
N SER A 95 9.91 18.62 -2.25
CA SER A 95 9.41 19.90 -2.75
C SER A 95 9.35 19.90 -4.28
N SER A 96 8.50 19.03 -4.83
CA SER A 96 8.35 18.93 -6.27
C SER A 96 6.96 18.42 -6.63
N HIS A 97 6.50 18.75 -7.83
CA HIS A 97 5.18 18.32 -8.31
C HIS A 97 5.28 17.64 -9.66
N ASN A 98 5.08 16.32 -9.66
CA ASN A 98 5.15 15.54 -10.89
C ASN A 98 4.19 14.36 -10.84
N PRO A 99 3.07 14.48 -11.57
CA PRO A 99 2.05 13.42 -11.63
C PRO A 99 2.53 12.19 -12.38
N VAL A 100 3.69 12.31 -13.03
CA VAL A 100 4.25 11.20 -13.79
C VAL A 100 4.86 10.16 -12.86
N LEU A 101 5.60 10.62 -11.85
CA LEU A 101 6.24 9.73 -10.89
C LEU A 101 5.26 8.66 -10.41
N ALA A 102 3.97 8.94 -10.55
CA ALA A 102 2.93 7.99 -10.14
C ALA A 102 2.89 6.79 -11.08
N ALA A 103 2.89 7.06 -12.38
CA ALA A 103 2.84 6.01 -13.39
C ALA A 103 3.59 4.77 -12.91
N THR A 104 4.83 4.97 -12.46
CA THR A 104 5.66 3.87 -11.98
C THR A 104 5.21 3.41 -10.60
N GLY A 105 4.98 4.36 -9.71
CA GLY A 105 4.54 4.02 -8.37
C GLY A 105 5.49 4.54 -7.30
N VAL A 106 6.03 5.74 -7.52
CA VAL A 106 6.95 6.35 -6.57
C VAL A 106 6.51 7.76 -6.20
N GLY A 107 6.51 8.05 -4.91
CA GLY A 107 6.11 9.37 -4.44
C GLY A 107 4.83 9.34 -3.62
N LEU A 108 4.50 10.46 -3.01
CA LEU A 108 3.29 10.55 -2.18
C LEU A 108 2.04 10.50 -3.05
N ASP A 109 2.05 11.27 -4.13
CA ASP A 109 0.92 11.31 -5.05
C ASP A 109 0.26 9.94 -5.17
N VAL A 110 1.03 8.97 -5.65
CA VAL A 110 0.53 7.60 -5.82
C VAL A 110 0.07 7.02 -4.49
N ALA A 111 0.81 7.32 -3.43
CA ALA A 111 0.48 6.84 -2.09
C ALA A 111 -0.93 7.27 -1.68
N GLN A 112 -1.20 8.57 -1.79
CA GLN A 112 -2.51 9.10 -1.44
C GLN A 112 -3.62 8.21 -1.97
N SER A 113 -3.49 7.78 -3.22
CA SER A 113 -4.49 6.94 -3.84
C SER A 113 -4.59 5.59 -3.13
N TRP A 114 -3.43 4.98 -2.89
CA TRP A 114 -3.38 3.68 -2.21
C TRP A 114 -3.94 3.78 -0.80
N GLU A 115 -3.27 4.57 0.04
CA GLU A 115 -3.70 4.74 1.42
C GLU A 115 -5.21 4.94 1.50
N LYS A 116 -5.77 5.69 0.55
CA LYS A 116 -7.19 5.96 0.51
C LYS A 116 -7.96 4.68 0.16
N ALA A 117 -7.75 4.19 -1.07
CA ALA A 117 -8.42 2.98 -1.52
C ALA A 117 -8.42 1.90 -0.44
N ILE A 118 -7.22 1.54 0.01
CA ILE A 118 -7.07 0.52 1.04
C ILE A 118 -7.95 0.82 2.25
N ARG A 119 -7.73 1.99 2.85
CA ARG A 119 -8.50 2.40 4.01
C ARG A 119 -10.00 2.32 3.74
N GLN A 120 -10.38 2.64 2.50
CA GLN A 120 -11.79 2.59 2.11
C GLN A 120 -12.25 1.16 1.88
N ALA A 121 -11.30 0.27 1.59
CA ALA A 121 -11.60 -1.13 1.35
C ALA A 121 -12.19 -1.78 2.59
N LEU A 122 -11.77 -1.32 3.76
CA LEU A 122 -12.24 -1.85 5.03
C LEU A 122 -13.70 -1.47 5.27
N MET A 123 -14.04 -0.24 4.92
CA MET A 123 -15.41 0.25 5.09
C MET A 123 -16.39 -0.60 4.31
N SER A 124 -16.02 -0.95 3.08
CA SER A 124 -16.88 -1.78 2.24
C SER A 124 -17.11 -3.15 2.84
N GLY A 125 -16.02 -3.80 3.24
CA GLY A 125 -16.12 -5.13 3.84
C GLY A 125 -15.88 -6.24 2.84
N PRO A 126 -16.36 -7.45 3.16
CA PRO A 126 -16.21 -8.62 2.29
C PRO A 126 -17.05 -8.51 1.03
N SER A 127 -17.82 -7.44 0.91
CA SER A 127 -18.67 -7.22 -0.25
C SER A 127 -17.95 -7.61 -1.54
N SER A 128 -18.22 -8.82 -2.01
CA SER A 128 -17.59 -9.31 -3.24
C SER A 128 -18.64 -9.50 -4.34
N GLY A 129 -19.55 -8.55 -4.46
CA GLY A 129 -20.58 -8.63 -5.48
C GLY A 129 -20.16 -8.00 -6.79
N GLY A 1 -26.39 3.43 -7.54
CA GLY A 1 -26.20 2.71 -6.29
C GLY A 1 -24.99 1.80 -6.33
N SER A 2 -24.21 1.82 -5.25
CA SER A 2 -23.02 0.98 -5.15
C SER A 2 -23.38 -0.49 -5.27
N SER A 3 -23.12 -1.06 -6.44
CA SER A 3 -23.42 -2.47 -6.69
C SER A 3 -22.16 -3.32 -6.53
N GLY A 4 -22.27 -4.39 -5.74
CA GLY A 4 -21.14 -5.27 -5.53
C GLY A 4 -20.52 -5.75 -6.82
N SER A 5 -19.30 -5.33 -7.09
CA SER A 5 -18.60 -5.72 -8.31
C SER A 5 -17.39 -6.59 -7.99
N SER A 6 -17.29 -7.73 -8.67
CA SER A 6 -16.18 -8.66 -8.45
C SER A 6 -15.13 -8.50 -9.54
N GLY A 7 -13.91 -8.15 -9.14
CA GLY A 7 -12.84 -7.99 -10.09
C GLY A 7 -11.63 -7.29 -9.48
N MET A 8 -10.98 -6.44 -10.28
CA MET A 8 -9.80 -5.72 -9.81
C MET A 8 -10.12 -4.25 -9.60
N VAL A 9 -9.68 -3.70 -8.47
CA VAL A 9 -9.93 -2.30 -8.14
C VAL A 9 -8.71 -1.45 -8.47
N LYS A 10 -7.55 -1.88 -7.99
CA LYS A 10 -6.31 -1.14 -8.23
C LYS A 10 -5.12 -2.09 -8.23
N GLU A 11 -4.03 -1.68 -8.87
CA GLU A 11 -2.82 -2.49 -8.95
C GLU A 11 -1.61 -1.64 -9.32
N GLY A 12 -0.42 -2.13 -9.01
CA GLY A 12 0.80 -1.40 -9.32
C GLY A 12 1.97 -1.86 -8.48
N TRP A 13 3.12 -1.23 -8.69
CA TRP A 13 4.33 -1.57 -7.94
C TRP A 13 4.49 -0.66 -6.73
N MET A 14 4.55 -1.27 -5.54
CA MET A 14 4.71 -0.51 -4.30
C MET A 14 5.75 -1.15 -3.41
N VAL A 15 6.41 -0.33 -2.58
CA VAL A 15 7.44 -0.82 -1.67
C VAL A 15 7.04 -0.60 -0.22
N HIS A 16 7.43 -1.53 0.65
CA HIS A 16 7.10 -1.44 2.06
C HIS A 16 8.18 -2.12 2.91
N TYR A 17 8.27 -1.73 4.18
CA TYR A 17 9.25 -2.30 5.08
C TYR A 17 8.64 -2.55 6.46
N THR A 18 9.39 -3.24 7.32
CA THR A 18 8.92 -3.55 8.67
C THR A 18 9.61 -2.67 9.71
N SER A 19 9.29 -2.89 10.97
CA SER A 19 9.88 -2.11 12.06
C SER A 19 10.94 -2.93 12.79
N ARG A 20 11.07 -4.19 12.42
CA ARG A 20 12.05 -5.07 13.04
C ARG A 20 13.17 -5.41 12.06
N ASP A 21 12.82 -5.56 10.79
CA ASP A 21 13.79 -5.88 9.75
C ASP A 21 13.96 -4.72 8.78
N ASN A 22 12.98 -3.81 8.79
CA ASN A 22 13.01 -2.66 7.89
C ASN A 22 13.49 -3.05 6.50
N LEU A 23 13.19 -4.29 6.11
CA LEU A 23 13.58 -4.80 4.79
C LEU A 23 12.61 -4.31 3.72
N ARG A 24 13.06 -3.37 2.90
CA ARG A 24 12.24 -2.82 1.83
C ARG A 24 11.91 -3.91 0.80
N LYS A 25 10.62 -4.12 0.58
CA LYS A 25 10.16 -5.12 -0.38
C LYS A 25 9.30 -4.48 -1.46
N ARG A 26 9.72 -4.62 -2.72
CA ARG A 26 8.99 -4.06 -3.84
C ARG A 26 8.28 -5.15 -4.63
N HIS A 27 6.95 -5.09 -4.65
CA HIS A 27 6.16 -6.08 -5.37
C HIS A 27 4.92 -5.43 -5.99
N TYR A 28 4.33 -6.11 -6.96
CA TYR A 28 3.14 -5.60 -7.64
C TYR A 28 1.90 -5.72 -6.74
N TRP A 29 1.70 -4.71 -5.90
CA TRP A 29 0.56 -4.71 -4.99
C TRP A 29 -0.75 -4.66 -5.76
N ARG A 30 -1.66 -5.57 -5.42
CA ARG A 30 -2.95 -5.64 -6.08
C ARG A 30 -4.09 -5.60 -5.06
N LEU A 31 -5.04 -4.70 -5.27
CA LEU A 31 -6.18 -4.56 -4.38
C LEU A 31 -7.49 -4.79 -5.11
N ASP A 32 -8.44 -5.44 -4.44
CA ASP A 32 -9.74 -5.72 -5.03
C ASP A 32 -10.83 -5.69 -3.98
N SER A 33 -12.07 -5.96 -4.40
CA SER A 33 -13.20 -5.96 -3.49
C SER A 33 -13.25 -7.25 -2.68
N LYS A 34 -12.20 -8.06 -2.79
CA LYS A 34 -12.12 -9.32 -2.07
C LYS A 34 -11.00 -9.29 -1.04
N CYS A 35 -9.76 -9.31 -1.53
CA CYS A 35 -8.59 -9.28 -0.65
C CYS A 35 -7.39 -8.69 -1.37
N LEU A 36 -6.40 -8.22 -0.60
CA LEU A 36 -5.19 -7.64 -1.16
C LEU A 36 -4.15 -8.71 -1.45
N THR A 37 -3.84 -8.90 -2.72
CA THR A 37 -2.85 -9.89 -3.13
C THR A 37 -1.60 -9.22 -3.71
N LEU A 38 -0.46 -9.88 -3.57
CA LEU A 38 0.80 -9.36 -4.08
C LEU A 38 1.40 -10.30 -5.11
N PHE A 39 2.30 -9.77 -5.93
CA PHE A 39 2.97 -10.58 -6.96
C PHE A 39 4.41 -10.13 -7.15
N GLN A 40 5.30 -11.09 -7.36
CA GLN A 40 6.71 -10.80 -7.55
C GLN A 40 6.95 -10.11 -8.90
N ASN A 41 6.21 -10.54 -9.91
CA ASN A 41 6.33 -9.97 -11.24
C ASN A 41 4.98 -9.51 -11.78
N GLU A 42 4.99 -8.79 -12.89
CA GLU A 42 3.75 -8.29 -13.50
C GLU A 42 2.81 -9.45 -13.81
N SER A 43 3.27 -10.36 -14.66
CA SER A 43 2.45 -11.50 -15.06
C SER A 43 1.84 -12.19 -13.83
N GLY A 44 0.83 -13.03 -14.07
CA GLY A 44 0.18 -13.73 -12.98
C GLY A 44 0.50 -15.21 -12.96
N SER A 45 1.66 -15.56 -12.41
CA SER A 45 2.08 -16.95 -12.34
C SER A 45 1.69 -17.58 -11.00
N LYS A 46 2.06 -16.92 -9.92
CA LYS A 46 1.75 -17.40 -8.58
C LYS A 46 1.81 -16.27 -7.56
N TYR A 47 0.76 -16.14 -6.77
CA TYR A 47 0.69 -15.09 -5.75
C TYR A 47 1.84 -15.23 -4.76
N TYR A 48 2.28 -14.09 -4.23
CA TYR A 48 3.39 -14.08 -3.27
C TYR A 48 2.85 -14.15 -1.83
N LYS A 49 1.83 -13.35 -1.55
CA LYS A 49 1.22 -13.33 -0.22
C LYS A 49 -0.21 -12.80 -0.29
N GLU A 50 -1.07 -13.34 0.58
CA GLU A 50 -2.46 -12.93 0.62
C GLU A 50 -2.74 -12.10 1.87
N ILE A 51 -3.31 -10.91 1.67
CA ILE A 51 -3.63 -10.02 2.78
C ILE A 51 -5.11 -9.66 2.78
N PRO A 52 -5.91 -10.43 3.52
CA PRO A 52 -7.36 -10.21 3.61
C PRO A 52 -7.70 -8.94 4.40
N LEU A 53 -8.66 -8.18 3.91
CA LEU A 53 -9.08 -6.95 4.55
C LEU A 53 -9.17 -7.13 6.07
N SER A 54 -9.36 -8.37 6.49
CA SER A 54 -9.47 -8.69 7.91
C SER A 54 -8.16 -8.39 8.64
N GLU A 55 -7.06 -8.91 8.09
CA GLU A 55 -5.75 -8.70 8.69
C GLU A 55 -5.54 -7.22 9.03
N ILE A 56 -5.67 -6.36 8.03
CA ILE A 56 -5.49 -4.93 8.22
C ILE A 56 -6.45 -4.40 9.30
N LEU A 57 -5.91 -4.15 10.49
CA LEU A 57 -6.72 -3.64 11.59
C LEU A 57 -6.94 -2.14 11.45
N ARG A 58 -5.84 -1.39 11.42
CA ARG A 58 -5.92 0.07 11.29
C ARG A 58 -4.61 0.63 10.74
N ILE A 59 -4.53 1.95 10.66
CA ILE A 59 -3.34 2.62 10.14
C ILE A 59 -2.61 3.37 11.24
N SER A 60 -1.32 3.61 11.04
CA SER A 60 -0.50 4.31 12.03
C SER A 60 -0.53 5.82 11.77
N SER A 61 0.23 6.56 12.57
CA SER A 61 0.30 8.01 12.43
C SER A 61 1.62 8.43 11.78
N PRO A 62 1.54 9.47 10.94
CA PRO A 62 2.71 10.01 10.23
C PRO A 62 3.67 10.71 11.17
N ARG A 63 3.25 10.91 12.42
CA ARG A 63 4.09 11.58 13.41
C ARG A 63 5.44 10.87 13.56
N ASP A 64 5.40 9.54 13.59
CA ASP A 64 6.61 8.75 13.73
C ASP A 64 7.54 8.96 12.54
N PHE A 65 8.66 9.63 12.79
CA PHE A 65 9.64 9.90 11.73
C PHE A 65 11.04 9.48 12.15
N THR A 66 11.11 8.55 13.11
CA THR A 66 12.39 8.06 13.61
C THR A 66 12.87 6.87 12.80
N ASN A 67 11.93 6.04 12.36
CA ASN A 67 12.25 4.86 11.57
C ASN A 67 12.85 5.25 10.22
N ILE A 68 12.69 6.51 9.86
CA ILE A 68 13.20 7.01 8.58
C ILE A 68 14.30 8.06 8.81
N SER A 69 14.83 8.59 7.71
CA SER A 69 15.89 9.59 7.79
C SER A 69 15.96 10.40 6.51
N GLN A 70 16.74 11.48 6.53
CA GLN A 70 16.90 12.33 5.36
C GLN A 70 17.47 11.55 4.18
N GLY A 71 18.08 10.41 4.48
CA GLY A 71 18.65 9.58 3.43
C GLY A 71 17.60 8.88 2.60
N SER A 72 17.10 7.75 3.10
CA SER A 72 16.09 6.98 2.39
C SER A 72 14.82 7.79 2.22
N ASN A 73 13.88 7.25 1.46
CA ASN A 73 12.60 7.92 1.21
C ASN A 73 11.64 7.72 2.37
N PRO A 74 10.85 8.76 2.67
CA PRO A 74 9.87 8.71 3.76
C PRO A 74 8.70 7.80 3.45
N HIS A 75 7.66 7.87 4.26
CA HIS A 75 6.47 7.04 4.08
C HIS A 75 5.20 7.87 4.25
N CYS A 76 4.10 7.40 3.67
CA CYS A 76 2.82 8.09 3.76
C CYS A 76 1.96 7.50 4.87
N PHE A 77 1.81 6.19 4.86
CA PHE A 77 1.00 5.50 5.87
C PHE A 77 1.64 4.17 6.26
N GLU A 78 1.06 3.52 7.27
CA GLU A 78 1.58 2.24 7.75
C GLU A 78 0.44 1.26 8.00
N ILE A 79 0.62 0.04 7.51
CA ILE A 79 -0.40 -1.00 7.68
C ILE A 79 -0.09 -1.89 8.88
N ILE A 80 -0.92 -1.79 9.91
CA ILE A 80 -0.75 -2.58 11.12
C ILE A 80 -1.51 -3.90 11.04
N THR A 81 -0.81 -4.99 11.25
CA THR A 81 -1.42 -6.32 11.19
C THR A 81 -1.37 -7.00 12.56
N ASP A 82 -1.84 -8.24 12.62
CA ASP A 82 -1.85 -9.00 13.86
C ASP A 82 -0.46 -9.55 14.18
N THR A 83 0.51 -9.19 13.35
CA THR A 83 1.88 -9.65 13.53
C THR A 83 2.83 -8.47 13.75
N MET A 84 3.13 -7.75 12.67
CA MET A 84 4.02 -6.61 12.73
C MET A 84 3.47 -5.43 11.92
N VAL A 85 4.08 -4.27 12.09
CA VAL A 85 3.64 -3.08 11.37
C VAL A 85 4.39 -2.93 10.05
N TYR A 86 3.68 -2.46 9.02
CA TYR A 86 4.28 -2.28 7.71
C TYR A 86 4.31 -0.80 7.33
N PHE A 87 5.41 -0.38 6.69
CA PHE A 87 5.56 1.01 6.27
C PHE A 87 5.55 1.12 4.75
N VAL A 88 4.43 1.55 4.19
CA VAL A 88 4.29 1.70 2.75
C VAL A 88 4.42 3.17 2.34
N GLY A 89 5.10 3.40 1.22
CA GLY A 89 5.28 4.77 0.74
C GLY A 89 6.72 5.05 0.34
N GLU A 90 6.89 5.68 -0.82
CA GLU A 90 8.22 6.00 -1.32
C GLU A 90 8.18 7.26 -2.18
N ASN A 91 8.67 8.37 -1.62
CA ASN A 91 8.70 9.64 -2.34
C ASN A 91 10.12 10.13 -2.54
N ASN A 92 10.58 10.11 -3.79
CA ASN A 92 11.93 10.55 -4.11
C ASN A 92 12.23 11.91 -3.49
N GLY A 93 11.26 12.81 -3.56
CA GLY A 93 11.44 14.14 -3.00
C GLY A 93 10.35 15.10 -3.41
N ASP A 94 10.67 16.02 -4.32
CA ASP A 94 9.70 16.99 -4.80
C ASP A 94 8.35 16.35 -5.06
N SER A 95 7.28 17.03 -4.66
CA SER A 95 5.93 16.51 -4.85
C SER A 95 5.09 17.48 -5.67
N SER A 96 5.05 17.26 -6.99
CA SER A 96 4.28 18.12 -7.88
C SER A 96 3.46 17.30 -8.85
N HIS A 97 2.32 17.83 -9.27
CA HIS A 97 1.44 17.14 -10.20
C HIS A 97 2.25 16.45 -11.30
N ASN A 98 2.12 15.12 -11.38
CA ASN A 98 2.84 14.34 -12.38
C ASN A 98 2.40 12.88 -12.35
N PRO A 99 1.82 12.42 -13.47
CA PRO A 99 1.35 11.03 -13.59
C PRO A 99 2.50 10.03 -13.65
N VAL A 100 3.50 10.33 -14.48
CA VAL A 100 4.66 9.46 -14.62
C VAL A 100 5.08 8.86 -13.28
N LEU A 101 5.10 9.70 -12.25
CA LEU A 101 5.48 9.25 -10.91
C LEU A 101 4.77 7.96 -10.55
N ALA A 102 3.48 7.90 -10.84
CA ALA A 102 2.68 6.71 -10.54
C ALA A 102 2.93 5.61 -11.57
N ALA A 103 2.91 5.99 -12.85
CA ALA A 103 3.14 5.03 -13.92
C ALA A 103 4.25 4.05 -13.56
N THR A 104 5.38 4.59 -13.08
CA THR A 104 6.51 3.76 -12.70
C THR A 104 6.29 3.10 -11.34
N GLY A 105 5.59 3.80 -10.46
CA GLY A 105 5.30 3.27 -9.14
C GLY A 105 6.17 3.91 -8.06
N VAL A 106 6.49 5.18 -8.26
CA VAL A 106 7.32 5.91 -7.30
C VAL A 106 6.76 7.30 -7.04
N GLY A 107 6.89 7.77 -5.80
CA GLY A 107 6.40 9.09 -5.45
C GLY A 107 5.41 9.04 -4.30
N LEU A 108 5.05 10.21 -3.78
CA LEU A 108 4.11 10.31 -2.67
C LEU A 108 2.67 10.39 -3.19
N ASP A 109 2.49 11.11 -4.29
CA ASP A 109 1.16 11.27 -4.88
C ASP A 109 0.50 9.92 -5.10
N VAL A 110 1.22 9.00 -5.74
CA VAL A 110 0.71 7.67 -6.00
C VAL A 110 0.30 6.97 -4.71
N ALA A 111 0.98 7.30 -3.63
CA ALA A 111 0.70 6.70 -2.33
C ALA A 111 -0.63 7.22 -1.77
N GLN A 112 -0.76 8.54 -1.71
CA GLN A 112 -1.97 9.17 -1.20
C GLN A 112 -3.21 8.39 -1.63
N SER A 113 -3.16 7.82 -2.84
CA SER A 113 -4.28 7.06 -3.37
C SER A 113 -4.37 5.69 -2.69
N TRP A 114 -3.34 4.88 -2.87
CA TRP A 114 -3.31 3.55 -2.28
C TRP A 114 -3.72 3.59 -0.81
N GLU A 115 -3.38 4.68 -0.14
CA GLU A 115 -3.72 4.84 1.27
C GLU A 115 -5.24 4.86 1.47
N LYS A 116 -5.92 5.62 0.61
CA LYS A 116 -7.38 5.73 0.69
C LYS A 116 -8.05 4.46 0.17
N ALA A 117 -7.66 4.04 -1.04
CA ALA A 117 -8.22 2.85 -1.65
C ALA A 117 -8.33 1.71 -0.64
N ILE A 118 -7.22 1.40 0.01
CA ILE A 118 -7.19 0.33 1.01
C ILE A 118 -8.13 0.65 2.18
N ARG A 119 -8.17 1.92 2.57
CA ARG A 119 -9.01 2.35 3.67
C ARG A 119 -10.49 2.19 3.31
N GLN A 120 -10.81 2.42 2.04
CA GLN A 120 -12.19 2.31 1.57
C GLN A 120 -12.65 0.85 1.59
N ALA A 121 -11.83 -0.02 1.01
CA ALA A 121 -12.15 -1.45 0.95
C ALA A 121 -12.58 -1.97 2.31
N LEU A 122 -11.80 -1.66 3.34
CA LEU A 122 -12.10 -2.10 4.70
C LEU A 122 -13.57 -1.84 5.03
N MET A 123 -14.07 -0.67 4.63
CA MET A 123 -15.46 -0.31 4.89
C MET A 123 -16.40 -1.11 3.99
N SER A 124 -16.22 -0.99 2.68
CA SER A 124 -17.06 -1.69 1.72
C SER A 124 -17.45 -3.06 2.25
N GLY A 125 -18.76 -3.30 2.36
CA GLY A 125 -19.23 -4.58 2.86
C GLY A 125 -20.64 -4.49 3.41
N PRO A 126 -20.73 -4.25 4.73
CA PRO A 126 -22.03 -4.14 5.42
C PRO A 126 -22.78 -2.88 5.03
N SER A 127 -23.88 -3.05 4.29
CA SER A 127 -24.69 -1.92 3.85
C SER A 127 -26.16 -2.32 3.74
N SER A 128 -27.04 -1.50 4.31
CA SER A 128 -28.46 -1.77 4.27
C SER A 128 -29.15 -0.95 3.17
N GLY A 129 -28.52 -0.90 2.01
CA GLY A 129 -29.08 -0.14 0.90
C GLY A 129 -28.93 1.36 1.09
N GLY A 1 -4.50 13.75 -11.02
CA GLY A 1 -5.80 13.17 -10.78
C GLY A 1 -5.89 11.74 -11.26
N SER A 2 -6.30 11.56 -12.52
CA SER A 2 -6.44 10.23 -13.09
C SER A 2 -7.01 9.25 -12.08
N SER A 3 -8.02 9.70 -11.34
CA SER A 3 -8.67 8.86 -10.33
C SER A 3 -9.67 7.92 -10.96
N GLY A 4 -9.29 7.32 -12.09
CA GLY A 4 -10.17 6.40 -12.78
C GLY A 4 -10.68 5.29 -11.87
N SER A 5 -9.81 4.80 -11.01
CA SER A 5 -10.18 3.73 -10.08
C SER A 5 -10.13 4.23 -8.64
N SER A 6 -11.04 3.70 -7.82
CA SER A 6 -11.11 4.09 -6.42
C SER A 6 -10.45 3.04 -5.53
N GLY A 7 -11.00 1.82 -5.55
CA GLY A 7 -10.46 0.75 -4.73
C GLY A 7 -10.83 -0.62 -5.27
N MET A 8 -12.06 -0.76 -5.73
CA MET A 8 -12.55 -2.02 -6.27
C MET A 8 -11.45 -2.74 -7.04
N VAL A 9 -10.67 -1.98 -7.80
CA VAL A 9 -9.58 -2.54 -8.59
C VAL A 9 -8.36 -1.63 -8.58
N LYS A 10 -7.31 -2.07 -7.89
CA LYS A 10 -6.08 -1.29 -7.80
C LYS A 10 -4.86 -2.18 -7.99
N GLU A 11 -3.82 -1.64 -8.61
CA GLU A 11 -2.59 -2.38 -8.86
C GLU A 11 -1.43 -1.44 -9.17
N GLY A 12 -0.21 -1.91 -8.90
CA GLY A 12 0.96 -1.10 -9.16
C GLY A 12 2.13 -1.47 -8.28
N TRP A 13 3.34 -1.16 -8.73
CA TRP A 13 4.55 -1.48 -7.98
C TRP A 13 4.68 -0.57 -6.76
N MET A 14 4.58 -1.16 -5.57
CA MET A 14 4.69 -0.40 -4.34
C MET A 14 5.85 -0.91 -3.49
N VAL A 15 6.35 -0.05 -2.60
CA VAL A 15 7.46 -0.42 -1.73
C VAL A 15 7.04 -0.40 -0.26
N HIS A 16 7.54 -1.37 0.49
CA HIS A 16 7.22 -1.48 1.92
C HIS A 16 8.34 -2.19 2.68
N TYR A 17 8.25 -2.17 4.00
CA TYR A 17 9.25 -2.80 4.85
C TYR A 17 8.66 -3.21 6.18
N THR A 18 9.23 -4.24 6.79
CA THR A 18 8.75 -4.73 8.08
C THR A 18 9.38 -3.95 9.22
N SER A 19 8.71 -3.96 10.37
CA SER A 19 9.21 -3.24 11.55
C SER A 19 10.58 -3.76 11.96
N ARG A 20 10.73 -5.08 11.98
CA ARG A 20 11.99 -5.70 12.36
C ARG A 20 13.07 -5.42 11.31
N ASP A 21 12.83 -5.91 10.10
CA ASP A 21 13.79 -5.72 9.00
C ASP A 21 13.40 -4.51 8.15
N ASN A 22 14.30 -3.54 8.05
CA ASN A 22 14.05 -2.34 7.26
C ASN A 22 14.53 -2.52 5.82
N LEU A 23 14.29 -3.70 5.27
CA LEU A 23 14.69 -3.99 3.90
C LEU A 23 13.56 -3.72 2.92
N ARG A 24 13.47 -2.47 2.46
CA ARG A 24 12.43 -2.08 1.52
C ARG A 24 12.26 -3.12 0.43
N LYS A 25 11.01 -3.40 0.06
CA LYS A 25 10.72 -4.39 -0.98
C LYS A 25 9.71 -3.83 -1.97
N ARG A 26 10.06 -3.85 -3.25
CA ARG A 26 9.18 -3.35 -4.30
C ARG A 26 8.61 -4.50 -5.13
N HIS A 27 7.29 -4.55 -5.24
CA HIS A 27 6.63 -5.61 -6.00
C HIS A 27 5.29 -5.13 -6.54
N TYR A 28 4.76 -5.84 -7.52
CA TYR A 28 3.48 -5.49 -8.12
C TYR A 28 2.33 -5.70 -7.13
N TRP A 29 2.12 -4.71 -6.26
CA TRP A 29 1.07 -4.78 -5.26
C TRP A 29 -0.30 -4.84 -5.93
N ARG A 30 -1.09 -5.85 -5.56
CA ARG A 30 -2.42 -6.02 -6.11
C ARG A 30 -3.50 -5.87 -5.04
N LEU A 31 -4.48 -5.02 -5.29
CA LEU A 31 -5.56 -4.79 -4.35
C LEU A 31 -6.92 -4.88 -5.03
N ASP A 32 -7.91 -5.39 -4.30
CA ASP A 32 -9.26 -5.52 -4.84
C ASP A 32 -10.28 -5.62 -3.72
N SER A 33 -11.56 -5.41 -4.06
CA SER A 33 -12.63 -5.48 -3.07
C SER A 33 -12.63 -6.82 -2.35
N LYS A 34 -11.90 -7.79 -2.91
CA LYS A 34 -11.82 -9.11 -2.31
C LYS A 34 -10.72 -9.17 -1.25
N CYS A 35 -9.47 -9.11 -1.68
CA CYS A 35 -8.35 -9.15 -0.77
C CYS A 35 -7.09 -8.59 -1.43
N LEU A 36 -6.10 -8.24 -0.61
CA LEU A 36 -4.84 -7.69 -1.11
C LEU A 36 -3.79 -8.78 -1.25
N THR A 37 -3.15 -8.84 -2.42
CA THR A 37 -2.12 -9.83 -2.68
C THR A 37 -0.94 -9.22 -3.41
N LEU A 38 0.25 -9.74 -3.15
CA LEU A 38 1.47 -9.24 -3.78
C LEU A 38 1.95 -10.19 -4.87
N PHE A 39 2.83 -9.71 -5.73
CA PHE A 39 3.37 -10.52 -6.82
C PHE A 39 4.88 -10.37 -6.90
N GLN A 40 5.59 -11.50 -6.76
CA GLN A 40 7.04 -11.49 -6.82
C GLN A 40 7.54 -10.56 -7.93
N ASN A 41 7.04 -10.77 -9.14
CA ASN A 41 7.44 -9.95 -10.29
C ASN A 41 6.48 -10.16 -11.45
N GLU A 42 6.69 -9.39 -12.52
CA GLU A 42 5.85 -9.48 -13.71
C GLU A 42 5.90 -10.89 -14.30
N SER A 43 7.09 -11.48 -14.29
CA SER A 43 7.29 -12.82 -14.84
C SER A 43 6.92 -13.88 -13.81
N GLY A 44 5.94 -14.71 -14.16
CA GLY A 44 5.52 -15.77 -13.25
C GLY A 44 4.59 -15.25 -12.18
N SER A 45 3.33 -15.02 -12.53
CA SER A 45 2.34 -14.52 -11.59
C SER A 45 1.94 -15.60 -10.60
N LYS A 46 2.52 -15.54 -9.40
CA LYS A 46 2.22 -16.52 -8.36
C LYS A 46 1.94 -15.82 -7.02
N TYR A 47 0.80 -16.14 -6.42
CA TYR A 47 0.42 -15.56 -5.15
C TYR A 47 1.65 -15.26 -4.30
N TYR A 48 1.65 -14.09 -3.65
CA TYR A 48 2.76 -13.69 -2.80
C TYR A 48 2.36 -13.69 -1.33
N LYS A 49 1.12 -13.29 -1.07
CA LYS A 49 0.61 -13.25 0.30
C LYS A 49 -0.88 -12.93 0.31
N GLU A 50 -1.56 -13.35 1.37
CA GLU A 50 -3.00 -13.11 1.50
C GLU A 50 -3.28 -12.13 2.63
N ILE A 51 -3.62 -10.90 2.26
CA ILE A 51 -3.92 -9.86 3.25
C ILE A 51 -5.38 -9.44 3.17
N PRO A 52 -6.23 -10.08 3.98
CA PRO A 52 -7.66 -9.77 4.02
C PRO A 52 -7.96 -8.42 4.64
N LEU A 53 -8.71 -7.60 3.93
CA LEU A 53 -9.07 -6.26 4.41
C LEU A 53 -9.31 -6.28 5.92
N SER A 54 -9.77 -7.42 6.42
CA SER A 54 -10.05 -7.57 7.85
C SER A 54 -8.78 -7.43 8.67
N GLU A 55 -7.82 -8.33 8.43
CA GLU A 55 -6.56 -8.31 9.16
C GLU A 55 -6.13 -6.88 9.47
N ILE A 56 -6.06 -6.05 8.42
CA ILE A 56 -5.66 -4.66 8.58
C ILE A 56 -6.52 -3.96 9.63
N LEU A 57 -5.97 -3.82 10.84
CA LEU A 57 -6.69 -3.17 11.93
C LEU A 57 -6.94 -1.70 11.62
N ARG A 58 -5.86 -0.93 11.51
CA ARG A 58 -5.96 0.49 11.21
C ARG A 58 -4.69 1.00 10.53
N ILE A 59 -4.78 2.19 9.94
CA ILE A 59 -3.64 2.79 9.26
C ILE A 59 -3.00 3.89 10.11
N SER A 60 -1.77 3.66 10.54
CA SER A 60 -1.06 4.63 11.35
C SER A 60 -0.71 5.87 10.55
N SER A 61 -0.01 6.81 11.18
CA SER A 61 0.39 8.05 10.52
C SER A 61 1.91 8.15 10.42
N PRO A 62 2.38 9.01 9.52
CA PRO A 62 3.82 9.23 9.30
C PRO A 62 4.47 9.95 10.48
N ARG A 63 3.69 10.21 11.51
CA ARG A 63 4.19 10.90 12.70
C ARG A 63 5.37 10.15 13.31
N ASP A 64 5.23 8.84 13.41
CA ASP A 64 6.28 7.99 13.98
C ASP A 64 7.41 7.79 12.97
N PHE A 65 8.55 8.44 13.22
CA PHE A 65 9.69 8.33 12.33
C PHE A 65 10.90 7.76 13.08
N THR A 66 10.65 6.75 13.90
CA THR A 66 11.71 6.12 14.68
C THR A 66 12.21 4.85 13.99
N ASN A 67 11.28 4.05 13.48
CA ASN A 67 11.63 2.81 12.79
C ASN A 67 12.92 2.97 11.99
N ILE A 68 13.06 4.12 11.33
CA ILE A 68 14.25 4.39 10.54
C ILE A 68 15.04 5.56 11.11
N SER A 69 16.27 5.74 10.63
CA SER A 69 17.12 6.83 11.10
C SER A 69 17.32 7.86 10.00
N GLN A 70 16.51 8.92 10.02
CA GLN A 70 16.60 9.98 9.03
C GLN A 70 16.47 9.41 7.62
N GLY A 71 15.55 8.47 7.45
CA GLY A 71 15.34 7.87 6.15
C GLY A 71 15.01 8.89 5.07
N SER A 72 15.96 9.13 4.18
CA SER A 72 15.76 10.10 3.11
C SER A 72 14.33 10.04 2.58
N ASN A 73 13.88 8.83 2.27
CA ASN A 73 12.52 8.63 1.76
C ASN A 73 11.59 8.12 2.84
N PRO A 74 10.85 9.04 3.48
CA PRO A 74 9.91 8.69 4.55
C PRO A 74 8.69 7.94 4.03
N HIS A 75 7.83 7.53 4.95
CA HIS A 75 6.62 6.78 4.59
C HIS A 75 5.38 7.64 4.81
N CYS A 76 4.34 7.39 4.02
CA CYS A 76 3.09 8.13 4.12
C CYS A 76 2.18 7.50 5.17
N PHE A 77 2.11 6.17 5.16
CA PHE A 77 1.26 5.44 6.10
C PHE A 77 1.87 4.09 6.43
N GLU A 78 1.20 3.35 7.31
CA GLU A 78 1.67 2.03 7.72
C GLU A 78 0.49 1.07 7.91
N ILE A 79 0.65 -0.15 7.42
CA ILE A 79 -0.39 -1.17 7.55
C ILE A 79 -0.16 -2.05 8.76
N ILE A 80 -0.90 -1.76 9.84
CA ILE A 80 -0.78 -2.53 11.07
C ILE A 80 -1.75 -3.72 11.08
N THR A 81 -1.22 -4.91 10.80
CA THR A 81 -2.03 -6.12 10.78
C THR A 81 -1.69 -7.03 11.96
N ASP A 82 -2.71 -7.70 12.49
CA ASP A 82 -2.52 -8.60 13.61
C ASP A 82 -1.17 -9.30 13.53
N THR A 83 -0.93 -9.99 12.42
CA THR A 83 0.33 -10.71 12.22
C THR A 83 1.52 -9.82 12.56
N MET A 84 1.64 -8.70 11.86
CA MET A 84 2.73 -7.77 12.09
C MET A 84 2.44 -6.41 11.47
N VAL A 85 3.27 -5.42 11.79
CA VAL A 85 3.09 -4.08 11.27
C VAL A 85 3.93 -3.85 10.02
N TYR A 86 3.35 -3.18 9.04
CA TYR A 86 4.05 -2.91 7.78
C TYR A 86 4.07 -1.41 7.48
N PHE A 87 5.09 -0.98 6.76
CA PHE A 87 5.23 0.43 6.40
C PHE A 87 5.32 0.60 4.88
N VAL A 88 4.36 1.35 4.33
CA VAL A 88 4.33 1.59 2.88
C VAL A 88 4.37 3.08 2.58
N GLY A 89 5.08 3.45 1.52
CA GLY A 89 5.19 4.84 1.13
C GLY A 89 6.61 5.24 0.77
N GLU A 90 6.77 5.79 -0.42
CA GLU A 90 8.09 6.21 -0.89
C GLU A 90 8.07 7.66 -1.37
N ASN A 91 8.79 8.53 -0.66
CA ASN A 91 8.84 9.94 -1.02
C ASN A 91 10.25 10.33 -1.46
N ASN A 92 10.38 10.72 -2.72
CA ASN A 92 11.67 11.12 -3.27
C ASN A 92 11.93 12.60 -3.00
N GLY A 93 10.92 13.43 -3.23
CA GLY A 93 11.06 14.85 -3.01
C GLY A 93 11.66 15.57 -4.21
N ASP A 94 12.78 15.06 -4.72
CA ASP A 94 13.45 15.65 -5.86
C ASP A 94 12.43 16.19 -6.87
N SER A 95 11.46 15.35 -7.21
CA SER A 95 10.42 15.74 -8.16
C SER A 95 9.05 15.21 -7.74
N SER A 96 8.01 15.99 -8.00
CA SER A 96 6.65 15.60 -7.64
C SER A 96 5.77 15.52 -8.88
N HIS A 97 5.61 16.65 -9.56
CA HIS A 97 4.78 16.71 -10.76
C HIS A 97 5.03 15.50 -11.65
N ASN A 98 6.30 15.13 -11.81
CA ASN A 98 6.67 13.99 -12.64
C ASN A 98 5.60 12.91 -12.57
N PRO A 99 4.70 12.90 -13.56
CA PRO A 99 3.61 11.92 -13.64
C PRO A 99 4.11 10.52 -13.96
N VAL A 100 5.38 10.43 -14.37
CA VAL A 100 5.98 9.15 -14.70
C VAL A 100 6.30 8.34 -13.45
N LEU A 101 6.95 8.98 -12.49
CA LEU A 101 7.32 8.32 -11.24
C LEU A 101 6.12 7.62 -10.62
N ALA A 102 5.04 8.38 -10.40
CA ALA A 102 3.82 7.82 -9.81
C ALA A 102 3.25 6.72 -10.70
N ALA A 103 3.22 6.97 -12.01
CA ALA A 103 2.70 5.99 -12.95
C ALA A 103 3.06 4.57 -12.54
N THR A 104 4.34 4.34 -12.29
CA THR A 104 4.82 3.03 -11.89
C THR A 104 4.53 2.76 -10.41
N GLY A 105 4.75 3.78 -9.58
CA GLY A 105 4.49 3.63 -8.16
C GLY A 105 5.59 4.26 -7.31
N VAL A 106 6.05 5.43 -7.73
CA VAL A 106 7.10 6.14 -7.00
C VAL A 106 6.69 7.57 -6.70
N GLY A 107 6.50 7.87 -5.42
CA GLY A 107 6.10 9.20 -5.01
C GLY A 107 5.03 9.18 -3.94
N LEU A 108 4.57 10.37 -3.53
CA LEU A 108 3.55 10.49 -2.50
C LEU A 108 2.16 10.34 -3.11
N ASP A 109 1.88 11.14 -4.13
CA ASP A 109 0.57 11.09 -4.80
C ASP A 109 0.13 9.65 -5.03
N VAL A 110 1.00 8.86 -5.67
CA VAL A 110 0.70 7.46 -5.95
C VAL A 110 0.24 6.74 -4.69
N ALA A 111 0.90 7.03 -3.57
CA ALA A 111 0.57 6.40 -2.30
C ALA A 111 -0.82 6.85 -1.82
N GLN A 112 -1.07 8.15 -1.88
CA GLN A 112 -2.36 8.70 -1.46
C GLN A 112 -3.51 7.83 -1.96
N SER A 113 -3.42 7.40 -3.21
CA SER A 113 -4.46 6.57 -3.81
C SER A 113 -4.58 5.23 -3.07
N TRP A 114 -3.43 4.62 -2.80
CA TRP A 114 -3.40 3.34 -2.10
C TRP A 114 -4.00 3.46 -0.71
N GLU A 115 -3.63 4.52 0.00
CA GLU A 115 -4.14 4.75 1.35
C GLU A 115 -5.67 4.85 1.35
N LYS A 116 -6.20 5.70 0.48
CA LYS A 116 -7.64 5.89 0.38
C LYS A 116 -8.34 4.59 -0.02
N ALA A 117 -7.75 3.90 -1.00
CA ALA A 117 -8.31 2.64 -1.47
C ALA A 117 -8.35 1.59 -0.35
N ILE A 118 -7.18 1.31 0.23
CA ILE A 118 -7.08 0.34 1.30
C ILE A 118 -8.02 0.70 2.46
N ARG A 119 -8.02 1.97 2.84
CA ARG A 119 -8.88 2.44 3.92
C ARG A 119 -10.35 2.27 3.58
N GLN A 120 -10.78 2.90 2.48
CA GLN A 120 -12.16 2.81 2.05
C GLN A 120 -12.62 1.36 1.98
N ALA A 121 -11.78 0.50 1.43
CA ALA A 121 -12.10 -0.92 1.29
C ALA A 121 -12.71 -1.45 2.59
N LEU A 122 -12.08 -1.12 3.71
CA LEU A 122 -12.58 -1.58 5.01
C LEU A 122 -13.99 -1.10 5.26
N MET A 123 -14.20 0.21 5.14
CA MET A 123 -15.52 0.80 5.36
C MET A 123 -16.61 -0.07 4.73
N SER A 124 -16.50 -0.29 3.42
CA SER A 124 -17.49 -1.12 2.71
C SER A 124 -17.07 -2.58 2.71
N GLY A 125 -17.93 -3.43 3.28
CA GLY A 125 -17.64 -4.85 3.33
C GLY A 125 -18.64 -5.61 4.18
N PRO A 126 -18.41 -5.62 5.50
CA PRO A 126 -19.29 -6.32 6.45
C PRO A 126 -20.64 -5.64 6.59
N SER A 127 -21.70 -6.44 6.69
CA SER A 127 -23.04 -5.92 6.82
C SER A 127 -23.77 -6.57 8.01
N SER A 128 -23.75 -7.90 8.04
CA SER A 128 -24.40 -8.64 9.10
C SER A 128 -24.24 -7.93 10.44
N GLY A 129 -25.33 -7.80 11.17
CA GLY A 129 -25.29 -7.13 12.47
C GLY A 129 -26.43 -7.56 13.38
N GLY A 1 -20.22 2.78 -5.59
CA GLY A 1 -20.22 1.56 -6.37
C GLY A 1 -18.99 1.40 -7.23
N SER A 2 -17.83 1.25 -6.58
CA SER A 2 -16.57 1.10 -7.30
C SER A 2 -16.58 -0.17 -8.14
N SER A 3 -15.64 -0.24 -9.10
CA SER A 3 -15.54 -1.40 -9.97
C SER A 3 -14.19 -1.43 -10.68
N GLY A 4 -13.76 -2.62 -11.06
CA GLY A 4 -12.48 -2.77 -11.74
C GLY A 4 -12.64 -3.08 -13.22
N SER A 5 -11.54 -3.01 -13.95
CA SER A 5 -11.57 -3.29 -15.39
C SER A 5 -10.79 -4.57 -15.71
N SER A 6 -9.55 -4.64 -15.25
CA SER A 6 -8.71 -5.81 -15.49
C SER A 6 -8.79 -6.78 -14.32
N GLY A 7 -10.01 -6.99 -13.83
CA GLY A 7 -10.20 -7.92 -12.72
C GLY A 7 -9.93 -7.26 -11.37
N MET A 8 -8.70 -6.78 -11.19
CA MET A 8 -8.32 -6.12 -9.94
C MET A 8 -8.81 -4.68 -9.90
N VAL A 9 -9.49 -4.33 -8.82
CA VAL A 9 -10.02 -2.98 -8.65
C VAL A 9 -8.90 -1.93 -8.77
N LYS A 10 -7.69 -2.32 -8.38
CA LYS A 10 -6.55 -1.42 -8.45
C LYS A 10 -5.25 -2.17 -8.13
N GLU A 11 -4.26 -2.03 -9.00
CA GLU A 11 -2.97 -2.69 -8.80
C GLU A 11 -1.83 -1.78 -9.24
N GLY A 12 -0.60 -2.23 -8.99
CA GLY A 12 0.57 -1.45 -9.36
C GLY A 12 1.77 -1.75 -8.50
N TRP A 13 2.95 -1.42 -8.99
CA TRP A 13 4.19 -1.66 -8.26
C TRP A 13 4.27 -0.77 -7.02
N MET A 14 4.58 -1.37 -5.88
CA MET A 14 4.69 -0.63 -4.63
C MET A 14 5.74 -1.27 -3.72
N VAL A 15 6.31 -0.46 -2.82
CA VAL A 15 7.32 -0.94 -1.89
C VAL A 15 6.83 -0.82 -0.45
N HIS A 16 7.30 -1.74 0.40
CA HIS A 16 6.91 -1.74 1.80
C HIS A 16 7.98 -2.41 2.67
N TYR A 17 7.92 -2.18 3.96
CA TYR A 17 8.89 -2.76 4.89
C TYR A 17 8.27 -2.94 6.28
N THR A 18 8.92 -3.75 7.11
CA THR A 18 8.44 -4.01 8.46
C THR A 18 9.15 -3.11 9.47
N SER A 19 8.85 -3.31 10.75
CA SER A 19 9.46 -2.53 11.81
C SER A 19 10.65 -3.27 12.42
N ARG A 20 10.61 -4.58 12.37
CA ARG A 20 11.69 -5.41 12.92
C ARG A 20 12.87 -5.47 11.94
N ASP A 21 12.59 -5.89 10.71
CA ASP A 21 13.63 -6.00 9.70
C ASP A 21 13.74 -4.71 8.89
N ASN A 22 12.59 -4.17 8.48
CA ASN A 22 12.55 -2.94 7.71
C ASN A 22 13.15 -3.16 6.33
N LEU A 23 12.99 -4.37 5.79
CA LEU A 23 13.52 -4.70 4.48
C LEU A 23 12.58 -4.19 3.38
N ARG A 24 13.02 -3.18 2.65
CA ARG A 24 12.22 -2.62 1.56
C ARG A 24 12.05 -3.62 0.43
N LYS A 25 10.81 -4.01 0.19
CA LYS A 25 10.51 -4.97 -0.88
C LYS A 25 9.52 -4.38 -1.88
N ARG A 26 9.87 -4.46 -3.16
CA ARG A 26 9.01 -3.94 -4.21
C ARG A 26 8.38 -5.08 -5.02
N HIS A 27 7.05 -5.07 -5.09
CA HIS A 27 6.33 -6.10 -5.82
C HIS A 27 5.04 -5.53 -6.43
N TYR A 28 4.51 -6.23 -7.43
CA TYR A 28 3.27 -5.80 -8.08
C TYR A 28 2.09 -5.90 -7.14
N TRP A 29 1.87 -4.84 -6.36
CA TRP A 29 0.76 -4.82 -5.41
C TRP A 29 -0.58 -4.80 -6.13
N ARG A 30 -1.38 -5.83 -5.90
CA ARG A 30 -2.68 -5.94 -6.54
C ARG A 30 -3.79 -5.99 -5.49
N LEU A 31 -4.79 -5.12 -5.66
CA LEU A 31 -5.91 -5.06 -4.72
C LEU A 31 -7.23 -5.32 -5.44
N ASP A 32 -8.12 -6.06 -4.78
CA ASP A 32 -9.43 -6.38 -5.36
C ASP A 32 -10.53 -6.17 -4.34
N SER A 33 -11.75 -6.58 -4.70
CA SER A 33 -12.90 -6.44 -3.82
C SER A 33 -12.92 -7.54 -2.77
N LYS A 34 -11.90 -8.40 -2.81
CA LYS A 34 -11.80 -9.50 -1.86
C LYS A 34 -10.66 -9.28 -0.87
N CYS A 35 -9.43 -9.39 -1.35
CA CYS A 35 -8.26 -9.20 -0.51
C CYS A 35 -7.06 -8.74 -1.34
N LEU A 36 -6.07 -8.18 -0.66
CA LEU A 36 -4.87 -7.70 -1.34
C LEU A 36 -3.86 -8.82 -1.55
N THR A 37 -3.09 -8.74 -2.62
CA THR A 37 -2.09 -9.76 -2.93
C THR A 37 -0.85 -9.13 -3.57
N LEU A 38 0.31 -9.72 -3.30
CA LEU A 38 1.57 -9.22 -3.85
C LEU A 38 2.16 -10.22 -4.84
N PHE A 39 2.30 -9.78 -6.09
CA PHE A 39 2.85 -10.63 -7.14
C PHE A 39 4.30 -10.26 -7.43
N GLN A 40 5.23 -11.11 -7.01
CA GLN A 40 6.64 -10.85 -7.24
C GLN A 40 6.89 -10.28 -8.64
N ASN A 41 6.19 -10.83 -9.62
CA ASN A 41 6.32 -10.37 -11.00
C ASN A 41 4.97 -9.99 -11.58
N GLU A 42 4.98 -9.29 -12.71
CA GLU A 42 3.76 -8.85 -13.37
C GLU A 42 2.79 -10.03 -13.52
N SER A 43 3.32 -11.17 -13.93
CA SER A 43 2.48 -12.36 -14.13
C SER A 43 3.15 -13.59 -13.51
N GLY A 44 2.34 -14.49 -12.98
CA GLY A 44 2.87 -15.70 -12.37
C GLY A 44 2.06 -16.13 -11.16
N SER A 45 2.22 -17.40 -10.78
CA SER A 45 1.49 -17.95 -9.63
C SER A 45 2.36 -17.92 -8.37
N LYS A 46 1.80 -18.39 -7.27
CA LYS A 46 2.52 -18.43 -6.00
C LYS A 46 2.89 -17.02 -5.55
N TYR A 47 1.91 -16.13 -5.55
CA TYR A 47 2.13 -14.75 -5.14
C TYR A 47 2.91 -14.69 -3.83
N TYR A 48 3.70 -13.63 -3.66
CA TYR A 48 4.49 -13.45 -2.46
C TYR A 48 3.68 -13.79 -1.21
N LYS A 49 2.54 -13.13 -1.05
CA LYS A 49 1.68 -13.37 0.10
C LYS A 49 0.32 -12.72 -0.10
N GLU A 50 -0.62 -13.02 0.79
CA GLU A 50 -1.97 -12.46 0.70
C GLU A 50 -2.30 -11.69 1.98
N ILE A 51 -2.96 -10.55 1.81
CA ILE A 51 -3.34 -9.72 2.95
C ILE A 51 -4.84 -9.42 2.92
N PRO A 52 -5.62 -10.19 3.70
CA PRO A 52 -7.07 -10.03 3.78
C PRO A 52 -7.46 -8.74 4.51
N LEU A 53 -8.32 -7.94 3.87
CA LEU A 53 -8.78 -6.69 4.46
C LEU A 53 -8.93 -6.82 5.97
N SER A 54 -9.41 -7.98 6.42
CA SER A 54 -9.60 -8.22 7.84
C SER A 54 -8.32 -7.98 8.61
N GLU A 55 -7.23 -8.59 8.16
CA GLU A 55 -5.94 -8.44 8.81
C GLU A 55 -5.70 -6.99 9.22
N ILE A 56 -5.77 -6.08 8.25
CA ILE A 56 -5.57 -4.66 8.51
C ILE A 56 -6.48 -4.17 9.63
N LEU A 57 -5.89 -3.58 10.66
CA LEU A 57 -6.65 -3.06 11.78
C LEU A 57 -6.91 -1.57 11.62
N ARG A 58 -5.85 -0.81 11.38
CA ARG A 58 -5.97 0.64 11.20
C ARG A 58 -4.63 1.25 10.81
N ILE A 59 -4.65 2.54 10.51
CA ILE A 59 -3.43 3.24 10.12
C ILE A 59 -2.85 4.04 11.28
N SER A 60 -1.54 4.19 11.30
CA SER A 60 -0.87 4.92 12.36
C SER A 60 0.02 6.03 11.79
N SER A 61 -0.26 7.26 12.18
CA SER A 61 0.50 8.41 11.69
C SER A 61 1.87 8.47 12.37
N PRO A 62 1.86 8.64 13.70
CA PRO A 62 3.09 8.71 14.50
C PRO A 62 3.82 7.38 14.57
N ARG A 63 4.73 7.27 15.53
CA ARG A 63 5.50 6.04 15.70
C ARG A 63 6.38 5.76 14.48
N ASP A 64 6.96 6.83 13.93
CA ASP A 64 7.81 6.69 12.75
C ASP A 64 8.45 8.03 12.38
N PHE A 65 9.73 8.17 12.68
CA PHE A 65 10.46 9.40 12.40
C PHE A 65 11.79 9.11 11.70
N THR A 66 12.50 8.11 12.22
CA THR A 66 13.79 7.73 11.64
C THR A 66 13.97 6.21 11.67
N ASN A 67 13.98 5.61 10.49
CA ASN A 67 14.14 4.16 10.37
C ASN A 67 15.52 3.81 9.82
N ILE A 68 15.90 4.48 8.73
CA ILE A 68 17.19 4.24 8.11
C ILE A 68 17.99 5.53 7.99
N SER A 69 17.38 6.64 8.40
CA SER A 69 18.04 7.94 8.34
C SER A 69 17.17 9.01 8.99
N GLN A 70 17.71 10.22 9.09
CA GLN A 70 16.99 11.34 9.70
C GLN A 70 15.65 11.55 9.01
N GLY A 71 15.68 11.87 7.72
CA GLY A 71 14.47 12.10 6.98
C GLY A 71 14.71 12.16 5.48
N SER A 72 15.27 11.10 4.93
CA SER A 72 15.56 11.03 3.49
C SER A 72 14.37 10.47 2.73
N ASN A 73 13.83 9.36 3.23
CA ASN A 73 12.68 8.72 2.59
C ASN A 73 11.61 8.35 3.62
N PRO A 74 10.75 9.32 3.94
CA PRO A 74 9.67 9.13 4.91
C PRO A 74 8.58 8.20 4.39
N HIS A 75 7.59 7.92 5.23
CA HIS A 75 6.49 7.04 4.85
C HIS A 75 5.17 7.81 4.80
N CYS A 76 4.19 7.26 4.10
CA CYS A 76 2.89 7.89 3.97
C CYS A 76 1.91 7.35 5.00
N PHE A 77 1.79 6.02 5.04
CA PHE A 77 0.89 5.37 5.99
C PHE A 77 1.46 4.05 6.48
N GLU A 78 0.98 3.59 7.62
CA GLU A 78 1.45 2.33 8.20
C GLU A 78 0.29 1.36 8.42
N ILE A 79 0.40 0.18 7.83
CA ILE A 79 -0.63 -0.84 7.96
C ILE A 79 -0.45 -1.64 9.24
N ILE A 80 -1.27 -1.34 10.24
CA ILE A 80 -1.21 -2.03 11.52
C ILE A 80 -2.04 -3.32 11.50
N THR A 81 -1.36 -4.44 11.36
CA THR A 81 -2.04 -5.74 11.32
C THR A 81 -1.67 -6.59 12.53
N ASP A 82 -2.35 -7.72 12.68
CA ASP A 82 -2.09 -8.62 13.80
C ASP A 82 -0.69 -9.20 13.72
N THR A 83 -0.35 -9.77 12.55
CA THR A 83 0.96 -10.36 12.35
C THR A 83 2.07 -9.39 12.73
N MET A 84 2.13 -8.27 12.03
CA MET A 84 3.14 -7.25 12.30
C MET A 84 2.76 -5.92 11.65
N VAL A 85 3.50 -4.87 12.00
CA VAL A 85 3.24 -3.55 11.46
C VAL A 85 4.03 -3.31 10.18
N TYR A 86 3.33 -2.97 9.10
CA TYR A 86 3.98 -2.73 7.82
C TYR A 86 3.97 -1.24 7.48
N PHE A 87 4.90 -0.84 6.62
CA PHE A 87 5.00 0.57 6.22
C PHE A 87 5.07 0.69 4.70
N VAL A 88 4.07 1.35 4.12
CA VAL A 88 4.01 1.55 2.68
C VAL A 88 3.99 3.03 2.31
N GLY A 89 4.59 3.36 1.18
CA GLY A 89 4.62 4.75 0.75
C GLY A 89 6.01 5.35 0.81
N GLU A 90 6.80 5.13 -0.23
CA GLU A 90 8.16 5.65 -0.28
C GLU A 90 8.19 7.02 -0.95
N ASN A 91 8.89 7.96 -0.32
CA ASN A 91 9.00 9.32 -0.85
C ASN A 91 10.46 9.75 -0.95
N ASN A 92 10.80 10.48 -2.01
CA ASN A 92 12.16 10.94 -2.23
C ASN A 92 12.44 12.18 -1.38
N GLY A 93 11.49 13.11 -1.35
CA GLY A 93 11.67 14.33 -0.59
C GLY A 93 10.74 15.44 -1.04
N ASP A 94 11.29 16.42 -1.74
CA ASP A 94 10.51 17.54 -2.24
C ASP A 94 10.06 17.30 -3.67
N SER A 95 8.77 17.04 -3.85
CA SER A 95 8.21 16.79 -5.17
C SER A 95 6.72 17.12 -5.20
N SER A 96 6.37 18.19 -5.89
CA SER A 96 4.98 18.62 -6.00
C SER A 96 4.16 17.58 -6.75
N HIS A 97 4.61 17.23 -7.94
CA HIS A 97 3.92 16.25 -8.78
C HIS A 97 4.72 15.92 -10.02
N ASN A 98 4.80 14.64 -10.35
CA ASN A 98 5.54 14.19 -11.53
C ASN A 98 5.14 12.77 -11.92
N PRO A 99 4.39 12.66 -13.03
CA PRO A 99 3.92 11.36 -13.54
C PRO A 99 5.06 10.52 -14.11
N VAL A 100 6.28 11.05 -14.03
CA VAL A 100 7.45 10.34 -14.54
C VAL A 100 7.88 9.24 -13.58
N LEU A 101 7.93 9.57 -12.30
CA LEU A 101 8.33 8.61 -11.28
C LEU A 101 7.15 7.74 -10.86
N ALA A 102 6.09 8.38 -10.38
CA ALA A 102 4.89 7.67 -9.94
C ALA A 102 4.60 6.48 -10.86
N ALA A 103 4.80 6.67 -12.16
CA ALA A 103 4.57 5.61 -13.14
C ALA A 103 5.01 4.26 -12.60
N THR A 104 6.26 4.18 -12.16
CA THR A 104 6.81 2.95 -11.62
C THR A 104 6.32 2.70 -10.19
N GLY A 105 5.82 3.76 -9.56
CA GLY A 105 5.33 3.64 -8.19
C GLY A 105 6.27 4.25 -7.18
N VAL A 106 6.83 5.41 -7.52
CA VAL A 106 7.76 6.10 -6.62
C VAL A 106 7.29 7.52 -6.35
N GLY A 107 6.83 7.76 -5.12
CA GLY A 107 6.35 9.09 -4.74
C GLY A 107 5.25 9.04 -3.72
N LEU A 108 4.93 10.18 -3.13
CA LEU A 108 3.88 10.27 -2.12
C LEU A 108 2.51 10.40 -2.78
N ASP A 109 2.42 11.23 -3.80
CA ASP A 109 1.16 11.43 -4.52
C ASP A 109 0.51 10.10 -4.84
N VAL A 110 1.26 9.20 -5.47
CA VAL A 110 0.75 7.88 -5.84
C VAL A 110 0.29 7.11 -4.61
N ALA A 111 1.08 7.18 -3.53
CA ALA A 111 0.75 6.50 -2.29
C ALA A 111 -0.58 6.97 -1.74
N GLN A 112 -0.74 8.28 -1.61
CA GLN A 112 -1.98 8.86 -1.09
C GLN A 112 -3.20 8.10 -1.62
N SER A 113 -3.18 7.81 -2.92
CA SER A 113 -4.28 7.09 -3.56
C SER A 113 -4.48 5.73 -2.92
N TRP A 114 -3.43 4.92 -2.94
CA TRP A 114 -3.49 3.57 -2.36
C TRP A 114 -4.01 3.62 -0.92
N GLU A 115 -3.48 4.54 -0.13
CA GLU A 115 -3.90 4.68 1.26
C GLU A 115 -5.42 4.85 1.35
N LYS A 116 -5.96 5.73 0.51
CA LYS A 116 -7.40 5.99 0.50
C LYS A 116 -8.17 4.72 0.13
N ALA A 117 -7.72 4.03 -0.91
CA ALA A 117 -8.38 2.81 -1.36
C ALA A 117 -8.34 1.74 -0.27
N ILE A 118 -7.14 1.28 0.06
CA ILE A 118 -6.97 0.26 1.09
C ILE A 118 -7.82 0.56 2.32
N ARG A 119 -7.90 1.84 2.68
CA ARG A 119 -8.68 2.26 3.82
C ARG A 119 -10.18 2.15 3.54
N GLN A 120 -10.59 2.61 2.36
CA GLN A 120 -11.99 2.55 1.96
C GLN A 120 -12.49 1.10 1.93
N ALA A 121 -11.75 0.25 1.22
CA ALA A 121 -12.12 -1.16 1.11
C ALA A 121 -12.67 -1.69 2.43
N LEU A 122 -11.96 -1.40 3.52
CA LEU A 122 -12.37 -1.86 4.84
C LEU A 122 -13.84 -1.54 5.09
N MET A 123 -14.23 -0.29 4.80
CA MET A 123 -15.61 0.13 5.00
C MET A 123 -16.57 -0.79 4.26
N SER A 124 -16.42 -0.86 2.94
CA SER A 124 -17.29 -1.70 2.12
C SER A 124 -16.54 -2.95 1.66
N GLY A 125 -16.78 -4.06 2.35
CA GLY A 125 -16.13 -5.31 2.00
C GLY A 125 -17.07 -6.28 1.30
N PRO A 126 -17.67 -7.19 2.07
CA PRO A 126 -18.60 -8.18 1.54
C PRO A 126 -19.92 -7.56 1.08
N SER A 127 -20.02 -6.25 1.20
CA SER A 127 -21.23 -5.54 0.80
C SER A 127 -21.87 -6.19 -0.42
N SER A 128 -23.19 -6.34 -0.38
CA SER A 128 -23.92 -6.95 -1.48
C SER A 128 -25.38 -6.52 -1.47
N GLY A 129 -25.82 -5.91 -2.57
CA GLY A 129 -27.19 -5.46 -2.67
C GLY A 129 -27.43 -4.59 -3.89
#